data_9V5S
#
_entry.id   9V5S
#
_cell.length_a   64.382
_cell.length_b   106.733
_cell.length_c   257.591
_cell.angle_alpha   90.00
_cell.angle_beta   90.00
_cell.angle_gamma   90.00
#
_symmetry.space_group_name_H-M   'P 21 21 21'
#
loop_
_entity.id
_entity.type
_entity.pdbx_description
1 polymer 'Elongation factor Tu'
2 non-polymer "GUANOSINE-5'-DIPHOSPHATE"
3 non-polymer 'MAGNESIUM ION'
4 water water
#
_entity_poly.entity_id   1
_entity_poly.type   'polypeptide(L)'
_entity_poly.pdbx_seq_one_letter_code
;MAREKFDRSKPHVNVGTIGHIDHGKTTLTAAICTVLAKEGKSAATRYDQIDKAPEEKARGITINSAHVEYSSDKRHYAHV
DCPGHADYIKNMITGAAQMDGAILVVSATDSVMPQTREHILLARQVGVPRMVVFLNKCDIATDEEVQELVAEEVRDLLTS
YGFDGKNTPIIYGSALKALEGDPKWEAKIHDLMNAVDEWIPTPEREVDKPFLLAIEDTMTITGRGTVVTGRVERGELKVG
QEIEIVGLRPIRKAVVTGIEMFKKELDSAMAGDNAGVLLRGVDRKEVERGQVLAKPGSIKPHKKFKAEIYALKKEEGGRH
TGFLNGYRPQFYFRTTDVTGSISLPENTEMVLPGDNTSITVELIAPIACEKGSKFSIREGGRTVGAGSVTEVLE
;
_entity_poly.pdbx_strand_id   A,B,C,D
#
loop_
_chem_comp.id
_chem_comp.type
_chem_comp.name
_chem_comp.formula
GDP RNA linking GUANOSINE-5'-DIPHOSPHATE 'C10 H15 N5 O11 P2'
MG non-polymer 'MAGNESIUM ION' 'Mg 2'
#
# COMPACT_ATOMS: atom_id res chain seq x y z
N PRO A 11 -16.46 41.13 0.17
CA PRO A 11 -15.34 40.23 -0.11
C PRO A 11 -14.19 40.41 0.89
N HIS A 12 -14.03 39.46 1.80
CA HIS A 12 -13.01 39.57 2.84
C HIS A 12 -11.73 38.88 2.42
N VAL A 13 -10.67 39.16 3.19
CA VAL A 13 -9.35 38.59 2.97
C VAL A 13 -9.14 37.46 3.97
N ASN A 14 -8.67 36.32 3.49
CA ASN A 14 -8.42 35.15 4.33
C ASN A 14 -6.98 35.20 4.83
N VAL A 15 -6.81 35.19 6.15
CA VAL A 15 -5.50 35.13 6.79
C VAL A 15 -5.52 34.06 7.86
N GLY A 16 -4.35 33.80 8.43
CA GLY A 16 -4.22 32.81 9.49
C GLY A 16 -2.92 32.93 10.21
N THR A 17 -2.92 32.47 11.47
CA THR A 17 -1.72 32.47 12.31
C THR A 17 -1.02 31.13 12.18
N ILE A 18 0.18 31.15 11.63
CA ILE A 18 1.01 29.96 11.52
C ILE A 18 2.24 30.13 12.40
N GLY A 19 2.85 29.02 12.73
CA GLY A 19 4.08 29.03 13.51
C GLY A 19 4.17 27.82 14.42
N HIS A 20 5.31 27.75 15.12
CA HIS A 20 5.59 26.65 16.01
C HIS A 20 4.65 26.65 17.21
N ILE A 21 4.49 25.47 17.80
CA ILE A 21 3.57 25.31 18.92
C ILE A 21 4.06 26.12 20.11
N ASP A 22 3.11 26.75 20.82
CA ASP A 22 3.32 27.57 22.01
C ASP A 22 4.06 28.86 21.73
N HIS A 23 4.27 29.22 20.46
CA HIS A 23 4.91 30.49 20.15
C HIS A 23 3.95 31.67 20.23
N GLY A 24 2.65 31.43 20.32
CA GLY A 24 1.71 32.49 20.63
C GLY A 24 0.69 32.83 19.55
N LYS A 25 0.33 31.85 18.72
CA LYS A 25 -0.62 32.12 17.65
C LYS A 25 -2.00 32.45 18.21
N THR A 26 -2.50 31.62 19.12
CA THR A 26 -3.83 31.84 19.67
C THR A 26 -3.89 33.10 20.52
N THR A 27 -2.83 33.36 21.29
CA THR A 27 -2.76 34.60 22.06
C THR A 27 -2.79 35.82 21.15
N LEU A 28 -2.08 35.74 20.02
CA LEU A 28 -2.10 36.85 19.08
C LEU A 28 -3.47 37.01 18.43
N THR A 29 -4.13 35.88 18.11
CA THR A 29 -5.46 35.95 17.52
C THR A 29 -6.44 36.65 18.47
N ALA A 30 -6.41 36.28 19.75
CA ALA A 30 -7.26 36.93 20.74
C ALA A 30 -6.87 38.39 20.93
N ALA A 31 -5.56 38.70 20.84
CA ALA A 31 -5.12 40.07 21.00
C ALA A 31 -5.64 40.96 19.88
N ILE A 32 -5.63 40.46 18.63
CA ILE A 32 -6.16 41.22 17.52
C ILE A 32 -7.65 41.51 17.72
N CYS A 33 -8.42 40.47 18.06
CA CYS A 33 -9.85 40.64 18.24
C CYS A 33 -10.16 41.57 19.40
N THR A 34 -9.38 41.49 20.48
CA THR A 34 -9.63 42.31 21.65
C THR A 34 -9.33 43.78 21.37
N VAL A 35 -8.16 44.06 20.78
CA VAL A 35 -7.79 45.43 20.47
C VAL A 35 -8.76 46.04 19.47
N LEU A 36 -9.15 45.26 18.45
CA LEU A 36 -10.05 45.79 17.43
C LEU A 36 -11.47 45.94 17.93
N ALA A 37 -11.88 45.11 18.88
CA ALA A 37 -13.24 45.22 19.42
C ALA A 37 -13.45 46.52 20.18
N LYS A 38 -12.37 47.12 20.69
CA LYS A 38 -12.48 48.40 21.39
C LYS A 38 -12.94 49.50 20.45
N GLU A 39 -12.67 49.37 19.16
CA GLU A 39 -13.16 50.29 18.15
C GLU A 39 -14.37 49.76 17.39
N GLY A 40 -15.00 48.70 17.91
CA GLY A 40 -16.16 48.14 17.24
C GLY A 40 -15.87 47.51 15.90
N LYS A 41 -14.68 46.94 15.72
CA LYS A 41 -14.30 46.31 14.47
C LYS A 41 -14.21 44.79 14.58
N SER A 42 -14.64 44.21 15.70
CA SER A 42 -14.62 42.77 15.90
C SER A 42 -15.42 42.44 17.13
N ALA A 43 -15.75 41.16 17.29
CA ALA A 43 -16.34 40.67 18.52
C ALA A 43 -15.26 40.39 19.55
N ALA A 44 -15.67 40.44 20.81
CA ALA A 44 -14.74 40.20 21.93
C ALA A 44 -14.51 38.71 22.07
N THR A 45 -13.61 38.19 21.23
CA THR A 45 -13.25 36.78 21.24
C THR A 45 -12.15 36.55 22.27
N ARG A 46 -12.40 35.61 23.18
CA ARG A 46 -11.46 35.33 24.26
C ARG A 46 -10.51 34.20 23.86
N TYR A 47 -9.34 34.18 24.52
CA TYR A 47 -8.34 33.16 24.25
C TYR A 47 -8.88 31.76 24.45
N ASP A 48 -9.66 31.56 25.52
CA ASP A 48 -10.14 30.22 25.84
C ASP A 48 -11.18 29.71 24.85
N GLN A 49 -11.91 30.61 24.18
CA GLN A 49 -12.79 30.16 23.10
C GLN A 49 -11.99 29.66 21.91
N ILE A 50 -10.81 30.23 21.68
CA ILE A 50 -9.98 29.84 20.54
C ILE A 50 -9.03 28.70 20.88
N ASP A 51 -8.52 28.65 22.12
CA ASP A 51 -7.59 27.59 22.49
C ASP A 51 -8.28 26.23 22.47
N LYS A 52 -9.58 26.19 22.75
CA LYS A 52 -10.36 24.97 22.56
C LYS A 52 -10.11 24.43 21.17
N ALA A 53 -10.02 23.10 21.05
CA ALA A 53 -9.83 22.48 19.76
C ALA A 53 -11.20 22.21 19.14
N PRO A 54 -11.68 23.08 18.24
CA PRO A 54 -13.03 22.89 17.70
C PRO A 54 -13.00 21.99 16.47
N GLU A 55 -13.34 20.72 16.65
CA GLU A 55 -13.29 19.76 15.56
C GLU A 55 -14.18 20.21 14.41
N GLU A 56 -13.67 20.07 13.19
CA GLU A 56 -14.43 20.34 11.97
C GLU A 56 -14.16 19.22 10.99
N LYS A 57 -14.95 19.19 9.92
CA LYS A 57 -14.88 18.11 8.93
C LYS A 57 -14.86 18.74 7.54
N ALA A 58 -13.83 18.39 6.77
CA ALA A 58 -13.68 18.88 5.40
C ALA A 58 -13.30 17.68 4.52
N ARG A 59 -14.31 17.04 3.93
CA ARG A 59 -14.13 15.90 3.03
C ARG A 59 -13.30 14.79 3.66
N GLY A 60 -13.83 14.20 4.73
CA GLY A 60 -13.21 13.04 5.34
C GLY A 60 -12.12 13.34 6.35
N ILE A 61 -11.44 14.48 6.19
CA ILE A 61 -10.35 14.86 7.09
C ILE A 61 -10.93 15.67 8.25
N THR A 62 -10.73 15.21 9.47
CA THR A 62 -11.13 15.95 10.66
C THR A 62 -9.98 16.83 11.10
N ILE A 63 -10.27 18.12 11.32
CA ILE A 63 -9.29 19.10 11.73
C ILE A 63 -9.83 19.87 12.91
N ASN A 64 -8.97 20.12 13.91
CA ASN A 64 -9.28 21.10 14.94
C ASN A 64 -8.85 22.47 14.43
N SER A 65 -9.80 23.39 14.35
CA SER A 65 -9.53 24.68 13.71
C SER A 65 -10.53 25.71 14.20
N ALA A 66 -10.03 26.89 14.56
CA ALA A 66 -10.87 28.01 14.97
C ALA A 66 -10.91 29.06 13.87
N HIS A 67 -12.03 29.76 13.79
CA HIS A 67 -12.26 30.79 12.78
C HIS A 67 -12.87 32.01 13.44
N VAL A 68 -12.20 33.16 13.32
CA VAL A 68 -12.70 34.41 13.84
C VAL A 68 -12.78 35.40 12.68
N GLU A 69 -13.48 36.51 12.93
CA GLU A 69 -13.64 37.57 11.94
C GLU A 69 -13.36 38.91 12.58
N TYR A 70 -12.74 39.79 11.80
CA TYR A 70 -12.51 41.17 12.21
C TYR A 70 -12.24 41.99 10.96
N SER A 71 -12.30 43.32 11.13
CA SER A 71 -12.03 44.23 10.03
C SER A 71 -11.05 45.30 10.48
N SER A 72 -10.27 45.79 9.51
CA SER A 72 -9.35 46.89 9.75
C SER A 72 -10.00 48.18 9.27
N ASP A 73 -9.20 49.25 9.19
CA ASP A 73 -9.70 50.48 8.59
C ASP A 73 -9.87 50.36 7.08
N LYS A 74 -9.38 49.28 6.48
CA LYS A 74 -9.40 49.12 5.03
C LYS A 74 -10.15 47.89 4.55
N ARG A 75 -10.07 46.76 5.27
CA ARG A 75 -10.61 45.51 4.77
C ARG A 75 -11.20 44.71 5.93
N HIS A 76 -12.09 43.78 5.56
CA HIS A 76 -12.62 42.79 6.48
C HIS A 76 -11.83 41.49 6.32
N TYR A 77 -11.62 40.79 7.42
CA TYR A 77 -10.71 39.65 7.45
C TYR A 77 -11.40 38.42 8.01
N ALA A 78 -11.06 37.26 7.44
CA ALA A 78 -11.39 35.96 8.01
C ALA A 78 -10.09 35.31 8.46
N HIS A 79 -10.02 34.94 9.74
CA HIS A 79 -8.78 34.52 10.37
C HIS A 79 -8.92 33.09 10.86
N VAL A 80 -7.98 32.23 10.48
CA VAL A 80 -7.97 30.83 10.90
C VAL A 80 -6.82 30.62 11.88
N ASP A 81 -7.07 29.83 12.91
CA ASP A 81 -6.06 29.48 13.90
C ASP A 81 -6.30 28.05 14.35
N CYS A 82 -5.22 27.29 14.53
CA CYS A 82 -5.34 25.87 14.79
C CYS A 82 -4.53 25.47 16.01
N PRO A 83 -5.00 24.47 16.76
CA PRO A 83 -4.25 24.00 17.94
C PRO A 83 -2.92 23.35 17.60
N GLY A 84 -2.95 22.28 16.82
CA GLY A 84 -1.79 21.44 16.60
C GLY A 84 -1.13 21.64 15.25
N HIS A 85 0.17 21.31 15.20
CA HIS A 85 0.91 21.30 13.95
C HIS A 85 0.22 20.43 12.91
N ALA A 86 -0.29 19.27 13.33
CA ALA A 86 -0.99 18.38 12.42
C ALA A 86 -2.23 19.04 11.81
N ASP A 87 -2.89 19.92 12.56
CA ASP A 87 -4.04 20.62 12.03
C ASP A 87 -3.64 21.59 10.93
N TYR A 88 -2.48 22.24 11.08
CA TYR A 88 -2.01 23.16 10.05
C TYR A 88 -1.64 22.41 8.78
N ILE A 89 -1.00 21.24 8.92
CA ILE A 89 -0.66 20.42 7.76
C ILE A 89 -1.93 20.00 7.03
N LYS A 90 -2.91 19.48 7.77
CA LYS A 90 -4.15 19.04 7.17
C LYS A 90 -4.90 20.20 6.53
N ASN A 91 -4.94 21.35 7.21
CA ASN A 91 -5.72 22.48 6.71
C ASN A 91 -5.14 23.02 5.40
N MET A 92 -3.82 23.07 5.29
CA MET A 92 -3.19 23.70 4.14
C MET A 92 -3.14 22.77 2.93
N ILE A 93 -2.99 21.47 3.16
CA ILE A 93 -2.94 20.53 2.05
C ILE A 93 -4.31 20.37 1.41
N THR A 94 -5.35 20.21 2.23
CA THR A 94 -6.70 20.03 1.69
C THR A 94 -7.25 21.28 1.05
N GLY A 95 -6.73 22.45 1.38
CA GLY A 95 -7.34 23.69 0.94
C GLY A 95 -8.46 24.18 1.82
N ALA A 96 -8.74 23.51 2.94
CA ALA A 96 -9.79 23.97 3.84
C ALA A 96 -9.47 25.33 4.44
N ALA A 97 -8.19 25.71 4.48
CA ALA A 97 -7.85 27.03 4.99
C ALA A 97 -7.92 28.09 3.91
N GLN A 98 -7.10 27.95 2.87
CA GLN A 98 -6.96 28.93 1.79
C GLN A 98 -6.61 30.30 2.37
N MET A 99 -5.32 30.62 2.38
CA MET A 99 -4.83 31.86 2.97
C MET A 99 -4.35 32.79 1.86
N ASP A 100 -4.98 33.96 1.75
CA ASP A 100 -4.44 35.02 0.90
C ASP A 100 -3.15 35.59 1.46
N GLY A 101 -2.92 35.42 2.75
CA GLY A 101 -1.70 35.85 3.43
C GLY A 101 -1.61 35.18 4.78
N ALA A 102 -0.40 34.94 5.29
CA ALA A 102 -0.21 34.28 6.57
C ALA A 102 0.46 35.22 7.55
N ILE A 103 0.07 35.13 8.82
CA ILE A 103 0.73 35.84 9.91
C ILE A 103 1.63 34.84 10.60
N LEU A 104 2.93 34.96 10.39
CA LEU A 104 3.90 34.04 10.97
C LEU A 104 4.29 34.53 12.36
N VAL A 105 3.92 33.75 13.38
CA VAL A 105 4.27 34.06 14.75
C VAL A 105 5.55 33.30 15.10
N VAL A 106 6.55 34.03 15.59
CA VAL A 106 7.83 33.46 15.99
C VAL A 106 8.19 34.04 17.34
N SER A 107 8.39 33.17 18.32
CA SER A 107 8.75 33.63 19.66
C SER A 107 10.20 34.12 19.68
N ALA A 108 10.40 35.34 20.17
CA ALA A 108 11.75 35.87 20.31
C ALA A 108 12.58 35.08 21.31
N THR A 109 11.94 34.36 22.23
CA THR A 109 12.65 33.55 23.21
C THR A 109 13.09 32.20 22.65
N ASP A 110 12.50 31.76 21.53
CA ASP A 110 12.85 30.50 20.92
C ASP A 110 13.46 30.61 19.53
N SER A 111 13.29 31.75 18.86
CA SER A 111 13.69 31.92 17.46
C SER A 111 13.01 30.87 16.58
N VAL A 112 13.51 30.67 15.36
CA VAL A 112 12.86 29.76 14.43
C VAL A 112 12.94 28.33 14.95
N MET A 113 11.82 27.61 14.87
CA MET A 113 11.73 26.24 15.36
C MET A 113 11.28 25.34 14.21
N PRO A 114 11.38 24.00 14.34
CA PRO A 114 11.08 23.13 13.18
C PRO A 114 9.73 23.36 12.53
N GLN A 115 8.68 23.60 13.32
CA GLN A 115 7.36 23.82 12.72
C GLN A 115 7.27 25.19 12.04
N THR A 116 8.10 26.15 12.44
CA THR A 116 8.15 27.42 11.71
C THR A 116 8.62 27.20 10.28
N ARG A 117 9.65 26.36 10.09
CA ARG A 117 10.14 26.08 8.75
C ARG A 117 9.11 25.29 7.95
N GLU A 118 8.47 24.31 8.58
CA GLU A 118 7.54 23.45 7.84
C GLU A 118 6.32 24.23 7.36
N HIS A 119 5.81 25.15 8.18
CA HIS A 119 4.66 25.96 7.77
C HIS A 119 5.01 26.87 6.61
N ILE A 120 6.24 27.42 6.61
CA ILE A 120 6.66 28.29 5.52
C ILE A 120 6.82 27.49 4.23
N LEU A 121 7.39 26.28 4.33
CA LEU A 121 7.52 25.43 3.16
C LEU A 121 6.15 25.04 2.61
N LEU A 122 5.25 24.58 3.49
CA LEU A 122 3.90 24.24 3.05
C LEU A 122 3.21 25.44 2.43
N ALA A 123 3.42 26.64 2.99
CA ALA A 123 2.80 27.84 2.44
C ALA A 123 3.28 28.11 1.02
N ARG A 124 4.57 27.89 0.77
CA ARG A 124 5.10 28.04 -0.58
C ARG A 124 4.50 26.99 -1.52
N GLN A 125 4.30 25.76 -1.03
CA GLN A 125 3.82 24.69 -1.88
C GLN A 125 2.34 24.85 -2.22
N VAL A 126 1.54 25.42 -1.32
CA VAL A 126 0.11 25.58 -1.58
C VAL A 126 -0.15 27.01 -2.05
N GLY A 127 0.92 27.74 -2.35
CA GLY A 127 0.81 29.00 -3.04
C GLY A 127 0.37 30.20 -2.21
N VAL A 128 0.64 30.20 -0.91
CA VAL A 128 0.35 31.37 -0.09
C VAL A 128 1.19 32.52 -0.59
N PRO A 129 0.59 33.64 -1.02
CA PRO A 129 1.39 34.66 -1.73
C PRO A 129 2.43 35.34 -0.84
N ARG A 130 2.02 35.89 0.30
CA ARG A 130 2.91 36.69 1.12
C ARG A 130 2.70 36.37 2.59
N MET A 131 3.58 36.93 3.42
CA MET A 131 3.57 36.68 4.85
C MET A 131 3.91 37.96 5.58
N VAL A 132 3.35 38.09 6.78
CA VAL A 132 3.72 39.13 7.73
C VAL A 132 4.12 38.44 9.03
N VAL A 133 5.22 38.90 9.63
CA VAL A 133 5.81 38.23 10.78
C VAL A 133 5.50 39.02 12.03
N PHE A 134 5.06 38.32 13.08
CA PHE A 134 4.91 38.89 14.41
C PHE A 134 5.93 38.22 15.31
N LEU A 135 6.99 38.96 15.64
CA LEU A 135 8.04 38.47 16.53
C LEU A 135 7.54 38.63 17.96
N ASN A 136 7.06 37.54 18.54
CA ASN A 136 6.29 37.58 19.78
C ASN A 136 7.19 37.40 21.00
N LYS A 137 6.58 37.56 22.18
CA LYS A 137 7.23 37.40 23.48
C LYS A 137 8.37 38.38 23.69
N CYS A 138 8.34 39.53 23.01
CA CYS A 138 9.35 40.54 23.24
C CYS A 138 9.26 41.16 24.62
N ASP A 139 8.15 40.93 25.34
CA ASP A 139 8.09 41.31 26.74
C ASP A 139 8.99 40.43 27.61
N ILE A 140 9.38 39.26 27.11
CA ILE A 140 10.30 38.38 27.81
C ILE A 140 11.71 38.63 27.30
N ALA A 141 11.92 38.41 25.99
CA ALA A 141 13.21 38.67 25.35
C ALA A 141 13.29 40.17 25.05
N THR A 142 13.67 40.93 26.08
CA THR A 142 13.72 42.38 25.97
C THR A 142 15.01 42.90 25.37
N ASP A 143 16.04 42.05 25.23
CA ASP A 143 17.32 42.48 24.68
C ASP A 143 17.17 42.65 23.16
N GLU A 144 17.48 43.86 22.67
CA GLU A 144 17.27 44.15 21.26
C GLU A 144 18.20 43.35 20.37
N GLU A 145 19.43 43.08 20.82
CA GLU A 145 20.35 42.28 20.01
C GLU A 145 19.83 40.86 19.83
N VAL A 146 19.12 40.32 20.83
CA VAL A 146 18.49 39.02 20.67
C VAL A 146 17.36 39.11 19.64
N GLN A 147 16.55 40.16 19.72
CA GLN A 147 15.42 40.31 18.80
C GLN A 147 15.88 40.41 17.36
N GLU A 148 16.94 41.18 17.11
CA GLU A 148 17.42 41.36 15.75
C GLU A 148 17.98 40.07 15.18
N LEU A 149 18.65 39.27 16.01
CA LEU A 149 19.19 38.00 15.54
C LEU A 149 18.08 37.05 15.10
N VAL A 150 16.98 37.02 15.86
CA VAL A 150 15.84 36.20 15.46
C VAL A 150 15.21 36.75 14.18
N ALA A 151 15.04 38.08 14.12
CA ALA A 151 14.42 38.69 12.94
C ALA A 151 15.25 38.41 11.69
N GLU A 152 16.58 38.50 11.79
CA GLU A 152 17.41 38.22 10.63
C GLU A 152 17.36 36.75 10.24
N GLU A 153 17.18 35.85 11.22
CA GLU A 153 17.01 34.44 10.89
C GLU A 153 15.69 34.20 10.18
N VAL A 154 14.62 34.85 10.62
CA VAL A 154 13.33 34.72 9.96
C VAL A 154 13.42 35.24 8.53
N ARG A 155 14.14 36.34 8.32
CA ARG A 155 14.26 36.90 6.98
C ARG A 155 15.02 35.96 6.05
N ASP A 156 16.11 35.37 6.54
CA ASP A 156 16.84 34.38 5.73
C ASP A 156 15.96 33.18 5.41
N LEU A 157 15.18 32.73 6.39
CA LEU A 157 14.30 31.59 6.16
C LEU A 157 13.25 31.91 5.09
N LEU A 158 12.66 33.10 5.15
CA LEU A 158 11.67 33.49 4.16
C LEU A 158 12.28 33.57 2.77
N THR A 159 13.48 34.15 2.67
CA THR A 159 14.15 34.26 1.37
C THR A 159 14.50 32.89 0.81
N SER A 160 15.01 32.00 1.65
CA SER A 160 15.41 30.67 1.19
C SER A 160 14.24 29.86 0.66
N TYR A 161 13.01 30.21 1.03
CA TYR A 161 11.81 29.54 0.55
C TYR A 161 11.05 30.38 -0.47
N GLY A 162 11.69 31.37 -1.07
CA GLY A 162 11.11 32.13 -2.15
C GLY A 162 10.33 33.36 -1.76
N PHE A 163 10.22 33.65 -0.46
CA PHE A 163 9.51 34.85 -0.02
C PHE A 163 10.47 36.03 0.03
N ASP A 164 9.88 37.23 0.07
CA ASP A 164 10.66 38.47 0.09
C ASP A 164 11.07 38.76 1.53
N GLY A 165 12.17 38.12 1.94
CA GLY A 165 12.66 38.30 3.29
C GLY A 165 13.13 39.71 3.59
N LYS A 166 13.60 40.43 2.56
CA LYS A 166 14.10 41.78 2.79
C LYS A 166 12.97 42.75 3.11
N ASN A 167 11.82 42.60 2.46
CA ASN A 167 10.73 43.57 2.58
C ASN A 167 9.52 43.02 3.33
N THR A 168 9.60 41.82 3.88
CA THR A 168 8.49 41.30 4.67
C THR A 168 8.39 42.09 5.97
N PRO A 169 7.21 42.64 6.29
CA PRO A 169 7.07 43.36 7.56
C PRO A 169 7.21 42.43 8.76
N ILE A 170 8.01 42.86 9.73
CA ILE A 170 8.20 42.13 10.98
C ILE A 170 7.93 43.09 12.13
N ILE A 171 6.97 42.76 12.97
CA ILE A 171 6.56 43.59 14.09
C ILE A 171 7.07 42.98 15.38
N TYR A 172 7.71 43.80 16.22
CA TYR A 172 8.26 43.36 17.49
C TYR A 172 7.23 43.68 18.57
N GLY A 173 6.53 42.67 19.06
CA GLY A 173 5.48 42.92 20.04
C GLY A 173 5.29 41.84 21.08
N SER A 174 4.21 41.96 21.85
CA SER A 174 3.85 40.98 22.87
C SER A 174 2.35 40.73 22.77
N ALA A 175 1.98 39.55 22.27
CA ALA A 175 0.57 39.20 22.19
C ALA A 175 -0.07 39.13 23.57
N LEU A 176 0.71 38.76 24.59
CA LEU A 176 0.17 38.64 25.94
C LEU A 176 -0.16 40.00 26.53
N LYS A 177 0.80 40.93 26.50
CA LYS A 177 0.57 42.23 27.11
C LYS A 177 -0.44 43.05 26.33
N ALA A 178 -0.59 42.79 25.03
CA ALA A 178 -1.65 43.44 24.26
C ALA A 178 -3.02 42.96 24.73
N LEU A 179 -3.14 41.69 25.08
CA LEU A 179 -4.38 41.18 25.65
C LEU A 179 -4.68 41.82 26.99
N GLU A 180 -3.65 42.24 27.72
CA GLU A 180 -3.81 42.80 29.05
C GLU A 180 -4.25 44.26 29.04
N GLY A 181 -4.22 44.92 27.88
CA GLY A 181 -4.64 46.31 27.77
C GLY A 181 -3.53 47.33 27.86
N ASP A 182 -2.27 46.90 27.96
CA ASP A 182 -1.13 47.80 27.95
C ASP A 182 -1.05 48.48 26.59
N PRO A 183 -1.25 49.80 26.52
CA PRO A 183 -1.32 50.46 25.22
C PRO A 183 0.00 50.48 24.45
N LYS A 184 1.14 50.41 25.13
CA LYS A 184 2.41 50.35 24.43
C LYS A 184 2.51 49.10 23.56
N TRP A 185 1.99 47.99 24.06
CA TRP A 185 1.97 46.75 23.30
C TRP A 185 0.74 46.63 22.41
N GLU A 186 -0.36 47.30 22.78
CA GLU A 186 -1.51 47.37 21.89
C GLU A 186 -1.15 48.05 20.57
N ALA A 187 -0.20 48.99 20.60
CA ALA A 187 0.20 49.70 19.39
C ALA A 187 0.83 48.76 18.38
N LYS A 188 1.52 47.72 18.84
CA LYS A 188 2.07 46.73 17.92
C LYS A 188 0.99 45.95 17.21
N ILE A 189 -0.16 45.73 17.87
CA ILE A 189 -1.29 45.09 17.19
C ILE A 189 -1.82 45.99 16.09
N HIS A 190 -1.89 47.30 16.34
CA HIS A 190 -2.22 48.24 15.28
C HIS A 190 -1.18 48.21 14.18
N ASP A 191 0.10 48.17 14.55
CA ASP A 191 1.16 48.10 13.55
C ASP A 191 1.03 46.85 12.69
N LEU A 192 0.70 45.71 13.31
CA LEU A 192 0.53 44.48 12.56
C LEU A 192 -0.66 44.57 11.60
N MET A 193 -1.73 45.23 12.03
CA MET A 193 -2.92 45.36 11.18
C MET A 193 -2.63 46.22 9.96
N ASN A 194 -1.88 47.31 10.15
CA ASN A 194 -1.51 48.15 9.01
C ASN A 194 -0.57 47.40 8.06
N ALA A 195 0.34 46.60 8.61
CA ALA A 195 1.23 45.80 7.77
C ALA A 195 0.43 44.77 6.97
N VAL A 196 -0.59 44.17 7.58
CA VAL A 196 -1.44 43.24 6.84
C VAL A 196 -2.22 43.97 5.76
N ASP A 197 -2.70 45.18 6.07
CA ASP A 197 -3.44 45.97 5.09
C ASP A 197 -2.59 46.27 3.86
N GLU A 198 -1.32 46.58 4.07
CA GLU A 198 -0.46 47.09 3.01
C GLU A 198 0.38 46.01 2.33
N TRP A 199 0.73 44.94 3.03
CA TRP A 199 1.60 43.92 2.47
C TRP A 199 0.83 42.76 1.84
N ILE A 200 -0.24 42.31 2.49
CA ILE A 200 -1.01 41.18 1.98
C ILE A 200 -1.94 41.66 0.87
N PRO A 201 -1.76 41.18 -0.37
CA PRO A 201 -2.57 41.69 -1.47
C PRO A 201 -4.02 41.25 -1.35
N THR A 202 -4.92 42.10 -1.83
CA THR A 202 -6.32 41.74 -1.92
C THR A 202 -6.46 40.61 -2.94
N PRO A 203 -7.18 39.53 -2.61
CA PRO A 203 -7.24 38.38 -3.51
C PRO A 203 -7.87 38.74 -4.85
N GLU A 204 -7.32 38.15 -5.91
CA GLU A 204 -7.93 38.22 -7.23
C GLU A 204 -9.31 37.57 -7.19
N ARG A 205 -10.32 38.25 -7.73
CA ARG A 205 -11.64 37.66 -7.81
C ARG A 205 -11.61 36.41 -8.66
N GLU A 206 -12.38 35.40 -8.25
CA GLU A 206 -12.44 34.14 -8.99
C GLU A 206 -12.94 34.34 -10.42
N VAL A 207 -13.67 35.43 -10.68
CA VAL A 207 -14.20 35.68 -12.01
C VAL A 207 -13.13 36.17 -12.99
N ASP A 208 -12.02 36.71 -12.49
CA ASP A 208 -10.95 37.20 -13.36
C ASP A 208 -9.89 36.15 -13.65
N LYS A 209 -9.98 34.98 -13.03
CA LYS A 209 -9.02 33.90 -13.25
C LYS A 209 -9.36 33.19 -14.55
N PRO A 210 -8.46 32.34 -15.06
CA PRO A 210 -8.78 31.57 -16.27
C PRO A 210 -9.97 30.65 -16.04
N PHE A 211 -10.88 30.64 -17.00
CA PHE A 211 -12.12 29.87 -16.88
C PHE A 211 -11.82 28.38 -16.75
N LEU A 212 -12.50 27.73 -15.80
CA LEU A 212 -12.43 26.28 -15.66
C LEU A 212 -13.78 25.78 -15.18
N LEU A 213 -14.23 24.68 -15.78
CA LEU A 213 -15.47 24.01 -15.37
C LEU A 213 -15.20 22.51 -15.36
N ALA A 214 -15.57 21.86 -14.25
CA ALA A 214 -15.45 20.41 -14.14
C ALA A 214 -16.70 19.75 -14.69
N ILE A 215 -16.52 18.91 -15.71
CA ILE A 215 -17.65 18.27 -16.37
C ILE A 215 -18.19 17.14 -15.51
N GLU A 216 -19.49 17.15 -15.26
CA GLU A 216 -20.17 16.09 -14.53
C GLU A 216 -21.02 15.21 -15.43
N ASP A 217 -21.83 15.80 -16.30
CA ASP A 217 -22.70 15.07 -17.20
C ASP A 217 -22.57 15.60 -18.62
N THR A 218 -22.83 14.72 -19.59
CA THR A 218 -22.90 15.08 -20.99
C THR A 218 -24.29 14.75 -21.53
N MET A 219 -24.66 15.43 -22.61
CA MET A 219 -25.97 15.24 -23.20
C MET A 219 -25.93 15.74 -24.63
N THR A 220 -26.30 14.89 -25.58
CA THR A 220 -26.26 15.25 -26.98
C THR A 220 -27.51 16.04 -27.37
N ILE A 221 -27.30 17.20 -27.98
CA ILE A 221 -28.37 17.99 -28.58
C ILE A 221 -28.30 17.72 -30.07
N THR A 222 -29.19 16.86 -30.56
CA THR A 222 -29.09 16.34 -31.91
C THR A 222 -29.13 17.45 -32.95
N GLY A 223 -28.15 17.44 -33.84
CA GLY A 223 -28.03 18.42 -34.90
C GLY A 223 -27.15 19.61 -34.56
N ARG A 224 -27.00 19.93 -33.28
CA ARG A 224 -26.24 21.09 -32.85
C ARG A 224 -24.88 20.72 -32.27
N GLY A 225 -24.85 19.83 -31.29
CA GLY A 225 -23.61 19.42 -30.65
C GLY A 225 -23.82 18.66 -29.36
N THR A 226 -22.95 18.89 -28.38
CA THR A 226 -23.04 18.21 -27.09
C THR A 226 -23.05 19.24 -25.97
N VAL A 227 -23.98 19.09 -25.05
CA VAL A 227 -24.04 19.92 -23.86
C VAL A 227 -23.28 19.21 -22.73
N VAL A 228 -22.34 19.90 -22.12
CA VAL A 228 -21.67 19.44 -20.91
C VAL A 228 -22.10 20.34 -19.76
N THR A 229 -22.35 19.72 -18.60
CA THR A 229 -22.87 20.43 -17.44
C THR A 229 -21.91 20.26 -16.27
N GLY A 230 -21.78 21.31 -15.47
CA GLY A 230 -20.91 21.27 -14.31
C GLY A 230 -20.80 22.65 -13.69
N ARG A 231 -20.07 22.69 -12.58
CA ARG A 231 -19.85 23.93 -11.85
C ARG A 231 -18.66 24.67 -12.42
N VAL A 232 -18.84 25.96 -12.70
CA VAL A 232 -17.73 26.81 -13.09
C VAL A 232 -16.89 27.08 -11.84
N GLU A 233 -15.70 26.47 -11.77
CA GLU A 233 -14.88 26.63 -10.58
C GLU A 233 -14.29 28.04 -10.49
N ARG A 234 -13.88 28.60 -11.62
CA ARG A 234 -13.29 29.94 -11.62
C ARG A 234 -13.49 30.57 -12.99
N GLY A 235 -13.27 31.87 -13.05
CA GLY A 235 -13.30 32.57 -14.31
C GLY A 235 -14.72 32.84 -14.81
N GLU A 236 -14.79 33.16 -16.10
CA GLU A 236 -16.05 33.47 -16.75
C GLU A 236 -15.99 33.00 -18.19
N LEU A 237 -17.09 32.42 -18.66
CA LEU A 237 -17.20 31.93 -20.03
C LEU A 237 -18.32 32.69 -20.75
N LYS A 238 -18.09 33.01 -22.02
CA LYS A 238 -19.04 33.74 -22.82
C LYS A 238 -19.36 32.98 -24.09
N VAL A 239 -20.61 33.12 -24.55
CA VAL A 239 -21.04 32.48 -25.79
C VAL A 239 -20.19 33.01 -26.94
N GLY A 240 -19.81 32.10 -27.85
CA GLY A 240 -18.96 32.44 -28.96
C GLY A 240 -17.48 32.25 -28.70
N GLN A 241 -17.08 32.08 -27.44
CA GLN A 241 -15.68 31.89 -27.11
C GLN A 241 -15.25 30.44 -27.37
N GLU A 242 -13.95 30.26 -27.54
CA GLU A 242 -13.35 28.96 -27.76
C GLU A 242 -12.78 28.43 -26.45
N ILE A 243 -12.98 27.13 -26.20
CA ILE A 243 -12.51 26.49 -24.99
C ILE A 243 -11.66 25.28 -25.38
N GLU A 244 -11.01 24.71 -24.37
CA GLU A 244 -10.28 23.46 -24.49
C GLU A 244 -10.91 22.41 -23.60
N ILE A 245 -10.92 21.17 -24.06
CA ILE A 245 -11.40 20.03 -23.28
C ILE A 245 -10.18 19.23 -22.87
N VAL A 246 -9.84 19.27 -21.58
CA VAL A 246 -8.58 18.77 -21.07
C VAL A 246 -8.83 17.59 -20.15
N GLY A 247 -7.97 16.59 -20.24
CA GLY A 247 -7.99 15.47 -19.33
C GLY A 247 -8.54 14.20 -19.97
N LEU A 248 -8.05 13.05 -19.49
CA LEU A 248 -8.55 11.73 -19.85
C LEU A 248 -8.39 11.43 -21.34
N ARG A 249 -8.96 12.25 -22.20
CA ARG A 249 -8.91 12.08 -23.64
C ARG A 249 -7.99 13.10 -24.28
N PRO A 250 -7.48 12.83 -25.48
CA PRO A 250 -6.61 13.80 -26.16
C PRO A 250 -7.25 15.19 -26.22
N ILE A 251 -6.43 16.20 -25.93
CA ILE A 251 -6.93 17.56 -25.84
C ILE A 251 -7.51 18.01 -27.17
N ARG A 252 -8.56 18.82 -27.11
CA ARG A 252 -9.21 19.34 -28.31
C ARG A 252 -9.89 20.65 -27.96
N LYS A 253 -10.10 21.48 -28.98
CA LYS A 253 -10.75 22.78 -28.83
C LYS A 253 -12.17 22.71 -29.37
N ALA A 254 -13.04 23.54 -28.82
CA ALA A 254 -14.42 23.61 -29.25
C ALA A 254 -14.95 25.02 -29.08
N VAL A 255 -15.96 25.35 -29.86
CA VAL A 255 -16.59 26.67 -29.82
C VAL A 255 -17.90 26.56 -29.05
N VAL A 256 -18.02 27.36 -28.00
CA VAL A 256 -19.23 27.37 -27.18
C VAL A 256 -20.31 28.17 -27.89
N THR A 257 -21.41 27.50 -28.23
CA THR A 257 -22.53 28.15 -28.91
C THR A 257 -23.75 28.30 -28.02
N GLY A 258 -23.68 27.89 -26.76
CA GLY A 258 -24.81 27.99 -25.87
C GLY A 258 -24.49 27.81 -24.40
N ILE A 259 -25.17 28.57 -23.55
CA ILE A 259 -25.03 28.46 -22.10
C ILE A 259 -26.42 28.58 -21.49
N GLU A 260 -26.81 27.58 -20.70
CA GLU A 260 -28.10 27.58 -20.03
C GLU A 260 -27.91 27.07 -18.60
N MET A 261 -28.69 27.64 -17.68
CA MET A 261 -28.58 27.26 -16.28
C MET A 261 -29.84 26.58 -15.78
N PHE A 262 -30.91 27.34 -15.51
CA PHE A 262 -32.20 26.71 -15.26
C PHE A 262 -32.68 26.09 -16.57
N LYS A 263 -33.44 26.84 -17.36
CA LYS A 263 -33.67 26.54 -18.76
C LYS A 263 -33.51 27.78 -19.63
N LYS A 264 -33.31 28.95 -19.03
CA LYS A 264 -33.03 30.17 -19.78
C LYS A 264 -31.72 30.04 -20.55
N GLU A 265 -31.62 30.77 -21.66
CA GLU A 265 -30.44 30.76 -22.50
C GLU A 265 -29.63 32.02 -22.21
N LEU A 266 -28.47 31.85 -21.59
CA LEU A 266 -27.66 32.96 -21.12
C LEU A 266 -26.47 33.22 -22.05
N ASP A 267 -25.95 34.44 -21.96
CA ASP A 267 -24.80 34.84 -22.76
C ASP A 267 -23.47 34.55 -22.09
N SER A 268 -23.48 34.28 -20.78
CA SER A 268 -22.23 34.04 -20.07
C SER A 268 -22.49 33.16 -18.86
N ALA A 269 -21.40 32.60 -18.33
CA ALA A 269 -21.41 31.85 -17.09
C ALA A 269 -20.13 32.16 -16.34
N MET A 270 -20.22 32.31 -15.02
CA MET A 270 -19.09 32.71 -14.21
C MET A 270 -18.95 31.76 -13.02
N ALA A 271 -17.88 31.97 -12.25
CA ALA A 271 -17.55 31.11 -11.12
C ALA A 271 -18.72 31.01 -10.16
N GLY A 272 -19.02 29.78 -9.74
CA GLY A 272 -20.16 29.50 -8.90
C GLY A 272 -21.38 29.01 -9.65
N ASP A 273 -21.45 29.26 -10.96
CA ASP A 273 -22.59 28.82 -11.75
C ASP A 273 -22.51 27.33 -12.03
N ASN A 274 -23.66 26.66 -11.99
CA ASN A 274 -23.81 25.28 -12.44
C ASN A 274 -24.56 25.37 -13.77
N ALA A 275 -23.84 25.28 -14.87
CA ALA A 275 -24.38 25.61 -16.17
C ALA A 275 -24.21 24.47 -17.16
N GLY A 276 -25.08 24.44 -18.15
CA GLY A 276 -24.92 23.57 -19.31
C GLY A 276 -24.30 24.36 -20.45
N VAL A 277 -23.22 23.82 -21.00
CA VAL A 277 -22.42 24.49 -22.02
C VAL A 277 -22.56 23.70 -23.31
N LEU A 278 -23.09 24.35 -24.34
CA LEU A 278 -23.26 23.73 -25.65
C LEU A 278 -21.98 23.90 -26.46
N LEU A 279 -21.38 22.80 -26.88
CA LEU A 279 -20.18 22.79 -27.70
C LEU A 279 -20.56 22.41 -29.12
N ARG A 280 -20.21 23.26 -30.08
CA ARG A 280 -20.65 23.06 -31.45
C ARG A 280 -19.94 21.89 -32.11
N GLY A 281 -20.73 20.96 -32.65
CA GLY A 281 -20.20 19.85 -33.42
C GLY A 281 -19.48 18.77 -32.64
N VAL A 282 -19.45 18.85 -31.31
CA VAL A 282 -18.78 17.84 -30.51
C VAL A 282 -19.75 16.67 -30.29
N ASP A 283 -19.26 15.46 -30.51
CA ASP A 283 -20.05 14.26 -30.29
C ASP A 283 -19.92 13.81 -28.84
N ARG A 284 -20.97 13.17 -28.34
CA ARG A 284 -20.99 12.79 -26.92
C ARG A 284 -19.85 11.83 -26.57
N LYS A 285 -19.40 11.02 -27.53
CA LYS A 285 -18.30 10.11 -27.27
C LYS A 285 -16.98 10.84 -27.06
N GLU A 286 -16.88 12.12 -27.46
CA GLU A 286 -15.65 12.87 -27.31
C GLU A 286 -15.47 13.43 -25.90
N VAL A 287 -16.56 13.59 -25.15
CA VAL A 287 -16.49 14.19 -23.82
C VAL A 287 -16.92 13.16 -22.78
N GLU A 288 -16.40 13.32 -21.57
CA GLU A 288 -16.75 12.41 -20.48
C GLU A 288 -16.49 13.11 -19.16
N ARG A 289 -17.14 12.60 -18.11
CA ARG A 289 -16.99 13.15 -16.77
C ARG A 289 -15.55 13.04 -16.30
N GLY A 290 -15.08 14.08 -15.63
CA GLY A 290 -13.70 14.18 -15.20
C GLY A 290 -12.88 15.14 -16.03
N GLN A 291 -13.20 15.28 -17.31
CA GLN A 291 -12.58 16.30 -18.13
C GLN A 291 -13.01 17.69 -17.65
N VAL A 292 -12.25 18.69 -18.08
CA VAL A 292 -12.58 20.07 -17.75
C VAL A 292 -12.67 20.87 -19.04
N LEU A 293 -13.56 21.87 -19.03
CA LEU A 293 -13.48 22.98 -19.98
C LEU A 293 -12.55 24.03 -19.39
N ALA A 294 -11.69 24.59 -20.22
CA ALA A 294 -10.73 25.56 -19.74
C ALA A 294 -10.43 26.58 -20.81
N LYS A 295 -10.07 27.78 -20.37
CA LYS A 295 -9.53 28.77 -21.28
C LYS A 295 -8.31 28.18 -22.00
N PRO A 296 -8.25 28.27 -23.32
CA PRO A 296 -7.19 27.57 -24.06
C PRO A 296 -5.79 27.97 -23.57
N GLY A 297 -4.97 26.95 -23.31
CA GLY A 297 -3.62 27.14 -22.86
C GLY A 297 -3.45 27.38 -21.37
N SER A 298 -4.55 27.47 -20.61
CA SER A 298 -4.47 27.81 -19.19
C SER A 298 -4.18 26.61 -18.31
N ILE A 299 -4.37 25.39 -18.81
CA ILE A 299 -4.09 24.19 -18.04
C ILE A 299 -3.91 23.03 -19.02
N LYS A 300 -3.01 22.12 -18.68
CA LYS A 300 -2.60 21.04 -19.55
C LYS A 300 -2.89 19.68 -18.92
N PRO A 301 -2.99 18.62 -19.72
CA PRO A 301 -3.16 17.29 -19.14
C PRO A 301 -1.83 16.70 -18.71
N HIS A 302 -1.88 15.91 -17.63
CA HIS A 302 -0.66 15.33 -17.09
C HIS A 302 -0.96 13.96 -16.49
N LYS A 303 -0.04 13.02 -16.71
CA LYS A 303 -0.06 11.72 -16.07
C LYS A 303 0.89 11.65 -14.88
N LYS A 304 1.93 12.48 -14.87
CA LYS A 304 2.96 12.47 -13.84
C LYS A 304 2.95 13.82 -13.12
N PHE A 305 2.97 13.79 -11.79
CA PHE A 305 3.03 15.01 -11.02
C PHE A 305 3.64 14.74 -9.66
N LYS A 306 4.16 15.81 -9.05
CA LYS A 306 4.61 15.78 -7.67
C LYS A 306 3.57 16.47 -6.78
N ALA A 307 3.44 15.99 -5.54
CA ALA A 307 2.42 16.53 -4.66
C ALA A 307 2.80 16.26 -3.21
N GLU A 308 2.29 17.11 -2.33
CA GLU A 308 2.30 16.84 -0.90
C GLU A 308 0.98 16.19 -0.52
N ILE A 309 1.04 15.16 0.30
CA ILE A 309 -0.15 14.43 0.71
C ILE A 309 -0.15 14.27 2.22
N TYR A 310 -1.35 14.13 2.79
CA TYR A 310 -1.53 13.73 4.17
C TYR A 310 -2.32 12.43 4.19
N ALA A 311 -1.73 11.38 4.74
CA ALA A 311 -2.42 10.10 4.88
C ALA A 311 -3.26 10.12 6.15
N LEU A 312 -4.55 9.86 6.01
CA LEU A 312 -5.44 9.87 7.16
C LEU A 312 -5.05 8.81 8.18
N LYS A 313 -5.22 9.14 9.46
CA LYS A 313 -5.01 8.17 10.52
C LYS A 313 -6.09 7.09 10.46
N LYS A 314 -5.81 5.96 11.11
CA LYS A 314 -6.79 4.88 11.18
C LYS A 314 -8.08 5.37 11.83
N GLU A 315 -7.97 6.13 12.91
CA GLU A 315 -9.11 6.68 13.60
C GLU A 315 -9.80 7.80 12.82
N GLU A 316 -9.34 8.08 11.60
CA GLU A 316 -10.02 9.02 10.71
C GLU A 316 -10.67 8.34 9.52
N GLY A 317 -10.60 7.01 9.44
CA GLY A 317 -11.08 6.28 8.30
C GLY A 317 -10.04 5.98 7.25
N GLY A 318 -8.76 6.18 7.55
CA GLY A 318 -7.69 5.91 6.60
C GLY A 318 -7.22 4.47 6.67
N ARG A 319 -6.10 4.23 5.98
CA ARG A 319 -5.50 2.90 5.98
C ARG A 319 -5.12 2.47 7.40
N HIS A 320 -5.09 1.17 7.61
CA HIS A 320 -4.71 0.63 8.91
C HIS A 320 -3.22 0.33 9.02
N THR A 321 -2.55 0.12 7.89
CA THR A 321 -1.10 -0.06 7.85
C THR A 321 -0.50 0.94 6.86
N GLY A 322 0.82 1.02 6.86
CA GLY A 322 1.51 1.87 5.92
C GLY A 322 1.55 1.27 4.53
N PHE A 323 1.90 2.11 3.55
CA PHE A 323 2.07 1.67 2.19
C PHE A 323 3.50 1.93 1.73
N LEU A 324 3.92 1.15 0.73
CA LEU A 324 5.29 1.17 0.23
C LEU A 324 5.34 1.86 -1.13
N ASN A 325 6.53 1.87 -1.71
CA ASN A 325 6.68 2.28 -3.11
C ASN A 325 5.87 1.34 -3.99
N GLY A 326 5.25 1.91 -5.02
CA GLY A 326 4.39 1.14 -5.90
C GLY A 326 2.94 1.06 -5.45
N TYR A 327 2.60 1.68 -4.32
CA TYR A 327 1.21 1.79 -3.90
C TYR A 327 0.36 2.36 -5.03
N ARG A 328 -0.72 1.68 -5.35
CA ARG A 328 -1.50 1.96 -6.56
C ARG A 328 -2.97 2.23 -6.21
N PRO A 329 -3.26 3.40 -5.61
CA PRO A 329 -4.65 3.70 -5.24
C PRO A 329 -5.38 4.48 -6.32
N GLN A 330 -6.50 5.09 -5.95
CA GLN A 330 -7.26 5.96 -6.84
C GLN A 330 -7.06 7.41 -6.42
N PHE A 331 -6.98 8.30 -7.41
CA PHE A 331 -6.82 9.73 -7.19
C PHE A 331 -8.05 10.45 -7.69
N TYR A 332 -8.78 11.10 -6.78
CA TYR A 332 -10.04 11.76 -7.11
C TYR A 332 -9.77 13.22 -7.46
N PHE A 333 -9.98 13.58 -8.72
CA PHE A 333 -9.77 14.94 -9.21
C PHE A 333 -11.12 15.53 -9.60
N ARG A 334 -11.62 16.44 -8.75
CA ARG A 334 -12.85 17.20 -8.99
C ARG A 334 -14.10 16.33 -9.06
N THR A 335 -14.25 15.54 -10.14
CA THR A 335 -15.47 14.79 -10.35
C THR A 335 -15.25 13.30 -10.63
N THR A 336 -14.01 12.84 -10.73
CA THR A 336 -13.76 11.44 -11.05
C THR A 336 -12.44 11.01 -10.41
N ASP A 337 -12.23 9.70 -10.35
CA ASP A 337 -11.01 9.12 -9.83
C ASP A 337 -10.21 8.48 -10.95
N VAL A 338 -8.88 8.52 -10.80
CA VAL A 338 -7.96 7.96 -11.79
C VAL A 338 -6.89 7.17 -11.04
N THR A 339 -6.63 5.94 -11.48
CA THR A 339 -5.65 5.09 -10.81
C THR A 339 -4.24 5.57 -11.10
N GLY A 340 -3.40 5.58 -10.07
CA GLY A 340 -2.01 5.96 -10.23
C GLY A 340 -1.11 5.18 -9.30
N SER A 341 0.18 5.21 -9.61
CA SER A 341 1.21 4.54 -8.83
C SER A 341 2.10 5.59 -8.16
N ILE A 342 2.44 5.34 -6.89
CA ILE A 342 3.10 6.34 -6.04
C ILE A 342 4.56 5.93 -5.86
N SER A 343 5.46 6.91 -6.05
CA SER A 343 6.87 6.77 -5.72
C SER A 343 7.21 7.69 -4.55
N LEU A 344 8.15 7.25 -3.72
CA LEU A 344 8.44 7.95 -2.48
C LEU A 344 9.81 8.60 -2.51
N PRO A 345 10.01 9.70 -1.76
CA PRO A 345 11.33 10.32 -1.69
C PRO A 345 12.33 9.40 -1.02
N GLU A 346 13.60 9.60 -1.34
CA GLU A 346 14.65 8.73 -0.84
C GLU A 346 14.69 8.73 0.69
N ASN A 347 14.92 7.56 1.26
CA ASN A 347 14.96 7.25 2.69
C ASN A 347 13.56 7.25 3.32
N THR A 348 12.51 7.56 2.56
CA THR A 348 11.14 7.30 2.98
C THR A 348 10.68 6.04 2.27
N GLU A 349 10.70 4.91 3.00
CA GLU A 349 10.34 3.63 2.42
C GLU A 349 8.95 3.16 2.83
N MET A 350 8.36 3.78 3.84
CA MET A 350 7.00 3.46 4.26
C MET A 350 6.32 4.73 4.74
N VAL A 351 5.12 4.97 4.24
CA VAL A 351 4.30 6.10 4.68
C VAL A 351 3.21 5.56 5.58
N LEU A 352 3.19 6.01 6.82
CA LEU A 352 2.29 5.51 7.85
C LEU A 352 1.03 6.36 7.92
N PRO A 353 -0.06 5.82 8.46
CA PRO A 353 -1.25 6.64 8.72
C PRO A 353 -0.90 7.82 9.62
N GLY A 354 -1.34 9.02 9.23
CA GLY A 354 -1.00 10.23 9.94
C GLY A 354 0.20 10.97 9.39
N ASP A 355 0.99 10.34 8.52
CA ASP A 355 2.15 10.98 7.93
C ASP A 355 1.74 11.99 6.87
N ASN A 356 2.59 12.99 6.68
CA ASN A 356 2.53 13.86 5.51
C ASN A 356 3.87 13.78 4.80
N THR A 357 3.83 13.67 3.47
CA THR A 357 5.04 13.45 2.70
C THR A 357 4.83 13.94 1.28
N SER A 358 5.96 14.22 0.62
CA SER A 358 5.94 14.43 -0.82
C SER A 358 5.90 13.09 -1.53
N ILE A 359 5.18 13.04 -2.65
CA ILE A 359 5.11 11.85 -3.47
C ILE A 359 5.19 12.25 -4.93
N THR A 360 5.45 11.26 -5.77
CA THR A 360 5.41 11.42 -7.22
C THR A 360 4.47 10.36 -7.77
N VAL A 361 3.54 10.78 -8.63
CA VAL A 361 2.42 9.96 -9.04
C VAL A 361 2.42 9.81 -10.55
N GLU A 362 2.40 8.58 -11.02
CA GLU A 362 2.27 8.26 -12.44
C GLU A 362 0.87 7.68 -12.68
N LEU A 363 0.00 8.49 -13.24
CA LEU A 363 -1.37 8.06 -13.49
C LEU A 363 -1.47 7.20 -14.74
N ILE A 364 -2.50 6.37 -14.79
CA ILE A 364 -2.76 5.56 -15.98
C ILE A 364 -3.46 6.34 -17.08
N ALA A 365 -4.17 7.42 -16.75
CA ALA A 365 -4.81 8.31 -17.69
C ALA A 365 -4.48 9.75 -17.32
N PRO A 366 -4.34 10.63 -18.31
CA PRO A 366 -3.96 12.01 -18.00
C PRO A 366 -5.13 12.78 -17.41
N ILE A 367 -4.82 13.60 -16.41
CA ILE A 367 -5.80 14.50 -15.81
C ILE A 367 -5.32 15.93 -15.99
N ALA A 368 -6.27 16.85 -16.06
CA ALA A 368 -5.94 18.27 -16.11
C ALA A 368 -5.58 18.73 -14.70
N CYS A 369 -4.33 19.16 -14.52
CA CYS A 369 -3.88 19.57 -13.19
C CYS A 369 -2.76 20.59 -13.33
N GLU A 370 -2.62 21.40 -12.29
CA GLU A 370 -1.62 22.46 -12.21
C GLU A 370 -1.08 22.47 -10.80
N LYS A 371 -0.17 23.41 -10.53
CA LYS A 371 0.25 23.63 -9.15
C LYS A 371 -0.93 24.15 -8.33
N GLY A 372 -1.27 23.42 -7.27
CA GLY A 372 -2.38 23.79 -6.42
C GLY A 372 -3.63 22.95 -6.59
N SER A 373 -3.67 22.09 -7.61
CA SER A 373 -4.81 21.19 -7.78
C SER A 373 -4.95 20.27 -6.57
N LYS A 374 -6.16 20.18 -6.05
CA LYS A 374 -6.45 19.32 -4.91
C LYS A 374 -7.00 17.98 -5.39
N PHE A 375 -6.69 16.93 -4.65
CA PHE A 375 -7.19 15.61 -4.99
C PHE A 375 -7.27 14.77 -3.73
N SER A 376 -8.16 13.78 -3.76
CA SER A 376 -8.30 12.81 -2.70
C SER A 376 -7.67 11.50 -3.15
N ILE A 377 -6.98 10.83 -2.24
CA ILE A 377 -6.47 9.48 -2.47
C ILE A 377 -7.48 8.50 -1.89
N ARG A 378 -8.01 7.62 -2.72
CA ARG A 378 -9.08 6.72 -2.33
C ARG A 378 -8.68 5.27 -2.55
N GLU A 379 -9.20 4.40 -1.69
CA GLU A 379 -8.94 2.96 -1.77
C GLU A 379 -10.22 2.24 -1.36
N GLY A 380 -10.79 1.46 -2.28
CA GLY A 380 -12.06 0.83 -2.02
C GLY A 380 -13.21 1.79 -1.82
N GLY A 381 -13.09 3.00 -2.36
CA GLY A 381 -14.13 4.00 -2.23
C GLY A 381 -13.96 4.94 -1.05
N ARG A 382 -13.23 4.54 -0.02
CA ARG A 382 -13.00 5.38 1.15
C ARG A 382 -11.74 6.21 0.94
N THR A 383 -11.77 7.45 1.44
CA THR A 383 -10.64 8.34 1.31
C THR A 383 -9.57 7.99 2.33
N VAL A 384 -8.38 7.65 1.85
CA VAL A 384 -7.26 7.32 2.73
C VAL A 384 -6.25 8.46 2.83
N GLY A 385 -6.35 9.47 1.98
CA GLY A 385 -5.42 10.59 2.03
C GLY A 385 -5.88 11.72 1.15
N ALA A 386 -5.33 12.90 1.40
CA ALA A 386 -5.60 14.10 0.62
C ALA A 386 -4.28 14.69 0.16
N GLY A 387 -4.31 15.34 -1.01
CA GLY A 387 -3.10 15.84 -1.61
C GLY A 387 -3.30 17.19 -2.26
N SER A 388 -2.17 17.85 -2.53
CA SER A 388 -2.13 19.12 -3.24
C SER A 388 -0.97 19.07 -4.22
N VAL A 389 -1.25 19.30 -5.50
CA VAL A 389 -0.23 19.16 -6.53
C VAL A 389 0.77 20.32 -6.41
N THR A 390 2.06 19.97 -6.35
CA THR A 390 3.12 20.97 -6.25
C THR A 390 3.93 21.13 -7.52
N GLU A 391 3.88 20.17 -8.43
CA GLU A 391 4.65 20.24 -9.67
C GLU A 391 4.03 19.32 -10.71
N VAL A 392 3.87 19.81 -11.92
CA VAL A 392 3.44 18.99 -13.05
C VAL A 392 4.69 18.47 -13.74
N LEU A 393 4.88 17.15 -13.72
CA LEU A 393 6.14 16.54 -14.13
C LEU A 393 5.98 15.69 -15.39
N GLU A 394 5.56 16.30 -16.49
CA GLU A 394 5.34 15.55 -17.72
C GLU A 394 6.19 16.11 -18.87
N PRO B 11 34.72 -10.24 26.13
CA PRO B 11 34.18 -9.15 25.30
C PRO B 11 32.66 -9.22 25.18
N HIS B 12 31.95 -8.32 25.86
CA HIS B 12 30.50 -8.36 25.85
C HIS B 12 29.96 -7.78 24.54
N VAL B 13 28.66 -7.97 24.32
CA VAL B 13 27.97 -7.51 23.12
C VAL B 13 27.15 -6.29 23.50
N ASN B 14 27.24 -5.24 22.68
CA ASN B 14 26.49 -4.01 22.89
C ASN B 14 25.12 -4.13 22.22
N VAL B 15 24.06 -3.97 23.01
CA VAL B 15 22.70 -3.98 22.51
C VAL B 15 21.97 -2.78 23.08
N GLY B 16 20.71 -2.62 22.67
CA GLY B 16 19.89 -1.53 23.15
C GLY B 16 18.45 -1.59 22.66
N THR B 17 17.53 -1.05 23.45
CA THR B 17 16.12 -1.02 23.07
C THR B 17 15.85 0.25 22.25
N ILE B 18 15.28 0.06 21.07
CA ILE B 18 14.89 1.17 20.21
C ILE B 18 13.41 1.03 19.88
N GLY B 19 12.82 2.12 19.42
CA GLY B 19 11.42 2.13 19.05
C GLY B 19 10.68 3.40 19.47
N HIS B 20 9.42 3.50 19.06
CA HIS B 20 8.62 4.69 19.36
C HIS B 20 8.42 4.85 20.86
N ILE B 21 8.14 6.09 21.26
CA ILE B 21 7.94 6.38 22.68
C ILE B 21 6.68 5.69 23.18
N ASP B 22 6.76 5.17 24.42
CA ASP B 22 5.68 4.51 25.14
C ASP B 22 5.37 3.11 24.62
N HIS B 23 6.22 2.53 23.80
CA HIS B 23 5.98 1.16 23.35
C HIS B 23 6.56 0.11 24.30
N GLY B 24 7.34 0.53 25.30
CA GLY B 24 7.76 -0.38 26.36
C GLY B 24 9.24 -0.68 26.41
N LYS B 25 10.08 0.25 25.94
CA LYS B 25 11.52 0.03 25.95
C LYS B 25 12.06 -0.05 27.37
N THR B 26 11.73 0.93 28.20
CA THR B 26 12.24 0.96 29.57
C THR B 26 11.68 -0.20 30.39
N THR B 27 10.39 -0.51 30.21
CA THR B 27 9.79 -1.63 30.93
C THR B 27 10.45 -2.95 30.52
N LEU B 28 10.69 -3.15 29.23
CA LEU B 28 11.36 -4.35 28.77
C LEU B 28 12.78 -4.43 29.31
N THR B 29 13.48 -3.30 29.34
CA THR B 29 14.84 -3.27 29.89
C THR B 29 14.84 -3.73 31.35
N ALA B 30 13.91 -3.19 32.15
CA ALA B 30 13.79 -3.63 33.54
C ALA B 30 13.34 -5.08 33.63
N ALA B 31 12.52 -5.53 32.67
CA ALA B 31 12.01 -6.90 32.72
C ALA B 31 13.11 -7.91 32.41
N ILE B 32 14.00 -7.57 31.46
CA ILE B 32 15.11 -8.47 31.14
C ILE B 32 16.00 -8.69 32.35
N CYS B 33 16.37 -7.61 33.04
CA CYS B 33 17.26 -7.71 34.19
C CYS B 33 16.60 -8.44 35.34
N THR B 34 15.34 -8.10 35.62
CA THR B 34 14.63 -8.71 36.75
C THR B 34 14.52 -10.22 36.58
N VAL B 35 14.23 -10.67 35.36
CA VAL B 35 14.07 -12.11 35.12
C VAL B 35 15.41 -12.82 35.22
N LEU B 36 16.44 -12.26 34.58
CA LEU B 36 17.76 -12.89 34.64
C LEU B 36 18.40 -12.77 36.01
N ALA B 37 18.00 -11.79 36.82
CA ALA B 37 18.54 -11.67 38.18
C ALA B 37 18.17 -12.86 39.06
N LYS B 38 17.10 -13.58 38.71
CA LYS B 38 16.71 -14.77 39.47
C LYS B 38 17.73 -15.88 39.33
N GLU B 39 18.55 -15.86 38.29
CA GLU B 39 19.64 -16.82 38.12
C GLU B 39 21.00 -16.20 38.44
N GLY B 40 21.03 -15.02 39.06
CA GLY B 40 22.28 -14.34 39.30
C GLY B 40 22.96 -13.83 38.05
N LYS B 41 22.22 -13.69 36.96
CA LYS B 41 22.77 -13.25 35.68
C LYS B 41 22.49 -11.77 35.40
N SER B 42 21.93 -11.06 36.35
CA SER B 42 21.68 -9.62 36.25
C SER B 42 21.31 -9.12 37.65
N ALA B 43 20.84 -7.88 37.72
CA ALA B 43 20.40 -7.27 38.97
C ALA B 43 18.93 -6.91 38.85
N ALA B 44 18.15 -7.22 39.87
CA ALA B 44 16.74 -6.85 39.89
C ALA B 44 16.60 -5.35 39.72
N THR B 45 15.85 -4.93 38.71
CA THR B 45 15.76 -3.53 38.32
C THR B 45 14.31 -3.13 38.20
N ARG B 46 13.91 -2.10 38.95
CA ARG B 46 12.55 -1.59 38.87
C ARG B 46 12.43 -0.61 37.71
N TYR B 47 11.19 -0.46 37.22
CA TYR B 47 10.92 0.45 36.12
C TYR B 47 11.30 1.89 36.47
N ASP B 48 11.10 2.27 37.73
CA ASP B 48 11.35 3.65 38.13
C ASP B 48 12.84 3.98 38.20
N GLN B 49 13.68 2.97 38.39
CA GLN B 49 15.13 3.20 38.44
C GLN B 49 15.64 3.82 37.14
N ILE B 50 15.03 3.46 36.01
CA ILE B 50 15.44 3.96 34.71
C ILE B 50 14.52 5.06 34.21
N ASP B 51 13.21 4.89 34.36
CA ASP B 51 12.26 5.86 33.82
C ASP B 51 12.38 7.21 34.51
N LYS B 52 12.63 7.21 35.82
CA LYS B 52 12.66 8.43 36.61
C LYS B 52 14.07 8.85 36.99
N ALA B 53 15.08 8.37 36.26
CA ALA B 53 16.44 8.82 36.48
C ALA B 53 16.58 10.28 36.07
N PRO B 54 17.45 11.04 36.75
CA PRO B 54 17.52 12.48 36.51
C PRO B 54 18.09 12.82 35.14
N GLU B 55 17.75 14.02 34.67
CA GLU B 55 18.26 14.53 33.41
C GLU B 55 19.76 14.82 33.54
N GLU B 56 20.41 15.01 32.39
CA GLU B 56 21.87 15.15 32.34
C GLU B 56 22.27 16.61 32.44
N LYS B 57 23.22 16.90 33.32
CA LYS B 57 23.51 18.26 33.76
C LYS B 57 24.99 18.59 33.52
N ALA B 58 25.40 18.63 32.25
CA ALA B 58 26.80 18.90 31.92
C ALA B 58 26.86 19.89 30.76
N ARG B 59 28.04 20.01 30.18
CA ARG B 59 28.31 20.95 29.10
C ARG B 59 28.42 20.20 27.78
N GLY B 60 28.04 20.88 26.70
CA GLY B 60 28.09 20.30 25.38
C GLY B 60 26.83 19.56 25.02
N ILE B 61 26.98 18.63 24.08
CA ILE B 61 25.86 17.82 23.63
C ILE B 61 25.33 17.00 24.80
N THR B 62 24.01 17.06 25.00
CA THR B 62 23.36 16.46 26.16
C THR B 62 22.59 15.23 25.69
N ILE B 63 23.02 14.05 26.13
CA ILE B 63 22.38 12.79 25.79
C ILE B 63 21.93 12.12 27.07
N ASN B 64 20.64 11.83 27.18
CA ASN B 64 20.10 11.06 28.30
C ASN B 64 20.09 9.59 27.94
N SER B 65 20.65 8.75 28.80
CA SER B 65 20.70 7.33 28.53
C SER B 65 20.93 6.57 29.83
N ALA B 66 20.28 5.42 29.94
CA ALA B 66 20.49 4.49 31.05
C ALA B 66 21.20 3.24 30.54
N HIS B 67 21.86 2.55 31.45
CA HIS B 67 22.73 1.44 31.10
C HIS B 67 22.56 0.30 32.09
N VAL B 68 22.38 -0.92 31.57
CA VAL B 68 22.27 -2.12 32.40
C VAL B 68 23.14 -3.20 31.79
N GLU B 69 23.35 -4.26 32.56
CA GLU B 69 24.12 -5.41 32.11
C GLU B 69 23.38 -6.69 32.49
N TYR B 70 23.51 -7.69 31.62
CA TYR B 70 22.91 -8.99 31.86
C TYR B 70 23.59 -10.01 30.96
N SER B 71 23.63 -11.26 31.42
CA SER B 71 24.22 -12.35 30.66
C SER B 71 23.14 -13.38 30.34
N SER B 72 23.08 -13.80 29.08
CA SER B 72 22.28 -14.94 28.68
C SER B 72 23.08 -16.21 28.96
N ASP B 73 22.62 -17.33 28.40
CA ASP B 73 23.36 -18.58 28.57
C ASP B 73 24.70 -18.55 27.87
N LYS B 74 24.84 -17.75 26.81
CA LYS B 74 25.98 -17.84 25.92
C LYS B 74 26.89 -16.62 25.93
N ARG B 75 26.37 -15.41 26.17
CA ARG B 75 27.16 -14.20 26.08
C ARG B 75 26.77 -13.24 27.19
N HIS B 76 27.60 -12.23 27.39
CA HIS B 76 27.30 -11.12 28.30
C HIS B 76 26.94 -9.89 27.49
N TYR B 77 26.03 -9.07 28.03
CA TYR B 77 25.43 -8.00 27.26
C TYR B 77 25.51 -6.67 28.00
N ALA B 78 25.87 -5.63 27.26
CA ALA B 78 25.75 -4.24 27.72
C ALA B 78 24.59 -3.61 26.95
N HIS B 79 23.58 -3.15 27.67
CA HIS B 79 22.30 -2.76 27.10
C HIS B 79 22.01 -1.31 27.47
N VAL B 80 21.75 -0.49 26.46
CA VAL B 80 21.50 0.94 26.65
C VAL B 80 20.03 1.23 26.34
N ASP B 81 19.43 2.13 27.11
CA ASP B 81 18.03 2.50 26.96
C ASP B 81 17.90 4.01 27.17
N CYS B 82 17.29 4.69 26.20
CA CYS B 82 17.20 6.14 26.24
C CYS B 82 15.75 6.60 26.41
N PRO B 83 15.51 7.72 27.10
CA PRO B 83 14.14 8.16 27.35
C PRO B 83 13.46 8.73 26.11
N GLY B 84 14.07 9.75 25.49
CA GLY B 84 13.43 10.47 24.42
C GLY B 84 13.95 10.13 23.03
N HIS B 85 13.12 10.45 22.03
CA HIS B 85 13.51 10.27 20.63
C HIS B 85 14.79 11.02 20.31
N ALA B 86 14.91 12.26 20.80
CA ALA B 86 16.10 13.07 20.53
C ALA B 86 17.36 12.42 21.10
N ASP B 87 17.23 11.68 22.20
CA ASP B 87 18.39 11.02 22.78
C ASP B 87 18.90 9.92 21.87
N TYR B 88 18.00 9.17 21.22
CA TYR B 88 18.42 8.11 20.31
C TYR B 88 19.10 8.69 19.08
N ILE B 89 18.59 9.81 18.55
CA ILE B 89 19.21 10.44 17.40
C ILE B 89 20.64 10.86 17.72
N LYS B 90 20.81 11.58 18.84
CA LYS B 90 22.15 12.04 19.22
C LYS B 90 23.08 10.88 19.50
N ASN B 91 22.60 9.88 20.26
CA ASN B 91 23.46 8.79 20.70
C ASN B 91 23.98 7.97 19.52
N MET B 92 23.12 7.72 18.53
CA MET B 92 23.53 6.88 17.40
C MET B 92 24.39 7.65 16.41
N ILE B 93 24.08 8.92 16.18
CA ILE B 93 24.87 9.73 15.25
C ILE B 93 26.29 9.94 15.79
N THR B 94 26.41 10.35 17.05
CA THR B 94 27.72 10.58 17.64
C THR B 94 28.49 9.28 17.86
N GLY B 95 27.80 8.15 17.98
CA GLY B 95 28.46 6.89 18.25
C GLY B 95 28.62 6.57 19.73
N ALA B 96 28.10 7.40 20.62
CA ALA B 96 28.18 7.11 22.04
C ALA B 96 27.34 5.90 22.43
N ALA B 97 26.32 5.56 21.63
CA ALA B 97 25.57 4.31 21.79
C ALA B 97 25.93 3.37 20.66
N GLN B 98 27.16 2.85 20.70
CA GLN B 98 27.57 1.84 19.75
C GLN B 98 26.78 0.56 19.99
N MET B 99 26.17 0.03 18.94
CA MET B 99 25.21 -1.07 19.06
C MET B 99 25.59 -2.17 18.09
N ASP B 100 26.08 -3.29 18.61
CA ASP B 100 26.28 -4.47 17.78
C ASP B 100 24.96 -5.06 17.31
N GLY B 101 23.87 -4.79 18.02
CA GLY B 101 22.55 -5.20 17.63
C GLY B 101 21.52 -4.41 18.40
N ALA B 102 20.31 -4.35 17.86
CA ALA B 102 19.24 -3.58 18.47
C ALA B 102 18.05 -4.47 18.79
N ILE B 103 17.34 -4.12 19.85
CA ILE B 103 16.08 -4.76 20.21
C ILE B 103 14.97 -3.74 19.92
N LEU B 104 14.31 -3.91 18.79
CA LEU B 104 13.22 -3.02 18.39
C LEU B 104 11.96 -3.40 19.14
N VAL B 105 11.44 -2.49 19.95
CA VAL B 105 10.20 -2.68 20.68
C VAL B 105 9.07 -2.02 19.90
N VAL B 106 8.03 -2.80 19.62
CA VAL B 106 6.86 -2.33 18.87
C VAL B 106 5.61 -2.70 19.64
N SER B 107 4.76 -1.71 19.92
CA SER B 107 3.52 -1.96 20.64
C SER B 107 2.53 -2.71 19.75
N ALA B 108 2.01 -3.83 20.25
CA ALA B 108 0.98 -4.55 19.51
C ALA B 108 -0.31 -3.77 19.39
N THR B 109 -0.49 -2.73 20.21
CA THR B 109 -1.69 -1.91 20.15
C THR B 109 -1.58 -0.77 19.15
N ASP B 110 -0.38 -0.22 18.95
CA ASP B 110 -0.19 0.93 18.07
C ASP B 110 0.48 0.59 16.74
N SER B 111 1.02 -0.62 16.59
CA SER B 111 1.78 -1.01 15.41
C SER B 111 2.99 -0.09 15.23
N VAL B 112 3.59 -0.09 14.05
CA VAL B 112 4.76 0.75 13.80
C VAL B 112 4.34 2.22 13.76
N MET B 113 5.16 3.07 14.38
CA MET B 113 4.91 4.50 14.47
C MET B 113 6.10 5.24 13.84
N PRO B 114 6.00 6.56 13.62
CA PRO B 114 7.09 7.26 12.91
C PRO B 114 8.48 7.09 13.53
N GLN B 115 8.58 7.04 14.86
CA GLN B 115 9.90 6.84 15.47
C GLN B 115 10.40 5.40 15.28
N THR B 116 9.50 4.44 15.10
CA THR B 116 9.91 3.08 14.77
C THR B 116 10.65 3.05 13.44
N ARG B 117 10.05 3.63 12.40
CA ARG B 117 10.72 3.72 11.11
C ARG B 117 11.99 4.56 11.20
N GLU B 118 11.94 5.66 11.95
CA GLU B 118 13.10 6.55 12.06
C GLU B 118 14.28 5.85 12.70
N HIS B 119 14.04 5.11 13.78
CA HIS B 119 15.14 4.41 14.45
C HIS B 119 15.72 3.30 13.58
N ILE B 120 14.90 2.68 12.74
CA ILE B 120 15.40 1.66 11.83
C ILE B 120 16.30 2.29 10.77
N LEU B 121 15.84 3.39 10.17
CA LEU B 121 16.66 4.09 9.19
C LEU B 121 18.00 4.52 9.78
N LEU B 122 17.97 5.13 10.97
CA LEU B 122 19.20 5.55 11.61
C LEU B 122 20.09 4.35 11.93
N ALA B 123 19.49 3.21 12.29
CA ALA B 123 20.27 2.03 12.58
C ALA B 123 21.07 1.56 11.38
N ARG B 124 20.47 1.64 10.18
CA ARG B 124 21.19 1.23 8.98
C ARG B 124 22.29 2.22 8.63
N GLN B 125 22.04 3.53 8.79
CA GLN B 125 23.00 4.53 8.39
C GLN B 125 24.25 4.51 9.26
N VAL B 126 24.11 4.16 10.55
CA VAL B 126 25.27 4.04 11.43
C VAL B 126 25.83 2.63 11.49
N GLY B 127 25.21 1.68 10.80
CA GLY B 127 25.81 0.38 10.60
C GLY B 127 25.41 -0.71 11.58
N VAL B 128 24.28 -0.57 12.25
CA VAL B 128 23.78 -1.65 13.09
C VAL B 128 23.39 -2.81 12.18
N PRO B 129 24.05 -3.96 12.28
CA PRO B 129 23.85 -5.02 11.28
C PRO B 129 22.52 -5.75 11.40
N ARG B 130 22.04 -5.99 12.61
CA ARG B 130 20.87 -6.84 12.76
C ARG B 130 20.01 -6.39 13.93
N MET B 131 18.82 -6.96 13.99
CA MET B 131 17.76 -6.53 14.89
C MET B 131 16.92 -7.73 15.30
N VAL B 132 16.50 -7.77 16.56
CA VAL B 132 15.44 -8.66 16.99
C VAL B 132 14.27 -7.77 17.43
N VAL B 133 13.06 -8.30 17.30
CA VAL B 133 11.85 -7.54 17.55
C VAL B 133 11.12 -8.14 18.74
N PHE B 134 10.77 -7.29 19.70
CA PHE B 134 9.94 -7.68 20.84
C PHE B 134 8.57 -7.03 20.65
N LEU B 135 7.65 -7.78 20.05
CA LEU B 135 6.26 -7.33 19.90
C LEU B 135 5.62 -7.25 21.28
N ASN B 136 5.42 -6.03 21.78
CA ASN B 136 5.10 -5.82 23.18
C ASN B 136 3.60 -5.59 23.40
N LYS B 137 3.20 -5.64 24.66
CA LYS B 137 1.83 -5.39 25.10
C LYS B 137 0.86 -6.41 24.51
N CYS B 138 1.32 -7.66 24.39
CA CYS B 138 0.42 -8.74 23.99
C CYS B 138 -0.52 -9.16 25.10
N ASP B 139 -0.35 -8.63 26.31
CA ASP B 139 -1.33 -8.82 27.36
C ASP B 139 -2.56 -7.95 27.15
N ILE B 140 -2.39 -6.79 26.52
CA ILE B 140 -3.53 -5.95 26.15
C ILE B 140 -4.10 -6.40 24.82
N ALA B 141 -3.25 -6.50 23.80
CA ALA B 141 -3.68 -6.88 22.46
C ALA B 141 -3.65 -8.40 22.30
N THR B 142 -4.40 -9.08 23.16
CA THR B 142 -4.73 -10.46 22.88
C THR B 142 -5.54 -10.52 21.59
N ASP B 143 -5.56 -11.72 20.98
CA ASP B 143 -5.99 -12.02 19.61
C ASP B 143 -4.74 -12.12 18.74
N GLU B 144 -4.25 -13.35 18.56
CA GLU B 144 -3.00 -13.58 17.84
C GLU B 144 -3.07 -13.12 16.38
N GLU B 145 -4.27 -12.89 15.85
CA GLU B 145 -4.39 -12.36 14.50
C GLU B 145 -3.98 -10.89 14.46
N VAL B 146 -4.39 -10.11 15.47
CA VAL B 146 -3.96 -8.72 15.56
C VAL B 146 -2.45 -8.64 15.71
N GLN B 147 -1.87 -9.52 16.54
CA GLN B 147 -0.42 -9.52 16.73
C GLN B 147 0.30 -9.88 15.44
N GLU B 148 -0.20 -10.88 14.71
CA GLU B 148 0.47 -11.31 13.48
C GLU B 148 0.40 -10.25 12.39
N LEU B 149 -0.63 -9.39 12.41
CA LEU B 149 -0.69 -8.30 11.44
C LEU B 149 0.37 -7.25 11.72
N VAL B 150 0.55 -6.89 12.99
CA VAL B 150 1.61 -5.95 13.36
C VAL B 150 2.98 -6.54 13.03
N ALA B 151 3.13 -7.85 13.24
CA ALA B 151 4.41 -8.49 12.95
C ALA B 151 4.75 -8.41 11.47
N GLU B 152 3.77 -8.66 10.60
CA GLU B 152 4.02 -8.56 9.17
C GLU B 152 4.36 -7.12 8.77
N GLU B 153 3.74 -6.15 9.43
CA GLU B 153 4.04 -4.75 9.16
C GLU B 153 5.47 -4.42 9.55
N VAL B 154 5.93 -4.94 10.69
CA VAL B 154 7.31 -4.73 11.11
C VAL B 154 8.27 -5.39 10.12
N ARG B 155 7.93 -6.59 9.67
CA ARG B 155 8.78 -7.30 8.71
C ARG B 155 8.87 -6.54 7.40
N ASP B 156 7.75 -6.01 6.91
CA ASP B 156 7.77 -5.21 5.69
C ASP B 156 8.58 -3.94 5.87
N LEU B 157 8.48 -3.32 7.05
CA LEU B 157 9.28 -2.13 7.33
C LEU B 157 10.76 -2.46 7.40
N LEU B 158 11.11 -3.56 8.07
CA LEU B 158 12.50 -3.98 8.15
C LEU B 158 13.09 -4.23 6.76
N THR B 159 12.34 -4.95 5.92
CA THR B 159 12.83 -5.28 4.58
C THR B 159 12.95 -4.03 3.72
N SER B 160 11.97 -3.13 3.81
CA SER B 160 11.99 -1.91 3.00
C SER B 160 13.22 -1.04 3.28
N TYR B 161 13.85 -1.21 4.46
CA TYR B 161 15.03 -0.44 4.82
C TYR B 161 16.31 -1.27 4.77
N GLY B 162 16.31 -2.35 4.00
CA GLY B 162 17.51 -3.13 3.77
C GLY B 162 17.77 -4.25 4.77
N PHE B 163 16.92 -4.40 5.78
CA PHE B 163 17.11 -5.46 6.76
C PHE B 163 16.41 -6.74 6.31
N ASP B 164 16.83 -7.87 6.89
CA ASP B 164 16.26 -9.17 6.57
C ASP B 164 14.99 -9.36 7.40
N GLY B 165 13.92 -8.71 6.95
CA GLY B 165 12.67 -8.75 7.70
C GLY B 165 12.03 -10.12 7.76
N LYS B 166 12.35 -10.99 6.78
CA LYS B 166 11.71 -12.30 6.74
C LYS B 166 12.25 -13.22 7.83
N ASN B 167 13.55 -13.11 8.13
CA ASN B 167 14.18 -13.99 9.11
C ASN B 167 14.47 -13.31 10.44
N THR B 168 14.09 -12.04 10.59
CA THR B 168 14.31 -11.34 11.85
C THR B 168 13.47 -11.98 12.95
N PRO B 169 14.07 -12.39 14.06
CA PRO B 169 13.29 -12.99 15.15
C PRO B 169 12.32 -11.98 15.76
N ILE B 170 11.07 -12.40 15.89
CA ILE B 170 10.02 -11.59 16.50
C ILE B 170 9.44 -12.38 17.65
N ILE B 171 9.53 -11.83 18.86
CA ILE B 171 9.01 -12.46 20.07
C ILE B 171 7.73 -11.75 20.48
N TYR B 172 6.67 -12.52 20.70
CA TYR B 172 5.37 -11.99 21.10
C TYR B 172 5.32 -12.07 22.63
N GLY B 173 5.48 -10.93 23.30
CA GLY B 173 5.58 -10.91 24.73
C GLY B 173 4.88 -9.72 25.36
N SER B 174 5.02 -9.62 26.68
CA SER B 174 4.49 -8.51 27.47
C SER B 174 5.58 -8.10 28.44
N ALA B 175 6.16 -6.92 28.23
CA ALA B 175 7.22 -6.45 29.12
C ALA B 175 6.71 -6.27 30.54
N LEU B 176 5.49 -5.76 30.69
CA LEU B 176 4.95 -5.48 32.02
C LEU B 176 4.77 -6.75 32.83
N LYS B 177 4.07 -7.74 32.26
CA LYS B 177 3.76 -8.95 33.01
C LYS B 177 5.01 -9.77 33.32
N ALA B 178 6.04 -9.67 32.47
CA ALA B 178 7.31 -10.29 32.81
C ALA B 178 7.96 -9.59 33.99
N LEU B 179 7.93 -8.25 34.00
CA LEU B 179 8.50 -7.50 35.10
C LEU B 179 7.79 -7.81 36.42
N GLU B 180 6.47 -8.00 36.37
CA GLU B 180 5.70 -8.30 37.57
C GLU B 180 5.83 -9.74 38.02
N GLY B 181 6.50 -10.59 37.25
CA GLY B 181 6.76 -11.95 37.65
C GLY B 181 5.80 -13.00 37.13
N ASP B 182 4.99 -12.69 36.14
CA ASP B 182 4.14 -13.70 35.52
C ASP B 182 5.01 -14.71 34.78
N PRO B 183 5.06 -15.97 35.22
CA PRO B 183 6.01 -16.91 34.61
C PRO B 183 5.72 -17.21 33.14
N LYS B 184 4.46 -17.13 32.71
CA LYS B 184 4.16 -17.33 31.30
C LYS B 184 4.85 -16.30 30.43
N TRP B 185 4.82 -15.03 30.87
CA TRP B 185 5.47 -13.96 30.12
C TRP B 185 6.96 -13.88 30.43
N GLU B 186 7.37 -14.30 31.63
CA GLU B 186 8.79 -14.41 31.93
C GLU B 186 9.49 -15.33 30.94
N ALA B 187 8.79 -16.38 30.49
CA ALA B 187 9.38 -17.31 29.53
C ALA B 187 9.73 -16.62 28.22
N LYS B 188 8.99 -15.57 27.85
CA LYS B 188 9.29 -14.87 26.61
C LYS B 188 10.53 -14.01 26.72
N ILE B 189 10.92 -13.62 27.94
CA ILE B 189 12.21 -12.97 28.12
C ILE B 189 13.34 -13.93 27.76
N HIS B 190 13.22 -15.19 28.17
CA HIS B 190 14.24 -16.18 27.85
C HIS B 190 14.25 -16.51 26.35
N ASP B 191 13.09 -16.47 25.70
CA ASP B 191 13.07 -16.63 24.25
C ASP B 191 13.77 -15.48 23.55
N LEU B 192 13.61 -14.27 24.09
CA LEU B 192 14.29 -13.10 23.50
C LEU B 192 15.80 -13.22 23.64
N MET B 193 16.27 -13.70 24.80
CA MET B 193 17.71 -13.92 24.98
C MET B 193 18.23 -14.95 23.98
N ASN B 194 17.46 -16.01 23.73
CA ASN B 194 17.85 -16.99 22.74
C ASN B 194 17.92 -16.37 21.35
N ALA B 195 16.95 -15.51 21.01
CA ALA B 195 16.97 -14.84 19.72
C ALA B 195 18.18 -13.92 19.59
N VAL B 196 18.50 -13.19 20.66
CA VAL B 196 19.66 -12.30 20.64
C VAL B 196 20.94 -13.12 20.51
N ASP B 197 21.03 -14.24 21.24
CA ASP B 197 22.22 -15.08 21.19
C ASP B 197 22.50 -15.56 19.77
N GLU B 198 21.45 -15.90 19.02
CA GLU B 198 21.60 -16.56 17.73
C GLU B 198 21.54 -15.62 16.54
N TRP B 199 20.81 -14.52 16.64
CA TRP B 199 20.64 -13.61 15.51
C TRP B 199 21.65 -12.46 15.52
N ILE B 200 22.04 -11.99 16.69
CA ILE B 200 22.97 -10.84 16.80
C ILE B 200 24.38 -11.38 16.70
N PRO B 201 25.13 -11.03 15.65
CA PRO B 201 26.48 -11.59 15.48
C PRO B 201 27.45 -11.04 16.50
N THR B 202 28.36 -11.90 16.96
CA THR B 202 29.40 -11.46 17.87
C THR B 202 30.28 -10.42 17.18
N PRO B 203 30.48 -9.25 17.80
CA PRO B 203 31.26 -8.20 17.12
C PRO B 203 32.70 -8.65 16.86
N GLU B 204 33.22 -8.23 15.72
CA GLU B 204 34.61 -8.46 15.38
C GLU B 204 35.50 -7.68 16.33
N ARG B 205 36.56 -8.32 16.82
CA ARG B 205 37.47 -7.67 17.75
C ARG B 205 38.14 -6.48 17.10
N GLU B 206 38.34 -5.42 17.89
CA GLU B 206 38.93 -4.19 17.35
C GLU B 206 40.34 -4.42 16.84
N VAL B 207 41.10 -5.30 17.50
CA VAL B 207 42.47 -5.56 17.10
C VAL B 207 42.53 -6.33 15.79
N ASP B 208 41.44 -6.98 15.39
CA ASP B 208 41.41 -7.77 14.16
C ASP B 208 40.91 -7.00 12.95
N LYS B 209 40.49 -5.75 13.13
CA LYS B 209 40.01 -4.95 12.02
C LYS B 209 41.17 -4.40 11.21
N PRO B 210 40.93 -3.92 9.99
CA PRO B 210 42.00 -3.30 9.21
C PRO B 210 42.66 -2.16 9.98
N PHE B 211 43.99 -2.16 9.98
CA PHE B 211 44.75 -1.20 10.78
C PHE B 211 44.42 0.22 10.35
N LEU B 212 44.22 1.10 11.34
CA LEU B 212 44.04 2.52 11.10
C LEU B 212 44.68 3.28 12.26
N LEU B 213 45.50 4.28 11.90
CA LEU B 213 46.09 5.19 12.87
C LEU B 213 45.93 6.61 12.33
N ALA B 214 45.51 7.51 13.21
CA ALA B 214 45.30 8.91 12.85
C ALA B 214 46.54 9.71 13.23
N ILE B 215 47.21 10.30 12.23
CA ILE B 215 48.44 11.02 12.47
C ILE B 215 48.15 12.33 13.20
N GLU B 216 48.81 12.54 14.33
CA GLU B 216 48.74 13.78 15.09
C GLU B 216 49.95 14.67 14.86
N ASP B 217 51.15 14.09 14.92
CA ASP B 217 52.39 14.85 14.80
C ASP B 217 53.32 14.19 13.80
N THR B 218 54.16 15.01 13.18
CA THR B 218 55.18 14.56 12.24
C THR B 218 56.53 15.04 12.72
N MET B 219 57.58 14.26 12.43
CA MET B 219 58.89 14.52 12.99
C MET B 219 59.96 13.99 12.06
N THR B 220 61.12 14.63 12.09
CA THR B 220 62.30 14.19 11.35
C THR B 220 63.40 13.87 12.36
N ILE B 221 63.73 12.59 12.50
CA ILE B 221 64.93 12.18 13.20
C ILE B 221 66.05 12.17 12.16
N THR B 222 66.97 13.14 12.29
CA THR B 222 67.85 13.51 11.19
C THR B 222 68.60 12.32 10.61
N GLY B 223 69.04 11.39 11.46
CA GLY B 223 69.79 10.25 10.98
C GLY B 223 68.92 9.07 10.57
N ARG B 224 67.71 9.00 11.12
CA ARG B 224 66.86 7.81 11.01
C ARG B 224 65.81 7.91 9.92
N GLY B 225 65.05 8.99 9.89
CA GLY B 225 64.00 9.15 8.89
C GLY B 225 62.81 9.85 9.48
N THR B 226 61.69 9.77 8.76
CA THR B 226 60.45 10.44 9.15
C THR B 226 59.66 9.56 10.12
N VAL B 227 59.18 10.16 11.20
CA VAL B 227 58.38 9.46 12.20
C VAL B 227 57.05 10.21 12.35
N VAL B 228 55.95 9.50 12.16
CA VAL B 228 54.61 10.04 12.40
C VAL B 228 54.06 9.41 13.68
N THR B 229 53.34 10.21 14.45
CA THR B 229 52.83 9.78 15.75
C THR B 229 51.33 9.99 15.81
N GLY B 230 50.63 8.99 16.33
CA GLY B 230 49.19 9.08 16.47
C GLY B 230 48.65 7.84 17.16
N ARG B 231 47.35 7.88 17.42
CA ARG B 231 46.67 6.78 18.10
C ARG B 231 46.16 5.77 17.09
N VAL B 232 46.30 4.50 17.42
CA VAL B 232 45.77 3.42 16.59
C VAL B 232 44.26 3.31 16.85
N GLU B 233 43.47 3.69 15.85
CA GLU B 233 42.02 3.57 15.98
C GLU B 233 41.59 2.12 16.08
N ARG B 234 42.18 1.25 15.27
CA ARG B 234 41.77 -0.15 15.20
C ARG B 234 42.90 -0.96 14.59
N GLY B 235 42.83 -2.27 14.81
CA GLY B 235 43.76 -3.18 14.17
C GLY B 235 45.09 -3.29 14.89
N GLU B 236 46.10 -3.70 14.12
CA GLU B 236 47.43 -3.93 14.65
C GLU B 236 48.46 -3.58 13.56
N LEU B 237 49.53 -2.92 13.97
CA LEU B 237 50.64 -2.60 13.09
C LEU B 237 51.87 -3.35 13.56
N LYS B 238 52.58 -3.98 12.63
CA LYS B 238 53.81 -4.71 12.93
C LYS B 238 54.95 -4.16 12.08
N VAL B 239 56.14 -4.15 12.66
CA VAL B 239 57.32 -3.69 11.92
C VAL B 239 57.55 -4.60 10.72
N GLY B 240 57.73 -3.98 9.55
CA GLY B 240 57.92 -4.70 8.33
C GLY B 240 56.71 -4.71 7.41
N GLN B 241 55.53 -4.40 7.94
CA GLN B 241 54.33 -4.36 7.13
C GLN B 241 54.30 -3.10 6.26
N GLU B 242 53.56 -3.19 5.17
CA GLU B 242 53.34 -2.06 4.28
C GLU B 242 52.01 -1.38 4.63
N ILE B 243 52.02 -0.06 4.63
CA ILE B 243 50.82 0.71 4.95
C ILE B 243 50.51 1.65 3.80
N GLU B 244 49.39 2.37 3.91
CA GLU B 244 49.05 3.42 2.97
C GLU B 244 48.86 4.73 3.71
N ILE B 245 49.32 5.82 3.10
CA ILE B 245 49.19 7.16 3.66
C ILE B 245 48.02 7.82 2.94
N VAL B 246 46.87 7.91 3.61
CA VAL B 246 45.61 8.30 3.00
C VAL B 246 45.20 9.66 3.53
N GLY B 247 44.97 10.60 2.62
CA GLY B 247 44.48 11.91 2.98
C GLY B 247 45.44 13.05 2.67
N LEU B 248 44.89 14.18 2.21
CA LEU B 248 45.61 15.44 2.06
C LEU B 248 46.77 15.39 1.07
N ARG B 249 47.05 14.22 0.50
CA ARG B 249 48.09 14.08 -0.51
C ARG B 249 47.76 12.86 -1.34
N PRO B 250 48.27 12.79 -2.58
CA PRO B 250 48.06 11.58 -3.39
C PRO B 250 48.48 10.33 -2.64
N ILE B 251 47.60 9.34 -2.63
CA ILE B 251 47.82 8.15 -1.83
C ILE B 251 49.10 7.44 -2.27
N ARG B 252 49.85 6.95 -1.29
CA ARG B 252 51.08 6.20 -1.57
C ARG B 252 51.26 5.15 -0.49
N LYS B 253 52.18 4.23 -0.75
CA LYS B 253 52.51 3.16 0.17
C LYS B 253 53.89 3.40 0.79
N ALA B 254 54.12 2.78 1.94
CA ALA B 254 55.40 2.87 2.62
C ALA B 254 55.51 1.72 3.61
N VAL B 255 56.74 1.29 3.86
CA VAL B 255 57.03 0.17 4.75
C VAL B 255 57.36 0.71 6.12
N VAL B 256 56.77 0.11 7.16
CA VAL B 256 57.03 0.51 8.53
C VAL B 256 58.34 -0.13 8.99
N THR B 257 59.31 0.70 9.36
CA THR B 257 60.61 0.23 9.83
C THR B 257 60.81 0.39 11.33
N GLY B 258 59.92 1.10 12.01
CA GLY B 258 60.06 1.28 13.45
C GLY B 258 58.77 1.69 14.14
N ILE B 259 58.58 1.20 15.35
CA ILE B 259 57.45 1.56 16.20
C ILE B 259 57.98 1.87 17.59
N GLU B 260 57.66 3.06 18.10
CA GLU B 260 58.16 3.51 19.40
C GLU B 260 57.01 3.90 20.30
N MET B 261 57.05 3.41 21.54
CA MET B 261 56.12 3.81 22.59
C MET B 261 56.87 3.86 23.91
N PHE B 262 56.61 4.89 24.70
CA PHE B 262 57.25 5.05 26.01
C PHE B 262 58.76 5.00 25.90
N LYS B 263 59.28 5.55 24.80
CA LYS B 263 60.72 5.66 24.54
C LYS B 263 61.39 4.31 24.39
N LYS B 264 60.68 3.30 23.88
CA LYS B 264 61.26 2.00 23.61
C LYS B 264 60.95 1.58 22.18
N GLU B 265 61.92 0.93 21.53
CA GLU B 265 61.70 0.35 20.21
C GLU B 265 60.88 -0.93 20.38
N LEU B 266 59.71 -0.95 19.75
CA LEU B 266 58.80 -2.09 19.84
C LEU B 266 58.53 -2.65 18.45
N ASP B 267 57.99 -3.87 18.43
CA ASP B 267 57.73 -4.59 17.20
C ASP B 267 56.29 -4.50 16.74
N SER B 268 55.38 -3.99 17.58
CA SER B 268 53.98 -3.93 17.18
C SER B 268 53.26 -2.86 17.99
N ALA B 269 52.15 -2.39 17.44
CA ALA B 269 51.24 -1.47 18.09
C ALA B 269 49.81 -1.88 17.74
N MET B 270 48.89 -1.67 18.69
CA MET B 270 47.52 -2.14 18.53
C MET B 270 46.55 -1.02 18.90
N ALA B 271 45.26 -1.31 18.75
CA ALA B 271 44.21 -0.34 19.00
C ALA B 271 44.33 0.26 20.41
N GLY B 272 44.27 1.59 20.48
CA GLY B 272 44.46 2.32 21.71
C GLY B 272 45.86 2.87 21.89
N ASP B 273 46.86 2.22 21.30
CA ASP B 273 48.24 2.66 21.47
C ASP B 273 48.48 3.98 20.75
N ASN B 274 49.22 4.88 21.41
CA ASN B 274 49.78 6.06 20.77
C ASN B 274 51.23 5.76 20.45
N ALA B 275 51.56 5.71 19.16
CA ALA B 275 52.85 5.20 18.73
C ALA B 275 53.47 6.10 17.68
N GLY B 276 54.78 6.27 17.76
CA GLY B 276 55.55 6.88 16.69
C GLY B 276 55.97 5.83 15.71
N VAL B 277 55.65 6.05 14.43
CA VAL B 277 55.88 5.06 13.38
C VAL B 277 56.89 5.63 12.39
N LEU B 278 58.02 4.95 12.25
CA LEU B 278 59.06 5.34 11.32
C LEU B 278 58.77 4.74 9.95
N LEU B 279 58.75 5.59 8.92
CA LEU B 279 58.35 5.19 7.57
C LEU B 279 59.52 5.35 6.62
N ARG B 280 59.81 4.28 5.86
CA ARG B 280 60.93 4.28 4.94
C ARG B 280 60.56 4.99 3.64
N GLY B 281 61.48 5.83 3.16
CA GLY B 281 61.29 6.52 1.90
C GLY B 281 60.19 7.57 1.92
N VAL B 282 59.93 8.17 3.07
CA VAL B 282 58.90 9.19 3.21
C VAL B 282 59.57 10.46 3.72
N ASP B 283 59.46 11.54 2.95
CA ASP B 283 59.93 12.84 3.40
C ASP B 283 58.90 13.48 4.32
N ARG B 284 59.37 14.38 5.17
CA ARG B 284 58.46 15.03 6.12
C ARG B 284 57.41 15.87 5.40
N LYS B 285 57.75 16.41 4.23
CA LYS B 285 56.79 17.18 3.45
C LYS B 285 55.68 16.30 2.87
N GLU B 286 55.77 14.99 3.01
CA GLU B 286 54.76 14.06 2.51
C GLU B 286 53.72 13.68 3.56
N VAL B 287 53.96 13.99 4.83
CA VAL B 287 53.03 13.63 5.90
C VAL B 287 52.62 14.89 6.65
N GLU B 288 51.43 14.85 7.23
CA GLU B 288 50.92 15.96 8.02
C GLU B 288 49.70 15.49 8.80
N ARG B 289 49.39 16.23 9.87
CA ARG B 289 48.27 15.88 10.73
C ARG B 289 46.97 15.84 9.94
N GLY B 290 46.11 14.88 10.26
CA GLY B 290 44.88 14.63 9.56
C GLY B 290 44.93 13.43 8.64
N GLN B 291 46.12 13.08 8.16
CA GLN B 291 46.30 11.85 7.39
C GLN B 291 46.08 10.64 8.28
N VAL B 292 45.93 9.49 7.65
CA VAL B 292 45.86 8.22 8.38
C VAL B 292 46.86 7.25 7.78
N LEU B 293 47.40 6.39 8.65
CA LEU B 293 48.06 5.17 8.22
C LEU B 293 47.04 4.05 8.25
N ALA B 294 47.04 3.22 7.21
CA ALA B 294 46.01 2.18 7.10
C ALA B 294 46.55 0.99 6.36
N LYS B 295 45.93 -0.16 6.61
CA LYS B 295 46.18 -1.34 5.81
C LYS B 295 45.90 -1.01 4.35
N PRO B 296 46.77 -1.38 3.41
CA PRO B 296 46.59 -0.97 2.01
C PRO B 296 45.25 -1.44 1.45
N GLY B 297 44.53 -0.52 0.82
CA GLY B 297 43.26 -0.82 0.21
C GLY B 297 42.07 -0.84 1.16
N SER B 298 42.28 -0.63 2.45
CA SER B 298 41.19 -0.72 3.41
C SER B 298 40.34 0.55 3.46
N ILE B 299 40.91 1.70 3.12
CA ILE B 299 40.18 2.96 3.15
C ILE B 299 40.76 3.87 2.08
N LYS B 300 39.91 4.73 1.54
CA LYS B 300 40.25 5.62 0.43
C LYS B 300 40.03 7.08 0.82
N PRO B 301 40.70 8.01 0.16
CA PRO B 301 40.43 9.44 0.42
C PRO B 301 39.30 9.96 -0.45
N HIS B 302 38.51 10.87 0.13
CA HIS B 302 37.35 11.40 -0.57
C HIS B 302 37.18 12.88 -0.23
N LYS B 303 36.78 13.66 -1.24
CA LYS B 303 36.38 15.04 -1.03
C LYS B 303 34.88 15.17 -0.83
N LYS B 304 34.10 14.24 -1.35
CA LYS B 304 32.65 14.30 -1.31
C LYS B 304 32.09 13.10 -0.56
N PHE B 305 31.08 13.34 0.27
CA PHE B 305 30.43 12.27 1.02
C PHE B 305 29.05 12.74 1.46
N LYS B 306 28.21 11.76 1.80
CA LYS B 306 26.91 12.00 2.41
C LYS B 306 26.98 11.62 3.89
N ALA B 307 26.18 12.31 4.71
CA ALA B 307 26.27 12.09 6.14
C ALA B 307 24.95 12.46 6.80
N GLU B 308 24.68 11.80 7.92
CA GLU B 308 23.65 12.21 8.86
C GLU B 308 24.31 13.04 9.95
N ILE B 309 23.78 14.24 10.19
CA ILE B 309 24.36 15.16 11.13
C ILE B 309 23.30 15.61 12.13
N TYR B 310 23.74 15.89 13.35
CA TYR B 310 22.91 16.52 14.37
C TYR B 310 23.49 17.88 14.68
N ALA B 311 22.66 18.92 14.55
CA ALA B 311 23.08 20.29 14.85
C ALA B 311 22.86 20.54 16.33
N LEU B 312 23.92 20.94 17.03
CA LEU B 312 23.84 21.18 18.46
C LEU B 312 22.93 22.37 18.75
N LYS B 313 22.12 22.25 19.80
CA LYS B 313 21.31 23.37 20.23
C LYS B 313 22.19 24.45 20.85
N LYS B 314 21.61 25.64 20.98
CA LYS B 314 22.34 26.76 21.57
C LYS B 314 22.82 26.43 22.98
N GLU B 315 21.95 25.82 23.78
CA GLU B 315 22.33 25.46 25.14
C GLU B 315 23.38 24.36 25.18
N GLU B 316 23.60 23.66 24.07
CA GLU B 316 24.66 22.67 23.97
C GLU B 316 25.97 23.26 23.46
N GLY B 317 26.03 24.58 23.29
CA GLY B 317 27.20 25.23 22.75
C GLY B 317 27.24 25.39 21.25
N GLY B 318 26.11 25.15 20.57
CA GLY B 318 26.04 25.24 19.12
C GLY B 318 25.62 26.62 18.65
N ARG B 319 25.18 26.67 17.40
CA ARG B 319 24.73 27.92 16.81
C ARG B 319 23.48 28.44 17.52
N HIS B 320 23.34 29.76 17.56
CA HIS B 320 22.11 30.38 18.02
C HIS B 320 21.06 30.44 16.92
N THR B 321 21.47 30.30 15.67
CA THR B 321 20.61 30.49 14.53
C THR B 321 20.85 29.36 13.53
N GLY B 322 19.89 29.18 12.62
CA GLY B 322 20.02 28.15 11.61
C GLY B 322 20.99 28.53 10.50
N PHE B 323 21.52 27.52 9.83
CA PHE B 323 22.41 27.74 8.70
C PHE B 323 21.74 27.33 7.40
N LEU B 324 22.20 27.92 6.31
CA LEU B 324 21.57 27.81 5.00
C LEU B 324 22.35 26.87 4.10
N ASN B 325 21.80 26.65 2.91
CA ASN B 325 22.52 25.85 1.90
C ASN B 325 23.80 26.61 1.53
N GLY B 326 24.93 25.92 1.52
CA GLY B 326 26.22 26.56 1.19
C GLY B 326 26.98 26.90 2.43
N TYR B 327 26.45 26.52 3.58
CA TYR B 327 27.20 26.71 4.85
C TYR B 327 28.59 26.10 4.63
N ARG B 328 29.61 26.87 4.92
CA ARG B 328 31.00 26.41 4.67
C ARG B 328 31.77 26.30 5.99
N PRO B 329 31.45 25.32 6.86
CA PRO B 329 32.13 25.21 8.13
C PRO B 329 33.37 24.31 8.07
N GLN B 330 33.93 24.00 9.22
CA GLN B 330 35.04 23.06 9.27
C GLN B 330 34.51 21.68 9.62
N PHE B 331 35.13 20.66 9.03
CA PHE B 331 34.77 19.26 9.27
C PHE B 331 35.96 18.59 9.95
N TYR B 332 35.84 18.39 11.26
CA TYR B 332 36.94 17.86 12.07
C TYR B 332 36.94 16.34 11.98
N PHE B 333 37.96 15.79 11.33
CA PHE B 333 38.08 14.35 11.13
C PHE B 333 39.26 13.86 11.97
N ARG B 334 38.95 13.21 13.10
CA ARG B 334 39.92 12.56 13.96
C ARG B 334 40.90 13.54 14.61
N THR B 335 41.74 14.21 13.81
CA THR B 335 42.80 15.03 14.36
C THR B 335 42.85 16.46 13.81
N THR B 336 42.15 16.76 12.72
CA THR B 336 42.20 18.09 12.14
C THR B 336 40.89 18.36 11.43
N ASP B 337 40.65 19.64 11.15
CA ASP B 337 39.44 20.05 10.45
C ASP B 337 39.75 20.40 9.00
N VAL B 338 38.79 20.12 8.13
CA VAL B 338 38.86 20.46 6.71
C VAL B 338 37.61 21.26 6.36
N THR B 339 37.80 22.44 5.78
CA THR B 339 36.67 23.24 5.35
C THR B 339 35.92 22.53 4.24
N GLY B 340 34.59 22.63 4.27
CA GLY B 340 33.77 22.03 3.25
C GLY B 340 32.43 22.73 3.15
N SER B 341 31.78 22.54 2.01
CA SER B 341 30.48 23.15 1.74
C SER B 341 29.38 22.10 1.91
N ILE B 342 28.26 22.54 2.48
CA ILE B 342 27.13 21.66 2.78
C ILE B 342 26.02 21.91 1.78
N SER B 343 25.55 20.83 1.15
CA SER B 343 24.39 20.86 0.28
C SER B 343 23.26 20.08 0.93
N LEU B 344 22.10 20.71 1.04
CA LEU B 344 20.98 20.20 1.81
C LEU B 344 20.01 19.43 0.93
N PRO B 345 19.23 18.51 1.50
CA PRO B 345 18.23 17.79 0.70
C PRO B 345 17.12 18.73 0.25
N GLU B 346 16.36 18.26 -0.75
CA GLU B 346 15.31 19.08 -1.33
C GLU B 346 14.30 19.49 -0.28
N ASN B 347 13.86 20.75 -0.36
CA ASN B 347 12.87 21.40 0.49
C ASN B 347 13.38 21.65 1.91
N THR B 348 14.63 21.29 2.23
CA THR B 348 15.27 21.69 3.47
C THR B 348 16.22 22.83 3.15
N GLU B 349 15.77 24.06 3.38
CA GLU B 349 16.55 25.24 3.06
C GLU B 349 17.26 25.83 4.28
N MET B 350 16.96 25.36 5.48
CA MET B 350 17.65 25.81 6.68
C MET B 350 17.66 24.68 7.70
N VAL B 351 18.81 24.48 8.32
CA VAL B 351 18.98 23.49 9.38
C VAL B 351 19.10 24.24 10.70
N LEU B 352 18.15 24.01 11.58
CA LEU B 352 18.08 24.72 12.84
C LEU B 352 18.90 24.02 13.92
N PRO B 353 19.33 24.74 14.94
CA PRO B 353 19.96 24.07 16.09
C PRO B 353 19.01 23.08 16.73
N GLY B 354 19.50 21.86 16.93
CA GLY B 354 18.67 20.78 17.43
C GLY B 354 18.15 19.85 16.36
N ASP B 355 18.34 20.18 15.09
CA ASP B 355 17.85 19.34 14.01
C ASP B 355 18.82 18.21 13.72
N ASN B 356 18.30 17.18 13.07
CA ASN B 356 19.11 16.14 12.44
C ASN B 356 18.66 16.01 11.00
N THR B 357 19.62 15.89 10.09
CA THR B 357 19.30 15.83 8.67
C THR B 357 20.44 15.16 7.92
N SER B 358 20.09 14.57 6.78
CA SER B 358 21.10 14.08 5.86
C SER B 358 21.63 15.25 5.02
N ILE B 359 22.94 15.26 4.81
CA ILE B 359 23.58 16.33 4.04
C ILE B 359 24.60 15.71 3.08
N THR B 360 24.99 16.52 2.10
CA THR B 360 26.08 16.19 1.18
C THR B 360 27.17 17.24 1.33
N VAL B 361 28.42 16.79 1.38
CA VAL B 361 29.56 17.66 1.68
C VAL B 361 30.57 17.55 0.55
N GLU B 362 31.19 18.67 0.20
CA GLU B 362 32.34 18.71 -0.69
C GLU B 362 33.46 19.46 0.04
N LEU B 363 34.50 18.74 0.44
CA LEU B 363 35.62 19.34 1.14
C LEU B 363 36.59 19.98 0.14
N ILE B 364 37.44 20.86 0.65
CA ILE B 364 38.48 21.47 -0.18
C ILE B 364 39.68 20.57 -0.37
N ALA B 365 39.80 19.51 0.43
CA ALA B 365 40.91 18.57 0.35
C ALA B 365 40.39 17.17 0.64
N PRO B 366 41.02 16.15 0.05
CA PRO B 366 40.56 14.77 0.30
C PRO B 366 40.98 14.29 1.69
N ILE B 367 40.02 13.75 2.43
CA ILE B 367 40.29 13.15 3.73
C ILE B 367 39.91 11.68 3.66
N ALA B 368 40.66 10.87 4.39
CA ALA B 368 40.34 9.45 4.49
C ALA B 368 39.04 9.27 5.27
N CYS B 369 38.05 8.67 4.61
CA CYS B 369 36.77 8.45 5.27
C CYS B 369 36.07 7.27 4.62
N GLU B 370 35.09 6.73 5.34
CA GLU B 370 34.33 5.57 4.93
C GLU B 370 32.95 5.67 5.55
N LYS B 371 32.08 4.72 5.21
CA LYS B 371 30.79 4.64 5.87
C LYS B 371 30.99 4.37 7.35
N GLY B 372 30.41 5.22 8.19
CA GLY B 372 30.56 5.12 9.63
C GLY B 372 31.62 6.04 10.21
N SER B 373 32.39 6.74 9.38
CA SER B 373 33.37 7.68 9.89
C SER B 373 32.67 8.82 10.62
N LYS B 374 33.10 9.08 11.84
CA LYS B 374 32.53 10.15 12.65
C LYS B 374 33.34 11.43 12.48
N PHE B 375 32.64 12.56 12.58
CA PHE B 375 33.28 13.85 12.45
C PHE B 375 32.47 14.89 13.23
N SER B 376 33.11 16.01 13.50
CA SER B 376 32.46 17.16 14.12
C SER B 376 32.35 18.30 13.12
N ILE B 377 31.27 19.06 13.24
CA ILE B 377 31.12 20.33 12.53
C ILE B 377 31.54 21.44 13.49
N ARG B 378 32.52 22.22 13.05
CA ARG B 378 33.08 23.27 13.91
C ARG B 378 33.05 24.63 13.20
N GLU B 379 32.83 25.68 13.98
CA GLU B 379 32.75 27.05 13.43
C GLU B 379 33.48 27.93 14.44
N GLY B 380 34.51 28.63 13.99
CA GLY B 380 35.32 29.43 14.90
C GLY B 380 35.92 28.63 16.04
N GLY B 381 36.24 27.36 15.81
CA GLY B 381 36.85 26.52 16.80
C GLY B 381 35.90 25.77 17.70
N ARG B 382 34.63 26.18 17.76
CA ARG B 382 33.66 25.57 18.65
C ARG B 382 32.76 24.61 17.89
N THR B 383 32.42 23.50 18.53
CA THR B 383 31.64 22.44 17.90
C THR B 383 30.18 22.85 17.80
N VAL B 384 29.64 22.84 16.59
CA VAL B 384 28.23 23.16 16.35
C VAL B 384 27.44 21.98 15.83
N GLY B 385 28.09 20.87 15.48
CA GLY B 385 27.39 19.72 14.97
C GLY B 385 28.22 18.46 15.06
N ALA B 386 27.54 17.32 14.94
CA ALA B 386 28.16 16.01 14.94
C ALA B 386 27.58 15.18 13.81
N GLY B 387 28.44 14.44 13.11
CA GLY B 387 28.01 13.75 11.91
C GLY B 387 28.58 12.34 11.83
N SER B 388 27.98 11.55 10.94
CA SER B 388 28.40 10.18 10.68
C SER B 388 28.28 9.94 9.18
N VAL B 389 29.40 9.63 8.53
CA VAL B 389 29.41 9.47 7.08
C VAL B 389 28.57 8.26 6.70
N THR B 390 27.64 8.47 5.77
CA THR B 390 26.76 7.40 5.29
C THR B 390 27.09 6.89 3.90
N GLU B 391 27.77 7.70 3.08
CA GLU B 391 28.14 7.29 1.73
C GLU B 391 29.37 8.10 1.32
N VAL B 392 30.30 7.44 0.64
CA VAL B 392 31.50 8.08 0.14
C VAL B 392 31.38 8.25 -1.37
N LEU B 393 31.73 9.43 -1.86
CA LEU B 393 31.70 9.70 -3.29
C LEU B 393 33.07 10.22 -3.74
N PRO C 11 -42.10 30.39 -21.37
CA PRO C 11 -42.06 29.28 -20.41
C PRO C 11 -41.47 28.01 -21.04
N HIS C 12 -40.57 27.35 -20.33
CA HIS C 12 -39.87 26.18 -20.84
C HIS C 12 -40.41 24.92 -20.16
N VAL C 13 -40.64 23.89 -20.98
CA VAL C 13 -41.24 22.64 -20.52
C VAL C 13 -40.41 21.47 -21.02
N ASN C 14 -40.17 20.51 -20.15
CA ASN C 14 -39.46 19.28 -20.49
C ASN C 14 -40.47 18.16 -20.75
N VAL C 15 -40.53 17.68 -21.98
CA VAL C 15 -41.41 16.56 -22.32
C VAL C 15 -40.58 15.45 -22.94
N GLY C 16 -41.23 14.33 -23.27
CA GLY C 16 -40.56 13.20 -23.88
C GLY C 16 -41.50 12.13 -24.38
N THR C 17 -41.08 11.39 -25.41
CA THR C 17 -41.91 10.34 -26.00
C THR C 17 -41.59 9.01 -25.34
N ILE C 18 -42.62 8.39 -24.76
CA ILE C 18 -42.51 7.06 -24.17
C ILE C 18 -43.41 6.10 -24.94
N GLY C 19 -43.24 4.81 -24.67
CA GLY C 19 -44.06 3.80 -25.34
C GLY C 19 -43.29 2.54 -25.69
N HIS C 20 -43.99 1.58 -26.29
CA HIS C 20 -43.35 0.32 -26.67
C HIS C 20 -42.48 0.52 -27.91
N ILE C 21 -41.50 -0.38 -28.07
CA ILE C 21 -40.59 -0.29 -29.19
C ILE C 21 -41.34 -0.45 -30.50
N ASP C 22 -40.93 0.32 -31.51
CA ASP C 22 -41.46 0.31 -32.88
C ASP C 22 -42.84 0.94 -33.01
N HIS C 23 -43.39 1.52 -31.95
CA HIS C 23 -44.72 2.11 -32.07
C HIS C 23 -44.70 3.51 -32.66
N GLY C 24 -43.54 4.16 -32.73
CA GLY C 24 -43.40 5.39 -33.49
C GLY C 24 -42.92 6.61 -32.73
N LYS C 25 -42.15 6.41 -31.66
CA LYS C 25 -41.68 7.54 -30.86
C LYS C 25 -40.75 8.45 -31.65
N THR C 26 -39.70 7.87 -32.26
CA THR C 26 -38.74 8.67 -32.99
C THR C 26 -39.36 9.29 -34.23
N THR C 27 -40.21 8.54 -34.93
CA THR C 27 -40.93 9.10 -36.07
C THR C 27 -41.79 10.29 -35.64
N LEU C 28 -42.46 10.18 -34.49
CA LEU C 28 -43.27 11.29 -33.99
C LEU C 28 -42.39 12.48 -33.61
N THR C 29 -41.23 12.22 -33.00
CA THR C 29 -40.32 13.31 -32.68
C THR C 29 -39.87 14.05 -33.93
N ALA C 30 -39.58 13.30 -35.00
CA ALA C 30 -39.18 13.94 -36.25
C ALA C 30 -40.35 14.66 -36.91
N ALA C 31 -41.56 14.09 -36.81
CA ALA C 31 -42.72 14.74 -37.40
C ALA C 31 -43.03 16.06 -36.71
N ILE C 32 -42.87 16.13 -35.38
CA ILE C 32 -43.11 17.37 -34.65
C ILE C 32 -42.13 18.45 -35.09
N CYS C 33 -40.84 18.10 -35.11
CA CYS C 33 -39.82 19.06 -35.53
C CYS C 33 -40.05 19.54 -36.95
N THR C 34 -40.31 18.61 -37.87
CA THR C 34 -40.47 18.96 -39.28
C THR C 34 -41.72 19.82 -39.51
N VAL C 35 -42.84 19.46 -38.88
CA VAL C 35 -44.07 20.22 -39.06
C VAL C 35 -43.90 21.64 -38.51
N LEU C 36 -43.33 21.77 -37.31
CA LEU C 36 -43.14 23.09 -36.72
C LEU C 36 -42.07 23.89 -37.45
N ALA C 37 -41.11 23.21 -38.09
CA ALA C 37 -40.05 23.90 -38.81
C ALA C 37 -40.59 24.71 -39.99
N LYS C 38 -41.78 24.35 -40.51
CA LYS C 38 -42.39 25.14 -41.56
C LYS C 38 -42.92 26.48 -41.07
N GLU C 39 -43.05 26.66 -39.76
CA GLU C 39 -43.44 27.93 -39.17
C GLU C 39 -42.26 28.65 -38.52
N GLY C 40 -41.04 28.16 -38.71
CA GLY C 40 -39.90 28.74 -38.03
C GLY C 40 -39.90 28.50 -36.54
N LYS C 41 -40.48 27.39 -36.08
CA LYS C 41 -40.55 27.06 -34.67
C LYS C 41 -39.72 25.83 -34.31
N SER C 42 -38.93 25.33 -35.24
CA SER C 42 -38.05 24.19 -35.02
C SER C 42 -37.06 24.13 -36.18
N ALA C 43 -36.00 23.35 -36.00
CA ALA C 43 -34.89 23.32 -36.95
C ALA C 43 -34.96 22.18 -37.96
N ALA C 44 -36.08 21.45 -38.01
CA ALA C 44 -36.26 20.35 -38.95
C ALA C 44 -35.22 19.24 -38.78
N THR C 45 -35.38 18.41 -37.74
CA THR C 45 -34.55 17.22 -37.57
C THR C 45 -35.21 16.07 -38.33
N ARG C 46 -34.38 15.22 -38.96
CA ARG C 46 -34.85 14.29 -40.00
C ARG C 46 -34.63 12.85 -39.56
N TYR C 47 -35.54 12.34 -38.73
CA TYR C 47 -35.59 10.96 -38.23
C TYR C 47 -34.24 10.30 -37.99
N ASP C 48 -33.41 10.16 -39.04
CA ASP C 48 -32.17 9.42 -38.92
C ASP C 48 -31.22 10.05 -37.91
N GLN C 49 -31.31 11.36 -37.68
CA GLN C 49 -30.49 11.99 -36.66
C GLN C 49 -30.92 11.57 -35.27
N ILE C 50 -32.23 11.41 -35.04
CA ILE C 50 -32.73 10.99 -33.74
C ILE C 50 -32.64 9.49 -33.52
N ASP C 51 -32.46 8.71 -34.59
CA ASP C 51 -32.46 7.25 -34.47
C ASP C 51 -31.14 6.63 -34.93
N ALA C 58 -20.76 1.17 -21.05
CA ALA C 58 -19.60 2.01 -21.28
C ALA C 58 -19.42 3.01 -20.14
N ARG C 59 -18.18 3.14 -19.65
CA ARG C 59 -17.85 3.99 -18.51
C ARG C 59 -18.68 3.60 -17.31
N GLY C 60 -19.67 4.43 -16.98
CA GLY C 60 -20.59 4.12 -15.89
C GLY C 60 -21.94 3.68 -16.42
N ILE C 61 -23.01 4.14 -15.78
CA ILE C 61 -24.34 3.87 -16.29
C ILE C 61 -24.51 4.57 -17.63
N THR C 62 -24.87 3.80 -18.66
CA THR C 62 -24.90 4.28 -20.03
C THR C 62 -26.36 4.47 -20.46
N ILE C 63 -26.79 5.73 -20.53
CA ILE C 63 -28.13 6.06 -21.01
C ILE C 63 -27.98 6.72 -22.38
N ASN C 64 -28.57 6.09 -23.40
CA ASN C 64 -28.62 6.66 -24.74
C ASN C 64 -29.90 7.47 -24.88
N SER C 65 -29.75 8.75 -25.20
CA SER C 65 -30.91 9.62 -25.34
C SER C 65 -30.62 10.66 -26.40
N ALA C 66 -31.63 10.96 -27.21
CA ALA C 66 -31.62 12.07 -28.15
C ALA C 66 -32.43 13.23 -27.58
N HIS C 67 -32.13 14.43 -28.04
CA HIS C 67 -32.76 15.63 -27.50
C HIS C 67 -32.99 16.64 -28.61
N VAL C 68 -34.23 17.11 -28.72
CA VAL C 68 -34.60 18.13 -29.69
C VAL C 68 -35.35 19.24 -28.97
N GLU C 69 -35.46 20.38 -29.64
CA GLU C 69 -36.18 21.54 -29.12
C GLU C 69 -37.14 22.06 -30.18
N TYR C 70 -38.33 22.47 -29.73
CA TYR C 70 -39.30 23.11 -30.61
C TYR C 70 -40.21 24.01 -29.77
N SER C 71 -40.85 24.95 -30.44
CA SER C 71 -41.75 25.90 -29.80
C SER C 71 -43.15 25.75 -30.37
N SER C 72 -44.15 25.96 -29.52
CA SER C 72 -45.54 25.73 -29.88
C SER C 72 -46.20 26.99 -30.42
N ASP C 73 -46.22 28.04 -29.59
CA ASP C 73 -47.01 29.25 -29.73
C ASP C 73 -47.04 29.89 -28.36
N LYS C 74 -47.12 29.02 -27.35
CA LYS C 74 -47.16 29.40 -25.95
C LYS C 74 -45.85 29.13 -25.22
N ARG C 75 -45.19 28.01 -25.50
CA ARG C 75 -44.06 27.57 -24.70
C ARG C 75 -42.96 27.01 -25.59
N HIS C 76 -41.74 26.97 -25.02
CA HIS C 76 -40.61 26.27 -25.62
C HIS C 76 -40.51 24.89 -24.99
N TYR C 77 -40.11 23.91 -25.79
CA TYR C 77 -40.13 22.51 -25.35
C TYR C 77 -38.75 21.88 -25.54
N ALA C 78 -38.27 21.22 -24.49
CA ALA C 78 -37.13 20.32 -24.58
C ALA C 78 -37.68 18.89 -24.59
N HIS C 79 -37.41 18.17 -25.67
CA HIS C 79 -38.03 16.89 -25.95
C HIS C 79 -36.96 15.80 -25.96
N VAL C 80 -37.17 14.76 -25.15
CA VAL C 80 -36.24 13.64 -25.05
C VAL C 80 -36.85 12.42 -25.71
N ASP C 81 -36.02 11.66 -26.41
CA ASP C 81 -36.43 10.45 -27.09
C ASP C 81 -35.31 9.43 -26.96
N CYS C 82 -35.68 8.16 -26.74
CA CYS C 82 -34.69 7.13 -26.48
C CYS C 82 -34.92 5.91 -27.36
N PRO C 83 -33.85 5.29 -27.85
CA PRO C 83 -34.01 4.12 -28.74
C PRO C 83 -34.51 2.89 -28.01
N GLY C 84 -33.94 2.60 -26.83
CA GLY C 84 -34.15 1.32 -26.16
C GLY C 84 -35.07 1.41 -24.96
N HIS C 85 -35.78 0.31 -24.70
CA HIS C 85 -36.57 0.17 -23.48
C HIS C 85 -35.70 0.40 -22.25
N ALA C 86 -34.49 -0.16 -22.23
CA ALA C 86 -33.61 0.02 -21.08
C ALA C 86 -33.19 1.47 -20.90
N ASP C 87 -33.08 2.22 -21.99
CA ASP C 87 -32.75 3.63 -21.89
C ASP C 87 -33.82 4.40 -21.14
N TYR C 88 -35.09 4.10 -21.43
CA TYR C 88 -36.19 4.76 -20.72
C TYR C 88 -36.19 4.38 -19.24
N ILE C 89 -35.93 3.11 -18.92
CA ILE C 89 -35.89 2.67 -17.53
C ILE C 89 -34.79 3.40 -16.78
N LYS C 90 -33.58 3.42 -17.34
CA LYS C 90 -32.46 4.08 -16.68
C LYS C 90 -32.68 5.58 -16.58
N ASN C 91 -33.22 6.20 -17.64
CA ASN C 91 -33.36 7.65 -17.68
C ASN C 91 -34.43 8.12 -16.70
N MET C 92 -35.51 7.35 -16.54
CA MET C 92 -36.58 7.76 -15.65
C MET C 92 -36.21 7.49 -14.19
N ILE C 93 -35.51 6.40 -13.92
CA ILE C 93 -35.16 6.06 -12.54
C ILE C 93 -34.13 7.03 -11.99
N THR C 94 -33.06 7.28 -12.76
CA THR C 94 -32.03 8.21 -12.31
C THR C 94 -32.50 9.65 -12.29
N GLY C 95 -33.57 9.98 -13.03
CA GLY C 95 -34.03 11.34 -13.09
C GLY C 95 -33.41 12.18 -14.20
N ALA C 96 -32.47 11.62 -14.95
CA ALA C 96 -31.94 12.33 -16.11
C ALA C 96 -33.02 12.58 -17.17
N ALA C 97 -34.14 11.85 -17.09
CA ALA C 97 -35.31 12.13 -17.93
C ALA C 97 -36.21 13.16 -17.25
N GLN C 98 -35.64 14.35 -17.04
CA GLN C 98 -36.41 15.48 -16.53
C GLN C 98 -37.64 15.67 -17.42
N MET C 99 -38.82 15.33 -16.89
CA MET C 99 -40.03 15.29 -17.70
C MET C 99 -41.16 15.94 -16.92
N ASP C 100 -41.64 17.09 -17.42
CA ASP C 100 -42.83 17.72 -16.86
C ASP C 100 -44.09 17.05 -17.38
N GLY C 101 -44.01 16.42 -18.54
CA GLY C 101 -45.10 15.63 -19.10
C GLY C 101 -44.53 14.65 -20.08
N ALA C 102 -45.33 13.63 -20.39
CA ALA C 102 -44.90 12.60 -21.33
C ALA C 102 -45.88 12.52 -22.50
N ILE C 103 -45.33 12.16 -23.66
CA ILE C 103 -46.13 11.90 -24.86
C ILE C 103 -46.10 10.40 -25.08
N LEU C 104 -47.17 9.71 -24.70
CA LEU C 104 -47.23 8.26 -24.79
C LEU C 104 -47.63 7.87 -26.20
N VAL C 105 -46.72 7.23 -26.92
CA VAL C 105 -46.99 6.74 -28.27
C VAL C 105 -47.47 5.30 -28.15
N VAL C 106 -48.67 5.03 -28.66
CA VAL C 106 -49.25 3.70 -28.69
C VAL C 106 -49.66 3.41 -30.13
N SER C 107 -49.15 2.32 -30.69
CA SER C 107 -49.50 1.94 -32.05
C SER C 107 -50.91 1.36 -32.08
N ALA C 108 -51.76 1.92 -32.96
CA ALA C 108 -53.14 1.43 -33.07
C ALA C 108 -53.21 0.02 -33.65
N THR C 109 -52.15 -0.45 -34.29
CA THR C 109 -52.12 -1.80 -34.86
C THR C 109 -51.65 -2.85 -33.88
N ASP C 110 -51.04 -2.45 -32.75
CA ASP C 110 -50.58 -3.38 -31.75
C ASP C 110 -51.30 -3.25 -30.42
N SER C 111 -51.99 -2.14 -30.17
CA SER C 111 -52.60 -1.83 -28.89
C SER C 111 -51.54 -1.71 -27.80
N VAL C 112 -51.96 -1.68 -26.53
CA VAL C 112 -51.01 -1.57 -25.43
C VAL C 112 -50.12 -2.80 -25.41
N MET C 113 -48.80 -2.57 -25.32
CA MET C 113 -47.83 -3.65 -25.27
C MET C 113 -47.09 -3.61 -23.92
N PRO C 114 -46.34 -4.66 -23.56
CA PRO C 114 -45.72 -4.69 -22.23
C PRO C 114 -44.92 -3.45 -21.85
N GLN C 115 -44.11 -2.91 -22.76
CA GLN C 115 -43.31 -1.74 -22.42
C GLN C 115 -44.18 -0.50 -22.26
N THR C 116 -45.31 -0.44 -22.96
CA THR C 116 -46.27 0.64 -22.74
C THR C 116 -46.72 0.67 -21.28
N ARG C 117 -47.08 -0.50 -20.74
CA ARG C 117 -47.49 -0.58 -19.35
C ARG C 117 -46.34 -0.26 -18.40
N GLU C 118 -45.13 -0.74 -18.72
CA GLU C 118 -44.00 -0.52 -17.84
C GLU C 118 -43.63 0.95 -17.78
N HIS C 119 -43.67 1.66 -18.91
CA HIS C 119 -43.35 3.09 -18.91
C HIS C 119 -44.39 3.89 -18.15
N ILE C 120 -45.66 3.47 -18.20
CA ILE C 120 -46.69 4.17 -17.44
C ILE C 120 -46.51 3.93 -15.95
N LEU C 121 -46.22 2.69 -15.56
CA LEU C 121 -45.91 2.40 -14.17
C LEU C 121 -44.74 3.26 -13.68
N LEU C 122 -43.64 3.25 -14.43
CA LEU C 122 -42.48 4.06 -14.06
C LEU C 122 -42.82 5.54 -14.00
N ALA C 123 -43.71 6.00 -14.87
CA ALA C 123 -44.10 7.42 -14.87
C ALA C 123 -44.77 7.80 -13.55
N ARG C 124 -45.62 6.93 -13.02
CA ARG C 124 -46.20 7.18 -11.71
C ARG C 124 -45.15 7.08 -10.61
N GLN C 125 -44.25 6.11 -10.71
CA GLN C 125 -43.27 5.89 -9.65
C GLN C 125 -42.33 7.08 -9.47
N VAL C 126 -41.99 7.76 -10.56
CA VAL C 126 -41.09 8.91 -10.49
C VAL C 126 -41.83 10.24 -10.49
N GLY C 127 -43.15 10.22 -10.64
CA GLY C 127 -43.94 11.42 -10.46
C GLY C 127 -44.17 12.26 -11.71
N VAL C 128 -44.30 11.63 -12.88
CA VAL C 128 -44.67 12.36 -14.08
C VAL C 128 -46.08 12.90 -13.87
N PRO C 129 -46.28 14.21 -13.89
CA PRO C 129 -47.59 14.76 -13.52
C PRO C 129 -48.72 14.34 -14.44
N ARG C 130 -48.52 14.43 -15.75
CA ARG C 130 -49.60 14.15 -16.70
C ARG C 130 -49.02 13.62 -17.99
N MET C 131 -49.91 13.17 -18.87
CA MET C 131 -49.50 12.61 -20.15
C MET C 131 -50.49 13.01 -21.23
N VAL C 132 -49.99 13.09 -22.45
CA VAL C 132 -50.81 13.16 -23.66
C VAL C 132 -50.52 11.90 -24.48
N VAL C 133 -51.55 11.34 -25.08
CA VAL C 133 -51.44 10.10 -25.84
C VAL C 133 -51.47 10.42 -27.33
N PHE C 134 -50.54 9.84 -28.08
CA PHE C 134 -50.56 9.87 -29.53
C PHE C 134 -50.83 8.45 -30.02
N LEU C 135 -52.07 8.17 -30.39
CA LEU C 135 -52.46 6.88 -30.94
C LEU C 135 -51.96 6.83 -32.38
N ASN C 136 -50.88 6.09 -32.61
CA ASN C 136 -50.11 6.17 -33.83
C ASN C 136 -50.54 5.11 -34.85
N LYS C 137 -50.04 5.29 -36.08
CA LYS C 137 -50.25 4.35 -37.19
C LYS C 137 -51.72 4.21 -37.54
N CYS C 138 -52.49 5.29 -37.38
CA CYS C 138 -53.89 5.28 -37.82
C CYS C 138 -54.00 5.31 -39.35
N ASP C 139 -52.89 5.51 -40.06
CA ASP C 139 -52.91 5.43 -41.52
C ASP C 139 -53.04 4.01 -42.03
N ILE C 140 -52.71 3.01 -41.21
CA ILE C 140 -52.80 1.61 -41.61
C ILE C 140 -53.87 0.86 -40.80
N ALA C 141 -54.04 1.21 -39.52
CA ALA C 141 -55.19 0.73 -38.75
C ALA C 141 -56.29 1.79 -38.87
N THR C 142 -57.05 1.69 -39.96
CA THR C 142 -57.96 2.75 -40.36
C THR C 142 -59.42 2.49 -39.97
N ASP C 143 -59.69 1.40 -39.26
CA ASP C 143 -61.07 0.96 -39.02
C ASP C 143 -61.94 2.07 -38.44
N GLU C 144 -61.64 2.47 -37.20
CA GLU C 144 -62.34 3.42 -36.33
C GLU C 144 -62.76 2.69 -35.05
N GLU C 145 -63.41 1.53 -35.22
CA GLU C 145 -63.72 0.70 -34.06
C GLU C 145 -62.46 0.14 -33.43
N VAL C 146 -61.51 -0.30 -34.25
CA VAL C 146 -60.23 -0.76 -33.74
C VAL C 146 -59.50 0.37 -33.03
N GLN C 147 -59.53 1.57 -33.61
CA GLN C 147 -58.91 2.73 -32.98
C GLN C 147 -59.55 3.03 -31.63
N GLU C 148 -60.88 3.11 -31.59
CA GLU C 148 -61.57 3.41 -30.35
C GLU C 148 -61.34 2.32 -29.31
N LEU C 149 -61.13 1.09 -29.75
CA LEU C 149 -60.86 0.01 -28.80
C LEU C 149 -59.50 0.19 -28.12
N VAL C 150 -58.48 0.56 -28.89
CA VAL C 150 -57.17 0.79 -28.31
C VAL C 150 -57.21 1.98 -27.35
N ALA C 151 -57.88 3.07 -27.75
CA ALA C 151 -57.90 4.27 -26.92
C ALA C 151 -58.58 4.01 -25.58
N GLU C 152 -59.67 3.24 -25.57
CA GLU C 152 -60.32 2.91 -24.31
C GLU C 152 -59.43 2.03 -23.46
N GLU C 153 -58.67 1.13 -24.08
CA GLU C 153 -57.69 0.33 -23.33
C GLU C 153 -56.60 1.23 -22.74
N VAL C 154 -56.17 2.23 -23.50
CA VAL C 154 -55.18 3.18 -22.97
C VAL C 154 -55.75 3.96 -21.80
N ARG C 155 -57.01 4.38 -21.92
CA ARG C 155 -57.63 5.15 -20.83
C ARG C 155 -57.76 4.30 -19.56
N ASP C 156 -58.13 3.03 -19.71
CA ASP C 156 -58.22 2.16 -18.56
C ASP C 156 -56.85 1.92 -17.93
N LEU C 157 -55.82 1.76 -18.75
CA LEU C 157 -54.47 1.61 -18.24
C LEU C 157 -54.01 2.85 -17.51
N LEU C 158 -54.33 4.03 -18.05
CA LEU C 158 -53.97 5.28 -17.39
C LEU C 158 -54.67 5.43 -16.05
N THR C 159 -55.99 5.24 -16.03
CA THR C 159 -56.75 5.35 -14.80
C THR C 159 -56.29 4.32 -13.78
N SER C 160 -55.96 3.11 -14.24
CA SER C 160 -55.50 2.06 -13.33
C SER C 160 -54.21 2.44 -12.63
N TYR C 161 -53.41 3.35 -13.20
CA TYR C 161 -52.14 3.75 -12.62
C TYR C 161 -52.18 5.17 -12.05
N GLY C 162 -53.37 5.69 -11.76
CA GLY C 162 -53.50 6.96 -11.07
C GLY C 162 -53.66 8.18 -11.95
N PHE C 163 -53.51 8.05 -13.26
CA PHE C 163 -53.68 9.19 -14.15
C PHE C 163 -55.16 9.38 -14.48
N ASP C 164 -55.48 10.58 -15.00
CA ASP C 164 -56.84 10.90 -15.42
C ASP C 164 -57.05 10.35 -16.83
N GLY C 165 -57.30 9.04 -16.90
CA GLY C 165 -57.56 8.41 -18.18
C GLY C 165 -58.80 8.94 -18.87
N LYS C 166 -59.79 9.37 -18.08
CA LYS C 166 -61.03 9.87 -18.67
C LYS C 166 -60.80 11.11 -19.52
N ASN C 167 -60.00 12.05 -19.03
CA ASN C 167 -59.82 13.34 -19.67
C ASN C 167 -58.45 13.51 -20.33
N THR C 168 -57.61 12.49 -20.33
CA THR C 168 -56.31 12.60 -20.99
C THR C 168 -56.49 12.73 -22.49
N PRO C 169 -55.89 13.72 -23.14
CA PRO C 169 -56.05 13.88 -24.59
C PRO C 169 -55.43 12.71 -25.35
N ILE C 170 -56.21 12.14 -26.26
CA ILE C 170 -55.73 11.12 -27.18
C ILE C 170 -55.90 11.66 -28.58
N ILE C 171 -54.80 11.74 -29.32
CA ILE C 171 -54.80 12.23 -30.70
C ILE C 171 -54.61 11.04 -31.64
N TYR C 172 -55.57 10.83 -32.53
CA TYR C 172 -55.53 9.74 -33.49
C TYR C 172 -54.74 10.23 -34.71
N GLY C 173 -53.48 9.84 -34.82
CA GLY C 173 -52.60 10.44 -35.81
C GLY C 173 -51.76 9.42 -36.55
N SER C 174 -50.92 9.94 -37.43
CA SER C 174 -49.95 9.15 -38.19
C SER C 174 -48.63 9.92 -38.17
N ALA C 175 -47.69 9.44 -37.37
CA ALA C 175 -46.40 10.12 -37.27
C ALA C 175 -45.65 10.08 -38.60
N LEU C 176 -45.79 8.98 -39.35
CA LEU C 176 -45.08 8.84 -40.62
C LEU C 176 -45.65 9.78 -41.68
N LYS C 177 -46.97 9.72 -41.90
CA LYS C 177 -47.57 10.55 -42.94
C LYS C 177 -47.46 12.03 -42.62
N ALA C 178 -47.42 12.39 -41.33
CA ALA C 178 -47.19 13.78 -40.97
C ALA C 178 -45.74 14.18 -41.26
N LEU C 179 -44.79 13.27 -40.99
CA LEU C 179 -43.40 13.52 -41.36
C LEU C 179 -43.24 13.63 -42.87
N GLU C 180 -44.08 12.93 -43.63
CA GLU C 180 -44.00 12.92 -45.09
C GLU C 180 -44.76 14.07 -45.74
N GLY C 181 -45.48 14.88 -44.96
CA GLY C 181 -46.09 16.08 -45.48
C GLY C 181 -47.58 16.00 -45.74
N ASP C 182 -48.23 14.88 -45.41
CA ASP C 182 -49.68 14.78 -45.57
C ASP C 182 -50.34 15.83 -44.69
N PRO C 183 -51.09 16.79 -45.28
CA PRO C 183 -51.57 17.92 -44.46
C PRO C 183 -52.62 17.51 -43.44
N LYS C 184 -53.48 16.54 -43.77
CA LYS C 184 -54.47 16.08 -42.80
C LYS C 184 -53.80 15.48 -41.57
N TRP C 185 -52.71 14.72 -41.78
CA TRP C 185 -51.99 14.15 -40.66
C TRP C 185 -51.08 15.17 -40.00
N GLU C 186 -50.59 16.16 -40.77
CA GLU C 186 -49.88 17.28 -40.16
C GLU C 186 -50.77 18.05 -39.20
N ALA C 187 -52.08 18.10 -39.48
CA ALA C 187 -53.00 18.78 -38.59
C ALA C 187 -53.06 18.12 -37.22
N LYS C 188 -52.90 16.79 -37.17
CA LYS C 188 -52.88 16.10 -35.88
C LYS C 188 -51.63 16.44 -35.08
N ILE C 189 -50.52 16.75 -35.76
CA ILE C 189 -49.34 17.24 -35.06
C ILE C 189 -49.64 18.57 -34.38
N HIS C 190 -50.35 19.45 -35.09
CA HIS C 190 -50.82 20.69 -34.47
C HIS C 190 -51.77 20.41 -33.32
N ASP C 191 -52.65 19.42 -33.49
CA ASP C 191 -53.57 19.04 -32.42
C ASP C 191 -52.80 18.53 -31.21
N LEU C 192 -51.72 17.78 -31.44
CA LEU C 192 -50.90 17.29 -30.35
C LEU C 192 -50.24 18.44 -29.60
N MET C 193 -49.68 19.41 -30.34
CA MET C 193 -49.10 20.59 -29.70
C MET C 193 -50.14 21.35 -28.89
N ASN C 194 -51.36 21.47 -29.42
CA ASN C 194 -52.43 22.12 -28.68
C ASN C 194 -52.73 21.38 -27.38
N ALA C 195 -52.84 20.06 -27.45
CA ALA C 195 -53.13 19.27 -26.25
C ALA C 195 -51.99 19.39 -25.23
N VAL C 196 -50.74 19.34 -25.71
CA VAL C 196 -49.60 19.48 -24.81
C VAL C 196 -49.62 20.86 -24.16
N ASP C 197 -49.92 21.90 -24.96
CA ASP C 197 -49.99 23.25 -24.41
C ASP C 197 -51.01 23.35 -23.28
N GLU C 198 -52.14 22.65 -23.43
CA GLU C 198 -53.26 22.80 -22.51
C GLU C 198 -53.24 21.83 -21.34
N TRP C 199 -52.73 20.62 -21.55
CA TRP C 199 -52.83 19.54 -20.56
C TRP C 199 -51.60 19.43 -19.66
N ILE C 200 -50.41 19.47 -20.24
CA ILE C 200 -49.17 19.32 -19.48
C ILE C 200 -48.84 20.64 -18.80
N PRO C 201 -48.71 20.67 -17.47
CA PRO C 201 -48.45 21.95 -16.80
C PRO C 201 -47.00 22.38 -16.94
N THR C 202 -46.81 23.69 -17.02
CA THR C 202 -45.47 24.23 -16.96
C THR C 202 -44.85 23.89 -15.60
N PRO C 203 -43.56 23.62 -15.54
CA PRO C 203 -42.95 23.25 -14.26
C PRO C 203 -42.98 24.41 -13.28
N GLU C 204 -42.93 24.05 -12.00
CA GLU C 204 -42.83 25.04 -10.94
C GLU C 204 -41.41 25.59 -10.90
N ARG C 205 -41.30 26.90 -10.67
CA ARG C 205 -39.99 27.51 -10.53
C ARG C 205 -39.24 26.88 -9.36
N GLU C 206 -37.92 26.75 -9.50
CA GLU C 206 -37.10 26.27 -8.38
C GLU C 206 -37.32 27.14 -7.16
N VAL C 207 -37.48 28.45 -7.36
CA VAL C 207 -37.55 29.39 -6.24
C VAL C 207 -38.76 29.14 -5.36
N ASP C 208 -39.82 28.55 -5.91
CA ASP C 208 -41.00 28.21 -5.12
C ASP C 208 -40.97 26.80 -4.57
N LYS C 209 -39.95 26.02 -4.89
CA LYS C 209 -39.83 24.70 -4.32
C LYS C 209 -39.29 24.78 -2.89
N PRO C 210 -39.66 23.84 -2.03
CA PRO C 210 -39.13 23.86 -0.66
C PRO C 210 -37.61 23.70 -0.66
N PHE C 211 -36.95 24.62 0.03
CA PHE C 211 -35.50 24.66 0.05
C PHE C 211 -34.91 23.37 0.59
N LEU C 212 -33.78 22.96 0.02
CA LEU C 212 -33.09 21.74 0.46
C LEU C 212 -31.63 21.84 0.10
N LEU C 213 -30.76 21.63 1.10
CA LEU C 213 -29.31 21.60 0.90
C LEU C 213 -28.75 20.39 1.64
N ALA C 214 -27.92 19.61 0.95
CA ALA C 214 -27.27 18.45 1.55
C ALA C 214 -25.93 18.88 2.14
N ILE C 215 -25.76 18.66 3.44
CA ILE C 215 -24.55 19.11 4.13
C ILE C 215 -23.36 18.28 3.69
N GLU C 216 -22.26 18.97 3.35
CA GLU C 216 -21.00 18.33 3.04
C GLU C 216 -20.01 18.51 4.18
N ASP C 217 -19.53 19.74 4.40
CA ASP C 217 -18.56 20.04 5.44
C ASP C 217 -19.21 20.86 6.55
N THR C 218 -18.61 20.81 7.73
CA THR C 218 -19.05 21.57 8.89
C THR C 218 -17.89 22.38 9.45
N MET C 219 -18.16 23.62 9.81
CA MET C 219 -17.14 24.55 10.27
C MET C 219 -17.68 25.41 11.40
N THR C 220 -16.85 25.64 12.41
CA THR C 220 -17.22 26.47 13.55
C THR C 220 -16.62 27.85 13.38
N ILE C 221 -17.48 28.87 13.32
CA ILE C 221 -17.05 30.27 13.38
C ILE C 221 -17.23 30.71 14.82
N THR C 222 -16.09 30.92 15.50
CA THR C 222 -16.08 30.99 16.97
C THR C 222 -17.03 32.05 17.49
N GLY C 223 -17.13 33.19 16.82
CA GLY C 223 -17.96 34.26 17.30
C GLY C 223 -19.39 34.26 16.80
N ARG C 224 -19.86 33.20 16.16
CA ARG C 224 -21.16 33.24 15.50
C ARG C 224 -21.92 31.93 15.57
N GLY C 225 -21.27 30.83 15.27
CA GLY C 225 -21.93 29.54 15.27
C GLY C 225 -21.23 28.59 14.31
N THR C 226 -22.02 27.67 13.76
CA THR C 226 -21.53 26.64 12.85
C THR C 226 -21.92 26.96 11.41
N VAL C 227 -20.98 26.72 10.50
CA VAL C 227 -21.19 26.90 9.06
C VAL C 227 -21.19 25.53 8.40
N VAL C 228 -22.25 25.23 7.66
CA VAL C 228 -22.33 24.01 6.86
C VAL C 228 -22.27 24.42 5.39
N THR C 229 -21.60 23.61 4.58
CA THR C 229 -21.40 23.89 3.16
C THR C 229 -21.99 22.78 2.32
N GLY C 230 -22.57 23.16 1.19
CA GLY C 230 -23.18 22.19 0.28
C GLY C 230 -23.82 22.91 -0.87
N ARG C 231 -24.40 22.12 -1.77
CA ARG C 231 -25.10 22.65 -2.93
C ARG C 231 -26.59 22.70 -2.65
N VAL C 232 -27.22 23.83 -3.00
CA VAL C 232 -28.67 23.95 -2.90
C VAL C 232 -29.29 23.08 -3.99
N GLU C 233 -30.01 22.03 -3.57
CA GLU C 233 -30.64 21.14 -4.55
C GLU C 233 -31.84 21.83 -5.21
N ARG C 234 -32.62 22.57 -4.44
CA ARG C 234 -33.82 23.21 -4.95
C ARG C 234 -34.20 24.33 -3.99
N GLY C 235 -35.07 25.20 -4.47
CA GLY C 235 -35.58 26.26 -3.62
C GLY C 235 -34.60 27.42 -3.47
N GLU C 236 -34.96 28.30 -2.55
CA GLU C 236 -34.17 29.50 -2.26
C GLU C 236 -33.97 29.59 -0.76
N LEU C 237 -32.78 30.03 -0.36
CA LEU C 237 -32.47 30.31 1.03
C LEU C 237 -32.17 31.80 1.18
N LYS C 238 -32.82 32.44 2.14
CA LYS C 238 -32.60 33.84 2.43
C LYS C 238 -32.16 34.00 3.88
N VAL C 239 -31.20 34.90 4.11
CA VAL C 239 -30.74 35.15 5.47
C VAL C 239 -31.90 35.63 6.31
N GLY C 240 -32.01 35.06 7.51
CA GLY C 240 -33.13 35.33 8.39
C GLY C 240 -34.16 34.22 8.43
N GLN C 241 -34.20 33.38 7.41
CA GLN C 241 -35.14 32.27 7.38
C GLN C 241 -34.72 31.18 8.35
N GLU C 242 -35.72 30.49 8.90
CA GLU C 242 -35.50 29.32 9.73
C GLU C 242 -35.55 28.07 8.88
N ILE C 243 -34.72 27.08 9.25
CA ILE C 243 -34.63 25.83 8.53
C ILE C 243 -34.72 24.67 9.53
N GLU C 244 -34.75 23.46 9.00
CA GLU C 244 -34.74 22.24 9.80
C GLU C 244 -33.56 21.39 9.37
N ILE C 245 -32.92 20.73 10.34
CA ILE C 245 -31.80 19.83 10.09
C ILE C 245 -32.33 18.41 10.19
N VAL C 246 -32.44 17.72 9.06
CA VAL C 246 -33.15 16.45 8.96
C VAL C 246 -32.16 15.36 8.55
N GLY C 247 -32.24 14.23 9.22
CA GLY C 247 -31.43 13.07 8.88
C GLY C 247 -30.42 12.75 9.97
N LEU C 248 -30.12 11.45 10.11
CA LEU C 248 -29.07 10.94 10.98
C LEU C 248 -29.30 11.25 12.46
N ARG C 249 -29.67 12.48 12.78
CA ARG C 249 -29.88 12.92 14.15
C ARG C 249 -31.32 13.36 14.35
N PRO C 250 -31.77 13.45 15.60
CA PRO C 250 -33.11 13.99 15.86
C PRO C 250 -33.26 15.38 15.26
N ILE C 251 -34.36 15.57 14.53
CA ILE C 251 -34.63 16.81 13.80
C ILE C 251 -34.56 18.00 14.75
N ARG C 252 -34.10 19.14 14.25
CA ARG C 252 -34.05 20.37 15.04
C ARG C 252 -34.17 21.56 14.11
N LYS C 253 -34.52 22.70 14.70
CA LYS C 253 -34.64 23.95 13.97
C LYS C 253 -33.41 24.82 14.21
N ALA C 254 -33.19 25.74 13.26
CA ALA C 254 -32.06 26.67 13.35
C ALA C 254 -32.34 27.85 12.44
N VAL C 255 -31.80 29.01 12.81
CA VAL C 255 -31.97 30.24 12.05
C VAL C 255 -30.70 30.49 11.25
N VAL C 256 -30.86 30.84 9.99
CA VAL C 256 -29.73 31.15 9.10
C VAL C 256 -29.41 32.62 9.24
N THR C 257 -28.20 32.92 9.72
CA THR C 257 -27.76 34.30 9.91
C THR C 257 -26.64 34.69 8.96
N GLY C 258 -26.25 33.82 8.03
CA GLY C 258 -25.22 34.13 7.08
C GLY C 258 -25.12 33.15 5.95
N ILE C 259 -24.99 33.65 4.73
CA ILE C 259 -24.74 32.84 3.55
C ILE C 259 -23.51 33.40 2.84
N GLU C 260 -22.51 32.56 2.63
CA GLU C 260 -21.24 33.00 2.07
C GLU C 260 -20.95 32.23 0.79
N MET C 261 -20.50 32.96 -0.23
CA MET C 261 -20.04 32.35 -1.48
C MET C 261 -18.88 33.20 -2.01
N PHE C 262 -17.73 32.56 -2.21
CA PHE C 262 -16.53 33.23 -2.70
C PHE C 262 -16.14 34.39 -1.78
N LYS C 263 -16.24 34.16 -0.48
CA LYS C 263 -15.80 35.09 0.56
C LYS C 263 -16.61 36.38 0.59
N LYS C 264 -17.80 36.40 -0.01
CA LYS C 264 -18.73 37.52 0.09
C LYS C 264 -19.89 37.12 0.99
N GLU C 265 -20.36 38.09 1.79
CA GLU C 265 -21.45 37.86 2.73
C GLU C 265 -22.76 38.27 2.07
N LEU C 266 -23.46 37.29 1.50
CA LEU C 266 -24.71 37.52 0.78
C LEU C 266 -25.90 37.18 1.65
N ASP C 267 -27.09 37.58 1.19
CA ASP C 267 -28.34 37.29 1.86
C ASP C 267 -29.17 36.23 1.15
N SER C 268 -28.67 35.68 0.05
CA SER C 268 -29.48 34.77 -0.76
C SER C 268 -28.61 33.70 -1.40
N ALA C 269 -29.17 32.50 -1.49
CA ALA C 269 -28.60 31.40 -2.26
C ALA C 269 -29.76 30.57 -2.81
N MET C 270 -29.57 30.05 -4.02
CA MET C 270 -30.64 29.31 -4.69
C MET C 270 -30.07 28.03 -5.29
N ALA C 271 -30.94 27.27 -5.96
CA ALA C 271 -30.58 25.95 -6.45
C ALA C 271 -29.41 26.02 -7.43
N GLY C 272 -28.43 25.15 -7.22
CA GLY C 272 -27.22 25.11 -8.01
C GLY C 272 -26.01 25.71 -7.34
N ASP C 273 -26.22 26.63 -6.39
CA ASP C 273 -25.11 27.30 -5.72
C ASP C 273 -24.51 26.39 -4.66
N ASN C 274 -23.19 26.31 -4.63
CA ASN C 274 -22.46 25.72 -3.51
C ASN C 274 -22.14 26.84 -2.53
N ALA C 275 -22.79 26.82 -1.37
CA ALA C 275 -22.73 27.93 -0.45
C ALA C 275 -22.34 27.45 0.94
N GLY C 276 -21.82 28.39 1.73
CA GLY C 276 -21.61 28.18 3.15
C GLY C 276 -22.71 28.88 3.94
N VAL C 277 -23.33 28.14 4.84
CA VAL C 277 -24.53 28.58 5.54
C VAL C 277 -24.25 28.64 7.03
N LEU C 278 -24.40 29.83 7.62
CA LEU C 278 -24.18 30.03 9.03
C LEU C 278 -25.46 29.73 9.81
N LEU C 279 -25.42 28.69 10.63
CA LEU C 279 -26.53 28.34 11.52
C LEU C 279 -26.22 28.87 12.92
N ARG C 280 -27.11 29.71 13.44
CA ARG C 280 -26.85 30.40 14.69
C ARG C 280 -27.24 29.53 15.88
N GLY C 281 -26.28 29.31 16.78
CA GLY C 281 -26.59 28.55 18.00
C GLY C 281 -26.25 27.08 17.86
N VAL C 282 -25.88 26.65 16.65
CA VAL C 282 -25.62 25.20 16.46
C VAL C 282 -24.16 24.96 16.81
N ASP C 283 -23.85 23.82 17.41
CA ASP C 283 -22.44 23.45 17.67
C ASP C 283 -22.10 22.37 16.67
N ARG C 284 -20.85 22.32 16.21
CA ARG C 284 -20.44 21.33 15.17
C ARG C 284 -20.91 19.93 15.58
N LYS C 285 -20.97 19.64 16.88
CA LYS C 285 -21.28 18.28 17.30
C LYS C 285 -22.71 17.86 16.99
N GLU C 286 -23.58 18.78 16.57
CA GLU C 286 -24.96 18.44 16.24
C GLU C 286 -25.22 18.32 14.74
N VAL C 287 -24.23 18.60 13.90
CA VAL C 287 -24.40 18.53 12.47
C VAL C 287 -23.36 17.60 11.87
N GLU C 288 -23.75 16.88 10.82
CA GLU C 288 -22.83 15.98 10.16
C GLU C 288 -23.21 15.83 8.69
N ARG C 289 -22.24 15.41 7.90
CA ARG C 289 -22.45 15.16 6.48
C ARG C 289 -23.55 14.14 6.26
N GLY C 290 -24.38 14.38 5.24
CA GLY C 290 -25.52 13.56 4.94
C GLY C 290 -26.84 14.13 5.43
N GLN C 291 -26.80 14.97 6.46
CA GLN C 291 -27.98 15.70 6.87
C GLN C 291 -28.33 16.75 5.81
N VAL C 292 -29.58 17.19 5.85
CA VAL C 292 -30.05 18.21 4.92
C VAL C 292 -30.58 19.40 5.72
N LEU C 293 -30.30 20.60 5.21
CA LEU C 293 -31.06 21.78 5.60
C LEU C 293 -32.29 21.83 4.71
N ALA C 294 -33.46 22.00 5.32
CA ALA C 294 -34.70 21.96 4.56
C ALA C 294 -35.67 23.01 5.08
N LYS C 295 -36.55 23.45 4.20
CA LYS C 295 -37.68 24.27 4.61
C LYS C 295 -38.45 23.54 5.70
N PRO C 296 -38.77 24.20 6.82
CA PRO C 296 -39.39 23.49 7.95
C PRO C 296 -40.70 22.84 7.56
N GLY C 297 -40.82 21.55 7.85
CA GLY C 297 -42.01 20.77 7.53
C GLY C 297 -42.04 20.17 6.15
N SER C 298 -41.01 20.40 5.33
CA SER C 298 -41.02 19.97 3.93
C SER C 298 -40.56 18.53 3.73
N ILE C 299 -39.71 18.01 4.62
CA ILE C 299 -39.18 16.66 4.45
C ILE C 299 -38.90 16.08 5.83
N LYS C 300 -39.06 14.76 5.95
CA LYS C 300 -38.95 14.03 7.20
C LYS C 300 -37.91 12.94 7.10
N PRO C 301 -37.34 12.51 8.24
CA PRO C 301 -36.39 11.40 8.20
C PRO C 301 -37.11 10.06 8.23
N HIS C 302 -36.52 9.08 7.54
CA HIS C 302 -37.12 7.76 7.46
C HIS C 302 -36.02 6.71 7.40
N LYS C 303 -36.28 5.57 8.04
CA LYS C 303 -35.43 4.40 7.94
C LYS C 303 -35.95 3.38 6.93
N LYS C 304 -37.25 3.38 6.66
CA LYS C 304 -37.89 2.43 5.77
C LYS C 304 -38.48 3.16 4.59
N PHE C 305 -38.34 2.56 3.41
CA PHE C 305 -38.92 3.13 2.19
C PHE C 305 -39.01 2.04 1.13
N LYS C 306 -39.87 2.29 0.15
CA LYS C 306 -39.93 1.49 -1.07
C LYS C 306 -39.35 2.31 -2.22
N ALA C 307 -38.74 1.62 -3.19
CA ALA C 307 -38.03 2.32 -4.25
C ALA C 307 -37.99 1.47 -5.51
N GLU C 308 -37.86 2.15 -6.64
CA GLU C 308 -37.60 1.51 -7.93
C GLU C 308 -36.12 1.68 -8.23
N ILE C 309 -35.44 0.56 -8.48
CA ILE C 309 -33.99 0.58 -8.67
C ILE C 309 -33.65 -0.07 -10.01
N TYR C 310 -32.51 0.34 -10.56
CA TYR C 310 -31.91 -0.31 -11.71
C TYR C 310 -30.53 -0.83 -11.30
N ALA C 311 -30.29 -2.12 -11.52
CA ALA C 311 -29.00 -2.73 -11.20
C ALA C 311 -28.08 -2.59 -12.40
N LEU C 312 -26.95 -1.94 -12.21
CA LEU C 312 -26.02 -1.68 -13.30
C LEU C 312 -25.45 -2.99 -13.84
N LYS C 313 -25.30 -3.05 -15.16
CA LYS C 313 -24.63 -4.19 -15.78
C LYS C 313 -23.15 -4.16 -15.44
N LYS C 314 -22.51 -5.33 -15.59
CA LYS C 314 -21.09 -5.44 -15.27
C LYS C 314 -20.25 -4.49 -16.13
N GLU C 315 -20.65 -4.29 -17.38
CA GLU C 315 -19.95 -3.35 -18.25
C GLU C 315 -20.13 -1.91 -17.81
N GLU C 316 -21.16 -1.61 -17.02
CA GLU C 316 -21.35 -0.28 -16.45
C GLU C 316 -20.63 -0.12 -15.11
N GLY C 317 -19.93 -1.14 -14.65
CA GLY C 317 -19.25 -1.07 -13.37
C GLY C 317 -20.01 -1.62 -12.20
N GLY C 318 -21.15 -2.27 -12.43
CA GLY C 318 -21.94 -2.85 -11.37
C GLY C 318 -21.46 -4.25 -11.00
N ARG C 319 -22.35 -4.99 -10.36
CA ARG C 319 -22.03 -6.36 -9.97
C ARG C 319 -21.86 -7.24 -11.20
N HIS C 320 -21.02 -8.27 -11.05
CA HIS C 320 -20.88 -9.28 -12.09
C HIS C 320 -21.97 -10.34 -12.00
N THR C 321 -22.57 -10.52 -10.82
CA THR C 321 -23.59 -11.53 -10.59
C THR C 321 -24.77 -10.90 -9.87
N GLY C 322 -25.92 -11.57 -9.95
CA GLY C 322 -27.10 -11.09 -9.26
C GLY C 322 -26.96 -11.18 -7.75
N PHE C 323 -27.81 -10.42 -7.05
CA PHE C 323 -27.84 -10.44 -5.60
C PHE C 323 -29.19 -10.94 -5.12
N LEU C 324 -29.22 -11.43 -3.88
CA LEU C 324 -30.35 -12.16 -3.36
C LEU C 324 -31.16 -11.31 -2.38
N ASN C 325 -32.08 -11.97 -1.66
CA ASN C 325 -33.13 -11.31 -0.90
C ASN C 325 -32.65 -10.68 0.40
N GLY C 326 -31.42 -10.93 0.83
CA GLY C 326 -30.89 -10.36 2.05
C GLY C 326 -29.82 -9.32 1.83
N TYR C 327 -29.66 -8.84 0.60
CA TYR C 327 -28.57 -7.96 0.23
C TYR C 327 -28.53 -6.72 1.12
N ARG C 328 -27.35 -6.45 1.67
CA ARG C 328 -27.15 -5.36 2.64
C ARG C 328 -26.04 -4.44 2.14
N PRO C 329 -26.31 -3.66 1.08
CA PRO C 329 -25.28 -2.75 0.57
C PRO C 329 -25.33 -1.38 1.24
N GLN C 330 -24.71 -0.39 0.61
CA GLN C 330 -24.75 0.99 1.09
C GLN C 330 -25.64 1.83 0.19
N PHE C 331 -26.39 2.74 0.79
CA PHE C 331 -27.34 3.59 0.07
C PHE C 331 -26.85 5.04 0.16
N TYR C 332 -26.29 5.53 -0.94
CA TYR C 332 -25.72 6.88 -0.99
C TYR C 332 -26.82 7.88 -1.29
N PHE C 333 -27.16 8.69 -0.30
CA PHE C 333 -28.14 9.77 -0.45
C PHE C 333 -27.38 11.09 -0.47
N ARG C 334 -27.26 11.69 -1.66
CA ARG C 334 -26.73 13.03 -1.85
C ARG C 334 -25.25 13.17 -1.46
N THR C 335 -24.92 13.00 -0.18
CA THR C 335 -23.55 13.23 0.28
C THR C 335 -22.98 12.13 1.17
N THR C 336 -23.78 11.16 1.62
CA THR C 336 -23.26 10.09 2.46
C THR C 336 -24.02 8.81 2.16
N ASP C 337 -23.44 7.69 2.55
CA ASP C 337 -24.04 6.39 2.38
C ASP C 337 -24.51 5.83 3.73
N VAL C 338 -25.62 5.10 3.69
CA VAL C 338 -26.17 4.45 4.87
C VAL C 338 -26.42 2.98 4.53
N THR C 339 -25.91 2.08 5.37
CA THR C 339 -26.15 0.66 5.15
C THR C 339 -27.62 0.34 5.35
N GLY C 340 -28.16 -0.50 4.48
CA GLY C 340 -29.54 -0.92 4.56
C GLY C 340 -29.73 -2.31 4.00
N SER C 341 -30.86 -2.92 4.34
CA SER C 341 -31.20 -4.27 3.91
C SER C 341 -32.32 -4.22 2.89
N ILE C 342 -32.16 -4.97 1.80
CA ILE C 342 -33.10 -4.97 0.68
C ILE C 342 -34.04 -6.17 0.81
N SER C 343 -35.33 -5.94 0.60
CA SER C 343 -36.32 -7.00 0.51
C SER C 343 -36.95 -6.96 -0.88
N LEU C 344 -37.09 -8.13 -1.51
CA LEU C 344 -37.52 -8.23 -2.88
C LEU C 344 -39.01 -8.55 -2.97
N PRO C 345 -39.66 -8.21 -4.07
CA PRO C 345 -41.07 -8.57 -4.24
C PRO C 345 -41.23 -10.08 -4.39
N GLU C 346 -42.48 -10.52 -4.23
CA GLU C 346 -42.78 -11.95 -4.30
C GLU C 346 -42.39 -12.51 -5.66
N ASN C 347 -41.85 -13.75 -5.64
CA ASN C 347 -41.40 -14.49 -6.81
C ASN C 347 -40.10 -13.93 -7.38
N THR C 348 -39.69 -12.75 -6.92
CA THR C 348 -38.37 -12.20 -7.27
C THR C 348 -37.39 -12.58 -6.17
N GLU C 349 -36.51 -13.54 -6.47
CA GLU C 349 -35.53 -14.00 -5.51
C GLU C 349 -34.12 -13.57 -5.85
N MET C 350 -33.87 -13.08 -7.06
CA MET C 350 -32.56 -12.57 -7.44
C MET C 350 -32.74 -11.40 -8.39
N VAL C 351 -31.98 -10.33 -8.15
CA VAL C 351 -31.94 -9.17 -9.03
C VAL C 351 -30.64 -9.24 -9.83
N LEU C 352 -30.76 -9.36 -11.14
CA LEU C 352 -29.59 -9.52 -11.98
C LEU C 352 -29.03 -8.18 -12.39
N PRO C 353 -27.73 -8.12 -12.74
CA PRO C 353 -27.21 -6.92 -13.39
C PRO C 353 -27.99 -6.61 -14.66
N GLY C 354 -28.44 -5.35 -14.77
CA GLY C 354 -29.30 -4.95 -15.86
C GLY C 354 -30.78 -5.03 -15.56
N ASP C 355 -31.17 -5.63 -14.42
CA ASP C 355 -32.57 -5.69 -14.04
C ASP C 355 -33.02 -4.39 -13.41
N ASN C 356 -34.34 -4.21 -13.39
CA ASN C 356 -34.99 -3.15 -12.63
C ASN C 356 -36.17 -3.76 -11.88
N THR C 357 -36.38 -3.30 -10.65
CA THR C 357 -37.42 -3.88 -9.81
C THR C 357 -37.74 -2.92 -8.68
N SER C 358 -38.94 -3.09 -8.12
CA SER C 358 -39.29 -2.42 -6.87
C SER C 358 -38.67 -3.18 -5.70
N ILE C 359 -38.27 -2.43 -4.67
CA ILE C 359 -37.66 -3.02 -3.48
C ILE C 359 -38.16 -2.31 -2.24
N THR C 360 -37.98 -2.97 -1.10
CA THR C 360 -38.22 -2.37 0.21
C THR C 360 -36.91 -2.37 0.98
N VAL C 361 -36.62 -1.25 1.63
CA VAL C 361 -35.33 -1.03 2.27
C VAL C 361 -35.54 -0.63 3.72
N GLU C 362 -34.71 -1.17 4.61
CA GLU C 362 -34.57 -0.66 5.97
C GLU C 362 -33.09 -0.34 6.21
N LEU C 363 -32.79 0.93 6.42
CA LEU C 363 -31.44 1.36 6.73
C LEU C 363 -31.19 1.25 8.23
N ILE C 364 -29.92 1.37 8.62
CA ILE C 364 -29.57 1.34 10.04
C ILE C 364 -29.75 2.69 10.70
N ALA C 365 -29.85 3.75 9.93
CA ALA C 365 -30.03 5.10 10.44
C ALA C 365 -31.05 5.83 9.57
N PRO C 366 -31.86 6.71 10.16
CA PRO C 366 -32.82 7.47 9.35
C PRO C 366 -32.12 8.47 8.44
N ILE C 367 -32.71 8.66 7.26
CA ILE C 367 -32.23 9.64 6.31
C ILE C 367 -33.42 10.46 5.82
N ALA C 368 -33.17 11.71 5.49
CA ALA C 368 -34.21 12.57 4.94
C ALA C 368 -34.51 12.13 3.51
N CYS C 369 -35.76 11.74 3.26
CA CYS C 369 -36.13 11.28 1.93
C CYS C 369 -37.64 11.43 1.75
N GLU C 370 -38.05 11.49 0.50
CA GLU C 370 -39.45 11.62 0.12
C GLU C 370 -39.66 10.87 -1.18
N LYS C 371 -40.89 10.87 -1.68
CA LYS C 371 -41.14 10.32 -3.00
C LYS C 371 -40.38 11.12 -4.04
N GLY C 372 -39.45 10.47 -4.72
CA GLY C 372 -38.63 11.11 -5.72
C GLY C 372 -37.19 11.35 -5.30
N SER C 373 -36.85 11.10 -4.04
CA SER C 373 -35.47 11.22 -3.61
C SER C 373 -34.61 10.19 -4.33
N LYS C 374 -33.57 10.66 -5.01
CA LYS C 374 -32.67 9.77 -5.74
C LYS C 374 -31.53 9.31 -4.84
N PHE C 375 -31.10 8.07 -5.04
CA PHE C 375 -30.00 7.51 -4.28
C PHE C 375 -29.21 6.56 -5.17
N SER C 376 -28.05 6.15 -4.66
CA SER C 376 -27.20 5.19 -5.34
C SER C 376 -26.93 4.00 -4.43
N ILE C 377 -27.02 2.80 -4.99
CA ILE C 377 -26.63 1.58 -4.29
C ILE C 377 -25.16 1.33 -4.56
N ARG C 378 -24.38 1.14 -3.50
CA ARG C 378 -22.94 1.05 -3.61
C ARG C 378 -22.40 -0.14 -2.83
N GLU C 379 -21.41 -0.81 -3.41
CA GLU C 379 -20.74 -1.96 -2.80
C GLU C 379 -19.24 -1.73 -2.88
N GLY C 380 -18.60 -1.53 -1.73
CA GLY C 380 -17.17 -1.26 -1.72
C GLY C 380 -16.79 0.01 -2.44
N GLY C 381 -17.55 1.08 -2.24
CA GLY C 381 -17.32 2.32 -2.95
C GLY C 381 -17.71 2.31 -4.41
N ARG C 382 -18.19 1.17 -4.93
CA ARG C 382 -18.53 1.02 -6.33
C ARG C 382 -20.05 1.07 -6.49
N THR C 383 -20.51 1.90 -7.42
CA THR C 383 -21.94 2.05 -7.65
C THR C 383 -22.46 0.85 -8.43
N VAL C 384 -23.39 0.10 -7.82
CA VAL C 384 -23.98 -1.07 -8.44
C VAL C 384 -25.45 -0.88 -8.79
N GLY C 385 -26.06 0.23 -8.39
CA GLY C 385 -27.46 0.43 -8.66
C GLY C 385 -27.86 1.88 -8.49
N ALA C 386 -28.89 2.29 -9.23
CA ALA C 386 -29.50 3.61 -9.11
C ALA C 386 -30.95 3.44 -8.70
N GLY C 387 -31.42 4.29 -7.78
CA GLY C 387 -32.73 4.12 -7.22
C GLY C 387 -33.48 5.43 -7.13
N SER C 388 -34.80 5.31 -6.99
CA SER C 388 -35.69 6.44 -6.78
C SER C 388 -36.75 6.04 -5.77
N VAL C 389 -36.87 6.81 -4.69
CA VAL C 389 -37.80 6.47 -3.61
C VAL C 389 -39.23 6.67 -4.10
N THR C 390 -40.05 5.63 -3.96
CA THR C 390 -41.44 5.68 -4.38
C THR C 390 -42.42 5.86 -3.22
N GLU C 391 -41.96 5.67 -1.99
CA GLU C 391 -42.83 5.71 -0.82
C GLU C 391 -41.98 5.63 0.44
N VAL C 392 -42.32 6.45 1.43
CA VAL C 392 -41.69 6.39 2.74
C VAL C 392 -42.68 5.73 3.70
N LEU C 393 -42.13 4.97 4.65
CA LEU C 393 -42.96 4.26 5.62
C LEU C 393 -42.14 3.82 6.83
N SER D 9 8.22 -20.73 2.26
CA SER D 9 7.86 -20.11 0.99
C SER D 9 8.60 -20.75 -0.18
N LYS D 10 9.91 -20.53 -0.23
CA LYS D 10 10.74 -21.10 -1.28
C LYS D 10 11.32 -22.43 -0.82
N PRO D 11 11.06 -23.53 -1.53
CA PRO D 11 11.55 -24.84 -1.06
C PRO D 11 13.07 -24.95 -1.20
N HIS D 12 13.69 -25.57 -0.19
CA HIS D 12 15.10 -25.87 -0.29
C HIS D 12 15.32 -27.08 -1.19
N VAL D 13 16.58 -27.33 -1.55
CA VAL D 13 16.93 -28.41 -2.46
C VAL D 13 17.54 -29.55 -1.65
N ASN D 14 17.08 -30.77 -1.92
CA ASN D 14 17.60 -31.95 -1.26
C ASN D 14 18.79 -32.48 -2.05
N VAL D 15 19.96 -32.45 -1.45
CA VAL D 15 21.16 -33.04 -2.04
C VAL D 15 21.72 -34.05 -1.05
N GLY D 16 22.69 -34.83 -1.53
CA GLY D 16 23.37 -35.81 -0.71
C GLY D 16 24.62 -36.28 -1.40
N THR D 17 25.61 -36.65 -0.60
CA THR D 17 26.87 -37.15 -1.13
C THR D 17 26.84 -38.68 -1.19
N ILE D 18 27.17 -39.21 -2.36
CA ILE D 18 27.21 -40.65 -2.59
C ILE D 18 28.61 -41.03 -3.06
N GLY D 19 28.91 -42.32 -2.97
CA GLY D 19 30.19 -42.82 -3.43
C GLY D 19 30.75 -43.95 -2.60
N HIS D 20 31.87 -44.50 -3.06
CA HIS D 20 32.51 -45.64 -2.39
C HIS D 20 32.98 -45.24 -0.99
N ILE D 21 33.14 -46.25 -0.13
CA ILE D 21 33.58 -46.00 1.23
C ILE D 21 35.00 -45.43 1.23
N ASP D 22 35.23 -44.46 2.11
CA ASP D 22 36.52 -43.83 2.37
C ASP D 22 36.99 -42.91 1.25
N HIS D 23 36.15 -42.63 0.25
CA HIS D 23 36.55 -41.72 -0.81
C HIS D 23 36.44 -40.25 -0.42
N GLY D 24 35.74 -39.94 0.68
CA GLY D 24 35.75 -38.60 1.21
C GLY D 24 34.40 -37.91 1.30
N LYS D 25 33.32 -38.69 1.48
CA LYS D 25 31.99 -38.10 1.51
C LYS D 25 31.78 -37.26 2.77
N THR D 26 32.10 -37.82 3.93
CA THR D 26 31.91 -37.09 5.19
C THR D 26 32.87 -35.91 5.29
N THR D 27 34.10 -36.08 4.82
CA THR D 27 35.05 -34.97 4.82
C THR D 27 34.56 -33.83 3.93
N LEU D 28 34.02 -34.15 2.76
CA LEU D 28 33.49 -33.11 1.88
C LEU D 28 32.24 -32.48 2.49
N THR D 29 31.42 -33.27 3.18
CA THR D 29 30.25 -32.72 3.86
C THR D 29 30.66 -31.70 4.91
N ALA D 30 31.65 -32.06 5.74
CA ALA D 30 32.17 -31.12 6.73
C ALA D 30 32.85 -29.93 6.07
N ALA D 31 33.52 -30.15 4.94
CA ALA D 31 34.23 -29.07 4.27
C ALA D 31 33.25 -28.03 3.71
N ILE D 32 32.10 -28.47 3.19
CA ILE D 32 31.11 -27.54 2.68
C ILE D 32 30.60 -26.64 3.80
N CYS D 33 30.24 -27.25 4.93
CA CYS D 33 29.69 -26.48 6.04
C CYS D 33 30.73 -25.52 6.60
N THR D 34 31.96 -25.99 6.79
CA THR D 34 33.00 -25.16 7.40
C THR D 34 33.38 -23.99 6.51
N VAL D 35 33.43 -24.20 5.19
CA VAL D 35 33.80 -23.12 4.28
C VAL D 35 32.69 -22.07 4.22
N LEU D 36 31.45 -22.51 4.01
CA LEU D 36 30.34 -21.57 3.92
C LEU D 36 30.01 -20.93 5.27
N ALA D 37 30.40 -21.58 6.38
CA ALA D 37 30.18 -20.96 7.69
C ALA D 37 30.97 -19.67 7.84
N LYS D 38 32.09 -19.54 7.15
CA LYS D 38 32.88 -18.31 7.21
C LYS D 38 32.08 -17.14 6.64
N GLU D 39 31.31 -17.37 5.60
CA GLU D 39 30.38 -16.38 5.08
C GLU D 39 29.02 -16.43 5.78
N GLY D 40 28.93 -17.16 6.89
CA GLY D 40 27.68 -17.23 7.62
C GLY D 40 26.55 -17.92 6.89
N LYS D 41 26.87 -18.91 6.04
CA LYS D 41 25.87 -19.64 5.29
C LYS D 41 25.68 -21.07 5.80
N SER D 42 26.30 -21.41 6.93
CA SER D 42 26.19 -22.74 7.51
C SER D 42 26.81 -22.70 8.89
N ALA D 43 26.67 -23.81 9.62
CA ALA D 43 27.34 -23.98 10.89
C ALA D 43 28.67 -24.69 10.68
N ALA D 44 29.68 -24.29 11.44
CA ALA D 44 31.01 -24.88 11.28
C ALA D 44 31.04 -26.34 11.73
N THR D 45 30.46 -27.24 10.93
CA THR D 45 30.37 -28.64 11.31
C THR D 45 31.73 -29.32 11.18
N ARG D 46 32.13 -30.05 12.23
CA ARG D 46 33.38 -30.78 12.20
C ARG D 46 33.17 -32.21 11.71
N TYR D 47 34.28 -32.83 11.29
CA TYR D 47 34.21 -34.16 10.69
C TYR D 47 33.69 -35.19 11.69
N ASP D 48 34.16 -35.13 12.94
CA ASP D 48 33.77 -36.13 13.94
C ASP D 48 32.31 -36.00 14.35
N GLN D 49 31.68 -34.85 14.12
CA GLN D 49 30.26 -34.72 14.42
C GLN D 49 29.40 -35.55 13.48
N ILE D 50 29.93 -35.95 12.33
CA ILE D 50 29.22 -36.77 11.36
C ILE D 50 29.78 -38.19 11.33
N ASP D 51 31.11 -38.33 11.30
CA ASP D 51 31.72 -39.65 11.22
C ASP D 51 31.49 -40.44 12.50
N LYS D 52 31.51 -39.77 13.65
CA LYS D 52 31.27 -40.41 14.95
C LYS D 52 29.83 -40.21 15.41
N ALA D 53 28.88 -40.33 14.49
CA ALA D 53 27.47 -40.15 14.87
C ALA D 53 26.94 -41.42 15.55
N PRO D 54 26.09 -41.28 16.56
CA PRO D 54 25.59 -42.47 17.25
C PRO D 54 24.87 -43.42 16.30
N GLU D 55 25.11 -44.71 16.50
CA GLU D 55 24.43 -45.72 15.70
C GLU D 55 22.94 -45.73 16.01
N GLU D 56 22.14 -46.00 14.98
CA GLU D 56 20.69 -45.89 15.08
C GLU D 56 20.12 -47.11 15.79
N LYS D 57 19.44 -46.88 16.92
CA LYS D 57 18.66 -47.91 17.60
C LYS D 57 17.30 -47.94 16.94
N ALA D 58 17.18 -48.78 15.90
CA ALA D 58 16.00 -48.83 15.06
C ALA D 58 15.31 -50.19 15.17
N ARG D 59 14.02 -50.18 15.44
CA ARG D 59 13.16 -51.34 15.27
C ARG D 59 12.69 -51.40 13.83
N GLY D 60 12.88 -52.56 13.20
CA GLY D 60 12.61 -52.68 11.78
C GLY D 60 13.83 -52.31 10.96
N ILE D 61 13.61 -51.79 9.75
CA ILE D 61 14.72 -51.42 8.88
C ILE D 61 15.54 -50.31 9.54
N THR D 62 16.86 -50.41 9.42
CA THR D 62 17.78 -49.49 10.08
C THR D 62 18.62 -48.78 9.02
N ILE D 63 18.55 -47.44 9.02
CA ILE D 63 19.31 -46.62 8.10
C ILE D 63 20.00 -45.53 8.91
N ASN D 64 21.33 -45.52 8.89
CA ASN D 64 22.11 -44.48 9.53
C ASN D 64 22.26 -43.30 8.58
N SER D 65 21.93 -42.11 9.05
CA SER D 65 21.93 -40.94 8.17
C SER D 65 22.27 -39.70 8.99
N ALA D 66 23.20 -38.90 8.47
CA ALA D 66 23.50 -37.59 9.01
C ALA D 66 22.91 -36.51 8.11
N HIS D 67 22.65 -35.34 8.69
CA HIS D 67 21.97 -34.27 7.98
C HIS D 67 22.56 -32.93 8.36
N VAL D 68 22.88 -32.12 7.36
CA VAL D 68 23.33 -30.75 7.56
C VAL D 68 22.50 -29.84 6.66
N GLU D 69 22.68 -28.53 6.86
CA GLU D 69 22.04 -27.53 6.03
C GLU D 69 23.04 -26.43 5.72
N TYR D 70 23.01 -25.93 4.49
CA TYR D 70 23.87 -24.83 4.10
C TYR D 70 23.23 -24.11 2.93
N SER D 71 23.63 -22.85 2.75
CA SER D 71 23.10 -22.01 1.69
C SER D 71 24.23 -21.59 0.77
N SER D 72 23.95 -21.59 -0.53
CA SER D 72 24.85 -20.99 -1.50
C SER D 72 24.51 -19.50 -1.63
N ASP D 73 24.95 -18.86 -2.70
CA ASP D 73 24.54 -17.50 -2.96
C ASP D 73 23.16 -17.42 -3.61
N LYS D 74 22.53 -18.56 -3.87
CA LYS D 74 21.29 -18.62 -4.65
C LYS D 74 20.20 -19.47 -4.02
N ARG D 75 20.54 -20.62 -3.41
CA ARG D 75 19.55 -21.53 -2.91
C ARG D 75 19.97 -22.08 -1.55
N HIS D 76 18.99 -22.62 -0.81
CA HIS D 76 19.25 -23.33 0.43
C HIS D 76 19.20 -24.83 0.18
N TYR D 77 20.04 -25.57 0.88
CA TYR D 77 20.25 -26.99 0.60
C TYR D 77 20.13 -27.82 1.87
N ALA D 78 19.45 -28.95 1.76
CA ALA D 78 19.48 -29.99 2.78
C ALA D 78 20.34 -31.14 2.26
N HIS D 79 21.27 -31.59 3.09
CA HIS D 79 22.34 -32.48 2.65
C HIS D 79 22.40 -33.70 3.57
N VAL D 80 22.32 -34.88 2.98
CA VAL D 80 22.35 -36.15 3.70
C VAL D 80 23.69 -36.83 3.43
N ASP D 81 24.28 -37.42 4.48
CA ASP D 81 25.51 -38.19 4.37
C ASP D 81 25.37 -39.45 5.21
N CYS D 82 25.76 -40.59 4.65
CA CYS D 82 25.57 -41.87 5.31
C CYS D 82 26.90 -42.57 5.55
N PRO D 83 27.03 -43.30 6.66
CA PRO D 83 28.30 -43.97 6.97
C PRO D 83 28.66 -45.11 6.03
N GLY D 84 27.73 -46.05 5.81
CA GLY D 84 28.02 -47.27 5.11
C GLY D 84 27.31 -47.41 3.78
N HIS D 85 27.80 -48.37 2.99
CA HIS D 85 27.19 -48.68 1.69
C HIS D 85 25.74 -49.13 1.86
N ALA D 86 25.46 -49.92 2.89
CA ALA D 86 24.09 -50.42 3.10
C ALA D 86 23.11 -49.30 3.40
N ASP D 87 23.56 -48.26 4.10
CA ASP D 87 22.67 -47.13 4.39
C ASP D 87 22.24 -46.44 3.11
N TYR D 88 23.14 -46.33 2.13
CA TYR D 88 22.78 -45.70 0.85
C TYR D 88 21.82 -46.58 0.07
N ILE D 89 22.02 -47.91 0.10
CA ILE D 89 21.11 -48.81 -0.59
C ILE D 89 19.70 -48.69 -0.01
N LYS D 90 19.60 -48.75 1.33
CA LYS D 90 18.29 -48.69 1.97
C LYS D 90 17.66 -47.30 1.84
N ASN D 91 18.47 -46.25 1.92
CA ASN D 91 17.94 -44.89 1.84
C ASN D 91 17.30 -44.63 0.48
N MET D 92 17.95 -45.07 -0.60
CA MET D 92 17.44 -44.79 -1.93
C MET D 92 16.25 -45.68 -2.29
N ILE D 93 16.33 -46.98 -1.95
CA ILE D 93 15.28 -47.91 -2.34
C ILE D 93 13.97 -47.56 -1.63
N THR D 94 14.03 -47.28 -0.32
CA THR D 94 12.82 -46.92 0.41
C THR D 94 12.33 -45.53 0.02
N GLY D 95 13.25 -44.63 -0.32
CA GLY D 95 12.90 -43.25 -0.60
C GLY D 95 13.07 -42.31 0.58
N ALA D 96 13.60 -42.79 1.70
CA ALA D 96 13.86 -41.92 2.85
C ALA D 96 14.86 -40.83 2.52
N ALA D 97 15.65 -41.00 1.46
CA ALA D 97 16.59 -39.96 1.05
C ALA D 97 15.89 -38.88 0.25
N GLN D 98 15.36 -39.23 -0.93
CA GLN D 98 14.80 -38.27 -1.88
C GLN D 98 15.80 -37.16 -2.16
N MET D 99 16.71 -37.39 -3.09
CA MET D 99 17.70 -36.39 -3.49
C MET D 99 17.24 -35.72 -4.77
N ASP D 100 17.07 -34.40 -4.73
CA ASP D 100 16.87 -33.65 -5.96
C ASP D 100 18.14 -33.65 -6.81
N GLY D 101 19.29 -33.75 -6.16
CA GLY D 101 20.55 -33.95 -6.84
C GLY D 101 21.49 -34.69 -5.91
N ALA D 102 22.49 -35.33 -6.49
CA ALA D 102 23.49 -36.06 -5.74
C ALA D 102 24.87 -35.46 -5.98
N ILE D 103 25.74 -35.61 -5.00
CA ILE D 103 27.13 -35.19 -5.11
C ILE D 103 27.97 -36.46 -5.10
N LEU D 104 28.35 -36.93 -6.29
CA LEU D 104 29.13 -38.16 -6.40
C LEU D 104 30.60 -37.86 -6.07
N VAL D 105 31.10 -38.48 -5.02
CA VAL D 105 32.48 -38.33 -4.60
C VAL D 105 33.28 -39.53 -5.09
N VAL D 106 34.28 -39.28 -5.91
CA VAL D 106 35.17 -40.31 -6.42
C VAL D 106 36.60 -39.90 -6.07
N SER D 107 37.32 -40.77 -5.37
CA SER D 107 38.70 -40.51 -5.01
C SER D 107 39.61 -40.73 -6.21
N ALA D 108 40.41 -39.72 -6.55
CA ALA D 108 41.29 -39.82 -7.70
C ALA D 108 42.38 -40.86 -7.49
N THR D 109 42.71 -41.19 -6.24
CA THR D 109 43.73 -42.20 -5.97
C THR D 109 43.22 -43.62 -6.23
N ASP D 110 41.91 -43.83 -6.14
CA ASP D 110 41.33 -45.16 -6.32
C ASP D 110 40.52 -45.32 -7.59
N SER D 111 40.12 -44.22 -8.24
CA SER D 111 39.25 -44.24 -9.41
C SER D 111 37.89 -44.83 -9.06
N VAL D 112 37.07 -45.09 -10.09
CA VAL D 112 35.72 -45.58 -9.85
C VAL D 112 35.79 -46.99 -9.26
N MET D 113 35.14 -47.19 -8.14
CA MET D 113 35.16 -48.40 -7.36
C MET D 113 33.79 -49.08 -7.38
N PRO D 114 33.69 -50.32 -6.91
CA PRO D 114 32.40 -51.03 -6.96
C PRO D 114 31.20 -50.25 -6.42
N GLN D 115 31.32 -49.66 -5.23
CA GLN D 115 30.19 -48.91 -4.68
C GLN D 115 29.93 -47.63 -5.44
N THR D 116 30.93 -47.08 -6.14
CA THR D 116 30.68 -45.93 -7.02
C THR D 116 29.70 -46.29 -8.12
N ARG D 117 29.92 -47.44 -8.77
CA ARG D 117 29.04 -47.86 -9.85
C ARG D 117 27.67 -48.28 -9.33
N GLU D 118 27.60 -48.85 -8.14
CA GLU D 118 26.32 -49.27 -7.59
C GLU D 118 25.45 -48.07 -7.24
N HIS D 119 26.05 -47.01 -6.70
CA HIS D 119 25.28 -45.83 -6.36
C HIS D 119 24.73 -45.11 -7.59
N ILE D 120 25.48 -45.14 -8.69
CA ILE D 120 25.00 -44.50 -9.92
C ILE D 120 23.85 -45.28 -10.51
N LEU D 121 23.92 -46.62 -10.49
CA LEU D 121 22.80 -47.44 -10.94
C LEU D 121 21.59 -47.24 -10.04
N LEU D 122 21.81 -47.21 -8.73
CA LEU D 122 20.72 -46.98 -7.79
C LEU D 122 20.08 -45.62 -8.03
N ALA D 123 20.90 -44.58 -8.25
CA ALA D 123 20.37 -43.24 -8.47
C ALA D 123 19.50 -43.19 -9.73
N ARG D 124 19.93 -43.88 -10.80
CA ARG D 124 19.12 -43.91 -12.01
C ARG D 124 17.87 -44.76 -11.82
N GLN D 125 17.96 -45.83 -11.03
CA GLN D 125 16.79 -46.68 -10.79
C GLN D 125 15.72 -45.94 -10.00
N VAL D 126 16.12 -45.15 -9.00
CA VAL D 126 15.17 -44.38 -8.21
C VAL D 126 14.95 -42.99 -8.78
N GLY D 127 15.64 -42.63 -9.86
CA GLY D 127 15.32 -41.40 -10.56
C GLY D 127 15.91 -40.14 -9.97
N VAL D 128 17.12 -40.21 -9.44
CA VAL D 128 17.83 -38.99 -9.05
C VAL D 128 18.07 -38.18 -10.33
N PRO D 129 17.58 -36.94 -10.41
CA PRO D 129 17.61 -36.22 -11.70
C PRO D 129 18.99 -36.03 -12.28
N ARG D 130 19.91 -35.45 -11.51
CA ARG D 130 21.24 -35.14 -12.02
C ARG D 130 22.26 -35.34 -10.91
N MET D 131 23.54 -35.25 -11.30
CA MET D 131 24.65 -35.47 -10.40
C MET D 131 25.72 -34.43 -10.63
N VAL D 132 26.45 -34.09 -9.58
CA VAL D 132 27.64 -33.26 -9.64
C VAL D 132 28.78 -34.05 -9.01
N VAL D 133 29.89 -34.18 -9.73
CA VAL D 133 30.99 -35.04 -9.34
C VAL D 133 32.07 -34.21 -8.65
N PHE D 134 32.53 -34.68 -7.51
CA PHE D 134 33.67 -34.10 -6.80
C PHE D 134 34.81 -35.13 -6.87
N LEU D 135 35.78 -34.89 -7.74
CA LEU D 135 36.98 -35.71 -7.80
C LEU D 135 37.88 -35.34 -6.63
N ASN D 136 37.92 -36.19 -5.61
CA ASN D 136 38.56 -35.88 -4.35
C ASN D 136 39.99 -36.41 -4.32
N LYS D 137 40.71 -36.00 -3.26
CA LYS D 137 42.08 -36.43 -3.00
C LYS D 137 43.02 -36.06 -4.14
N CYS D 138 42.78 -34.90 -4.76
CA CYS D 138 43.71 -34.40 -5.78
C CYS D 138 45.01 -33.90 -5.17
N ASP D 139 45.03 -33.69 -3.84
CA ASP D 139 46.28 -33.36 -3.16
C ASP D 139 47.22 -34.55 -3.09
N ILE D 140 46.70 -35.77 -3.25
CA ILE D 140 47.51 -36.98 -3.33
C ILE D 140 47.77 -37.37 -4.77
N ALA D 141 46.71 -37.47 -5.58
CA ALA D 141 46.84 -37.75 -7.01
C ALA D 141 47.08 -36.42 -7.73
N THR D 142 48.34 -36.01 -7.74
CA THR D 142 48.70 -34.71 -8.28
C THR D 142 48.90 -34.71 -9.79
N ASP D 143 49.15 -35.87 -10.39
CA ASP D 143 49.31 -35.96 -11.84
C ASP D 143 47.97 -35.70 -12.51
N GLU D 144 47.91 -34.65 -13.34
CA GLU D 144 46.65 -34.29 -13.99
C GLU D 144 46.24 -35.30 -15.05
N GLU D 145 47.16 -36.14 -15.52
CA GLU D 145 46.77 -37.23 -16.41
C GLU D 145 46.10 -38.36 -15.65
N VAL D 146 46.51 -38.61 -14.41
CA VAL D 146 45.80 -39.55 -13.55
C VAL D 146 44.41 -39.00 -13.21
N GLN D 147 44.32 -37.71 -12.90
CA GLN D 147 43.04 -37.09 -12.61
C GLN D 147 42.09 -37.19 -13.81
N GLU D 148 42.60 -36.91 -15.01
CA GLU D 148 41.75 -36.92 -16.19
C GLU D 148 41.33 -38.33 -16.58
N LEU D 149 42.17 -39.32 -16.30
CA LEU D 149 41.78 -40.70 -16.55
C LEU D 149 40.58 -41.09 -15.71
N VAL D 150 40.52 -40.62 -14.46
CA VAL D 150 39.38 -40.91 -13.60
C VAL D 150 38.14 -40.16 -14.09
N ALA D 151 38.30 -38.87 -14.41
CA ALA D 151 37.17 -38.06 -14.84
C ALA D 151 36.54 -38.62 -16.12
N GLU D 152 37.38 -39.03 -17.08
CA GLU D 152 36.86 -39.63 -18.30
C GLU D 152 36.10 -40.91 -18.00
N GLU D 153 36.64 -41.74 -17.09
CA GLU D 153 35.94 -42.96 -16.68
C GLU D 153 34.61 -42.64 -16.04
N VAL D 154 34.57 -41.60 -15.19
CA VAL D 154 33.32 -41.20 -14.55
C VAL D 154 32.30 -40.78 -15.59
N ARG D 155 32.73 -40.01 -16.60
CA ARG D 155 31.81 -39.57 -17.64
C ARG D 155 31.25 -40.74 -18.43
N ASP D 156 32.09 -41.74 -18.72
CA ASP D 156 31.61 -42.93 -19.44
C ASP D 156 30.60 -43.70 -18.60
N LEU D 157 30.85 -43.81 -17.29
CA LEU D 157 29.93 -44.53 -16.42
C LEU D 157 28.58 -43.84 -16.36
N LEU D 158 28.57 -42.52 -16.15
CA LEU D 158 27.31 -41.79 -16.09
C LEU D 158 26.55 -41.88 -17.40
N THR D 159 27.25 -41.73 -18.52
CA THR D 159 26.59 -41.82 -19.83
C THR D 159 26.05 -43.22 -20.08
N SER D 160 26.79 -44.25 -19.64
CA SER D 160 26.34 -45.62 -19.83
C SER D 160 25.08 -45.93 -19.03
N TYR D 161 24.80 -45.16 -17.98
CA TYR D 161 23.62 -45.37 -17.16
C TYR D 161 22.53 -44.33 -17.40
N GLY D 162 22.62 -43.56 -18.49
CA GLY D 162 21.55 -42.66 -18.87
C GLY D 162 21.72 -41.22 -18.41
N PHE D 163 22.76 -40.90 -17.66
CA PHE D 163 23.01 -39.51 -17.30
C PHE D 163 23.79 -38.82 -18.41
N ASP D 164 23.86 -37.49 -18.32
CA ASP D 164 24.62 -36.68 -19.27
C ASP D 164 26.05 -36.59 -18.75
N GLY D 165 26.84 -37.62 -19.06
CA GLY D 165 28.23 -37.63 -18.61
C GLY D 165 29.08 -36.58 -19.27
N LYS D 166 28.72 -36.16 -20.49
CA LYS D 166 29.50 -35.14 -21.18
C LYS D 166 29.43 -33.80 -20.48
N ASN D 167 28.24 -33.42 -19.99
CA ASN D 167 28.02 -32.10 -19.42
C ASN D 167 27.96 -32.11 -17.89
N THR D 168 28.09 -33.26 -17.26
CA THR D 168 28.04 -33.32 -15.81
C THR D 168 29.24 -32.59 -15.21
N PRO D 169 29.03 -31.65 -14.30
CA PRO D 169 30.17 -30.90 -13.73
C PRO D 169 31.03 -31.79 -12.85
N ILE D 170 32.34 -31.74 -13.11
CA ILE D 170 33.34 -32.44 -12.31
C ILE D 170 34.30 -31.42 -11.73
N ILE D 171 34.48 -31.44 -10.42
CA ILE D 171 35.34 -30.49 -9.72
C ILE D 171 36.52 -31.27 -9.15
N TYR D 172 37.73 -30.87 -9.52
CA TYR D 172 38.96 -31.51 -9.05
C TYR D 172 39.38 -30.78 -7.78
N GLY D 173 39.10 -31.39 -6.62
CA GLY D 173 39.35 -30.73 -5.35
C GLY D 173 39.91 -31.68 -4.31
N SER D 174 40.18 -31.12 -3.14
CA SER D 174 40.65 -31.86 -1.97
C SER D 174 39.74 -31.49 -0.80
N ALA D 175 38.84 -32.40 -0.44
CA ALA D 175 37.90 -32.13 0.65
C ALA D 175 38.63 -31.91 1.97
N LEU D 176 39.73 -32.63 2.20
CA LEU D 176 40.44 -32.50 3.47
C LEU D 176 41.14 -31.15 3.59
N LYS D 177 41.84 -30.73 2.53
CA LYS D 177 42.57 -29.47 2.59
C LYS D 177 41.62 -28.28 2.62
N ALA D 178 40.41 -28.43 2.06
CA ALA D 178 39.40 -27.38 2.22
C ALA D 178 38.87 -27.36 3.64
N LEU D 179 38.70 -28.54 4.26
CA LEU D 179 38.30 -28.59 5.65
C LEU D 179 39.36 -28.01 6.56
N GLU D 180 40.63 -28.11 6.18
CA GLU D 180 41.72 -27.54 6.98
C GLU D 180 41.88 -26.04 6.74
N GLY D 181 41.36 -25.51 5.63
CA GLY D 181 41.37 -24.09 5.39
C GLY D 181 42.35 -23.59 4.36
N ASP D 182 42.99 -24.47 3.59
CA ASP D 182 43.85 -24.04 2.49
C ASP D 182 42.99 -23.30 1.47
N PRO D 183 43.16 -21.99 1.33
CA PRO D 183 42.24 -21.22 0.46
C PRO D 183 42.33 -21.61 -1.00
N LYS D 184 43.43 -22.21 -1.46
CA LYS D 184 43.49 -22.68 -2.83
C LYS D 184 42.61 -23.91 -3.04
N TRP D 185 42.35 -24.67 -1.96
CA TRP D 185 41.43 -25.79 -2.01
C TRP D 185 40.02 -25.41 -1.55
N GLU D 186 39.89 -24.36 -0.74
CA GLU D 186 38.57 -23.84 -0.41
C GLU D 186 37.85 -23.31 -1.64
N ALA D 187 38.62 -22.85 -2.64
CA ALA D 187 38.01 -22.32 -3.86
C ALA D 187 37.23 -23.39 -4.61
N LYS D 188 37.66 -24.65 -4.53
CA LYS D 188 36.93 -25.72 -5.20
C LYS D 188 35.57 -25.95 -4.56
N ILE D 189 35.44 -25.70 -3.26
CA ILE D 189 34.14 -25.78 -2.60
C ILE D 189 33.18 -24.78 -3.24
N HIS D 190 33.64 -23.54 -3.43
CA HIS D 190 32.80 -22.53 -4.06
C HIS D 190 32.50 -22.87 -5.50
N ASP D 191 33.40 -23.58 -6.18
CA ASP D 191 33.13 -24.01 -7.55
C ASP D 191 32.11 -25.14 -7.56
N LEU D 192 32.17 -26.05 -6.59
CA LEU D 192 31.14 -27.07 -6.46
C LEU D 192 29.78 -26.45 -6.22
N MET D 193 29.71 -25.48 -5.30
CA MET D 193 28.45 -24.79 -5.04
C MET D 193 27.90 -24.15 -6.31
N ASN D 194 28.77 -23.56 -7.13
CA ASN D 194 28.35 -23.02 -8.41
C ASN D 194 27.76 -24.12 -9.28
N ALA D 195 28.45 -25.26 -9.37
CA ALA D 195 27.98 -26.36 -10.20
C ALA D 195 26.64 -26.90 -9.69
N VAL D 196 26.49 -27.01 -8.38
CA VAL D 196 25.22 -27.48 -7.82
C VAL D 196 24.11 -26.48 -8.11
N ASP D 197 24.43 -25.18 -8.04
CA ASP D 197 23.43 -24.15 -8.31
C ASP D 197 22.89 -24.27 -9.74
N GLU D 198 23.79 -24.48 -10.70
CA GLU D 198 23.41 -24.44 -12.11
C GLU D 198 22.92 -25.77 -12.63
N TRP D 199 23.50 -26.88 -12.18
CA TRP D 199 23.23 -28.20 -12.75
C TRP D 199 22.05 -28.89 -12.08
N ILE D 200 22.04 -28.94 -10.75
CA ILE D 200 20.95 -29.60 -10.02
C ILE D 200 19.68 -28.78 -10.19
N PRO D 201 18.64 -29.32 -10.81
CA PRO D 201 17.43 -28.52 -11.05
C PRO D 201 16.66 -28.30 -9.76
N THR D 202 16.06 -27.12 -9.66
CA THR D 202 15.16 -26.83 -8.54
C THR D 202 13.99 -27.80 -8.58
N PRO D 203 13.62 -28.43 -7.46
CA PRO D 203 12.57 -29.46 -7.50
C PRO D 203 11.23 -28.90 -7.97
N GLU D 204 10.55 -29.70 -8.77
CA GLU D 204 9.19 -29.37 -9.19
C GLU D 204 8.26 -29.33 -7.99
N ARG D 205 7.49 -28.24 -7.88
CA ARG D 205 6.52 -28.13 -6.80
C ARG D 205 5.55 -29.29 -6.84
N GLU D 206 5.33 -29.91 -5.67
CA GLU D 206 4.46 -31.08 -5.61
C GLU D 206 3.06 -30.78 -6.14
N VAL D 207 2.63 -29.53 -6.03
CA VAL D 207 1.31 -29.14 -6.55
C VAL D 207 1.25 -29.28 -8.07
N ASP D 208 2.39 -29.22 -8.75
CA ASP D 208 2.44 -29.27 -10.20
C ASP D 208 2.67 -30.67 -10.75
N LYS D 209 2.88 -31.66 -9.90
CA LYS D 209 2.99 -33.04 -10.34
C LYS D 209 1.62 -33.60 -10.68
N PRO D 210 1.54 -34.66 -11.50
CA PRO D 210 0.23 -35.24 -11.82
C PRO D 210 -0.45 -35.78 -10.57
N PHE D 211 -1.73 -35.42 -10.42
CA PHE D 211 -2.47 -35.77 -9.21
C PHE D 211 -2.53 -37.28 -9.02
N LEU D 212 -2.43 -37.71 -7.76
CA LEU D 212 -2.46 -39.13 -7.43
C LEU D 212 -2.95 -39.30 -6.02
N LEU D 213 -4.03 -40.05 -5.84
CA LEU D 213 -4.61 -40.33 -4.53
C LEU D 213 -4.72 -41.83 -4.34
N ALA D 214 -4.24 -42.32 -3.21
CA ALA D 214 -4.34 -43.73 -2.88
C ALA D 214 -5.66 -43.99 -2.17
N ILE D 215 -6.53 -44.80 -2.78
CA ILE D 215 -7.86 -45.05 -2.24
C ILE D 215 -7.74 -45.94 -1.01
N GLU D 216 -8.27 -45.47 0.11
CA GLU D 216 -8.25 -46.20 1.38
C GLU D 216 -9.61 -46.78 1.74
N ASP D 217 -10.68 -46.00 1.58
CA ASP D 217 -12.03 -46.44 1.91
C ASP D 217 -12.97 -46.10 0.77
N THR D 218 -14.05 -46.86 0.66
CA THR D 218 -15.13 -46.57 -0.27
C THR D 218 -16.44 -46.46 0.50
N MET D 219 -17.38 -45.72 -0.06
CA MET D 219 -18.60 -45.39 0.64
C MET D 219 -19.64 -44.89 -0.35
N THR D 220 -20.90 -45.21 -0.10
CA THR D 220 -22.02 -44.68 -0.85
C THR D 220 -22.77 -43.69 0.04
N ILE D 221 -22.78 -42.42 -0.38
CA ILE D 221 -23.63 -41.41 0.24
C ILE D 221 -24.94 -41.43 -0.52
N THR D 222 -25.94 -42.10 0.04
CA THR D 222 -27.24 -42.24 -0.60
C THR D 222 -27.81 -40.87 -0.93
N GLY D 223 -28.12 -40.64 -2.21
CA GLY D 223 -28.61 -39.37 -2.69
C GLY D 223 -27.55 -38.49 -3.30
N ARG D 224 -26.27 -38.82 -3.15
CA ARG D 224 -25.18 -38.05 -3.72
C ARG D 224 -24.28 -38.85 -4.65
N GLY D 225 -23.90 -40.06 -4.28
CA GLY D 225 -23.12 -40.89 -5.16
C GLY D 225 -22.05 -41.65 -4.39
N THR D 226 -21.01 -42.06 -5.12
CA THR D 226 -19.93 -42.87 -4.56
C THR D 226 -18.79 -41.98 -4.11
N VAL D 227 -18.31 -42.21 -2.90
CA VAL D 227 -17.22 -41.44 -2.31
C VAL D 227 -16.06 -42.38 -2.00
N VAL D 228 -14.87 -42.01 -2.44
CA VAL D 228 -13.63 -42.70 -2.08
C VAL D 228 -12.81 -41.75 -1.20
N THR D 229 -12.17 -42.31 -0.18
CA THR D 229 -11.41 -41.53 0.78
C THR D 229 -9.96 -42.03 0.80
N GLY D 230 -9.02 -41.10 0.75
CA GLY D 230 -7.62 -41.45 0.80
C GLY D 230 -6.77 -40.21 0.88
N ARG D 231 -5.46 -40.42 1.00
CA ARG D 231 -4.49 -39.34 1.08
C ARG D 231 -3.93 -39.04 -0.30
N VAL D 232 -3.87 -37.76 -0.66
CA VAL D 232 -3.25 -37.34 -1.90
C VAL D 232 -1.73 -37.50 -1.76
N GLU D 233 -1.12 -38.26 -2.66
CA GLU D 233 0.33 -38.41 -2.62
C GLU D 233 1.02 -37.22 -3.25
N ARG D 234 0.54 -36.77 -4.40
CA ARG D 234 1.15 -35.65 -5.10
C ARG D 234 0.08 -34.92 -5.91
N GLY D 235 0.42 -33.71 -6.34
CA GLY D 235 -0.45 -32.97 -7.23
C GLY D 235 -1.59 -32.26 -6.50
N GLU D 236 -2.57 -31.86 -7.29
CA GLU D 236 -3.71 -31.10 -6.80
C GLU D 236 -4.97 -31.56 -7.53
N LEU D 237 -6.02 -31.83 -6.77
CA LEU D 237 -7.32 -32.19 -7.32
C LEU D 237 -8.28 -31.03 -7.12
N LYS D 238 -9.02 -30.69 -8.17
CA LYS D 238 -10.02 -29.63 -8.13
C LYS D 238 -11.37 -30.19 -8.53
N VAL D 239 -12.42 -29.70 -7.87
CA VAL D 239 -13.77 -30.14 -8.20
C VAL D 239 -14.07 -29.80 -9.65
N GLY D 240 -14.67 -30.77 -10.35
CA GLY D 240 -14.95 -30.61 -11.77
C GLY D 240 -13.91 -31.20 -12.69
N GLN D 241 -12.76 -31.60 -12.16
CA GLN D 241 -11.71 -32.20 -12.97
C GLN D 241 -11.99 -33.68 -13.21
N GLU D 242 -11.55 -34.17 -14.36
CA GLU D 242 -11.62 -35.59 -14.68
C GLU D 242 -10.43 -36.32 -14.09
N ILE D 243 -10.67 -37.54 -13.61
CA ILE D 243 -9.62 -38.38 -13.07
C ILE D 243 -9.78 -39.78 -13.65
N GLU D 244 -8.77 -40.62 -13.40
CA GLU D 244 -8.78 -42.01 -13.83
C GLU D 244 -8.62 -42.91 -12.61
N ILE D 245 -9.48 -43.92 -12.53
CA ILE D 245 -9.39 -44.93 -11.47
C ILE D 245 -8.55 -46.08 -12.02
N VAL D 246 -7.35 -46.24 -11.48
CA VAL D 246 -6.35 -47.16 -12.01
C VAL D 246 -6.08 -48.26 -11.00
N GLY D 247 -6.06 -49.50 -11.47
CA GLY D 247 -5.69 -50.63 -10.64
C GLY D 247 -6.88 -51.52 -10.30
N LEU D 248 -6.60 -52.82 -10.18
CA LEU D 248 -7.52 -53.81 -9.65
C LEU D 248 -8.75 -54.05 -10.53
N ARG D 249 -9.17 -53.05 -11.28
CA ARG D 249 -10.27 -53.13 -12.21
C ARG D 249 -9.86 -52.48 -13.53
N PRO D 250 -10.57 -52.75 -14.61
CA PRO D 250 -10.28 -52.05 -15.87
C PRO D 250 -10.30 -50.54 -15.69
N ILE D 251 -9.34 -49.86 -16.31
CA ILE D 251 -9.20 -48.42 -16.12
C ILE D 251 -10.40 -47.71 -16.72
N ARG D 252 -10.86 -46.66 -16.02
CA ARG D 252 -11.99 -45.88 -16.48
C ARG D 252 -11.82 -44.46 -15.96
N LYS D 253 -12.64 -43.55 -16.47
CA LYS D 253 -12.61 -42.16 -16.08
C LYS D 253 -13.85 -41.80 -15.27
N ALA D 254 -13.76 -40.69 -14.56
CA ALA D 254 -14.85 -40.17 -13.74
C ALA D 254 -14.59 -38.71 -13.46
N VAL D 255 -15.67 -37.98 -13.21
CA VAL D 255 -15.59 -36.55 -12.92
C VAL D 255 -15.74 -36.36 -11.41
N VAL D 256 -14.83 -35.60 -10.82
CA VAL D 256 -14.90 -35.28 -9.40
C VAL D 256 -15.97 -34.21 -9.20
N THR D 257 -16.98 -34.53 -8.40
CA THR D 257 -18.08 -33.61 -8.12
C THR D 257 -18.07 -33.11 -6.69
N GLY D 258 -17.09 -33.50 -5.88
CA GLY D 258 -17.04 -33.06 -4.49
C GLY D 258 -15.78 -33.50 -3.77
N ILE D 259 -15.29 -32.65 -2.87
CA ILE D 259 -14.13 -32.95 -2.05
C ILE D 259 -14.44 -32.52 -0.62
N GLU D 260 -14.25 -33.43 0.33
CA GLU D 260 -14.61 -33.20 1.72
C GLU D 260 -13.41 -33.46 2.62
N MET D 261 -13.07 -32.48 3.45
CA MET D 261 -12.08 -32.63 4.51
C MET D 261 -12.58 -31.94 5.76
N PHE D 262 -12.44 -32.60 6.91
CA PHE D 262 -12.88 -32.09 8.20
C PHE D 262 -14.33 -31.60 8.14
N LYS D 263 -15.16 -32.38 7.46
CA LYS D 263 -16.61 -32.14 7.39
C LYS D 263 -16.95 -30.83 6.69
N LYS D 264 -16.10 -30.40 5.77
CA LYS D 264 -16.36 -29.21 4.96
C LYS D 264 -16.26 -29.57 3.49
N GLU D 265 -17.27 -29.17 2.71
CA GLU D 265 -17.21 -29.33 1.26
C GLU D 265 -16.24 -28.30 0.69
N LEU D 266 -15.15 -28.78 0.11
CA LEU D 266 -14.09 -27.91 -0.38
C LEU D 266 -13.97 -28.01 -1.89
N ASP D 267 -13.17 -27.12 -2.47
CA ASP D 267 -12.97 -27.06 -3.90
C ASP D 267 -11.65 -27.69 -4.36
N SER D 268 -10.71 -27.92 -3.44
CA SER D 268 -9.41 -28.42 -3.83
C SER D 268 -8.83 -29.28 -2.72
N ALA D 269 -8.03 -30.27 -3.12
CA ALA D 269 -7.21 -31.06 -2.21
C ALA D 269 -5.86 -31.27 -2.88
N MET D 270 -4.81 -31.32 -2.06
CA MET D 270 -3.44 -31.39 -2.58
C MET D 270 -2.63 -32.36 -1.71
N ALA D 271 -1.34 -32.46 -2.03
CA ALA D 271 -0.46 -33.45 -1.41
C ALA D 271 -0.49 -33.31 0.12
N GLY D 272 -0.64 -34.45 0.79
CA GLY D 272 -0.74 -34.52 2.22
C GLY D 272 -2.18 -34.58 2.73
N ASP D 273 -3.12 -34.00 1.99
CA ASP D 273 -4.51 -33.98 2.42
C ASP D 273 -5.12 -35.37 2.41
N ASN D 274 -5.99 -35.62 3.39
CA ASN D 274 -6.81 -36.83 3.45
C ASN D 274 -8.22 -36.41 3.09
N ALA D 275 -8.64 -36.70 1.87
CA ALA D 275 -9.86 -36.15 1.30
C ALA D 275 -10.83 -37.25 0.90
N GLY D 276 -12.12 -36.99 1.13
CA GLY D 276 -13.17 -37.82 0.56
C GLY D 276 -13.62 -37.21 -0.74
N VAL D 277 -13.65 -38.03 -1.79
CA VAL D 277 -13.85 -37.56 -3.15
C VAL D 277 -15.12 -38.20 -3.72
N LEU D 278 -16.07 -37.36 -4.11
CA LEU D 278 -17.29 -37.82 -4.77
C LEU D 278 -17.02 -37.94 -6.27
N LEU D 279 -17.42 -39.06 -6.85
CA LEU D 279 -17.14 -39.37 -8.25
C LEU D 279 -18.46 -39.60 -8.98
N ARG D 280 -18.69 -38.83 -10.04
CA ARG D 280 -19.89 -39.00 -10.85
C ARG D 280 -19.73 -40.17 -11.81
N GLY D 281 -20.73 -41.04 -11.85
CA GLY D 281 -20.77 -42.12 -12.81
C GLY D 281 -20.11 -43.42 -12.40
N VAL D 282 -19.77 -43.57 -11.11
CA VAL D 282 -19.08 -44.76 -10.62
C VAL D 282 -19.94 -45.45 -9.58
N ASP D 283 -20.12 -46.76 -9.75
CA ASP D 283 -20.79 -47.57 -8.74
C ASP D 283 -19.79 -47.99 -7.68
N ARG D 284 -20.31 -48.29 -6.48
CA ARG D 284 -19.43 -48.69 -5.38
C ARG D 284 -18.70 -49.98 -5.69
N LYS D 285 -19.30 -50.85 -6.51
CA LYS D 285 -18.63 -52.10 -6.90
C LYS D 285 -17.48 -51.87 -7.86
N GLU D 286 -17.34 -50.67 -8.43
CA GLU D 286 -16.25 -50.35 -9.34
C GLU D 286 -15.02 -49.80 -8.63
N VAL D 287 -15.09 -49.55 -7.33
CA VAL D 287 -13.99 -48.96 -6.58
C VAL D 287 -13.70 -49.82 -5.35
N GLU D 288 -12.42 -49.99 -5.04
CA GLU D 288 -12.01 -50.75 -3.88
C GLU D 288 -10.68 -50.21 -3.37
N ARG D 289 -10.31 -50.66 -2.17
CA ARG D 289 -9.03 -50.27 -1.58
C ARG D 289 -7.87 -50.82 -2.42
N GLY D 290 -6.89 -49.96 -2.69
CA GLY D 290 -5.73 -50.30 -3.48
C GLY D 290 -5.66 -49.59 -4.81
N GLN D 291 -6.81 -49.20 -5.35
CA GLN D 291 -6.82 -48.40 -6.57
C GLN D 291 -6.32 -46.99 -6.26
N VAL D 292 -6.14 -46.22 -7.32
CA VAL D 292 -5.70 -44.83 -7.21
C VAL D 292 -6.58 -43.96 -8.10
N LEU D 293 -6.75 -42.71 -7.69
CA LEU D 293 -7.29 -41.67 -8.56
C LEU D 293 -6.11 -40.86 -9.10
N ALA D 294 -6.12 -40.59 -10.39
CA ALA D 294 -4.96 -39.96 -11.01
C ALA D 294 -5.40 -39.07 -12.17
N LYS D 295 -4.53 -38.11 -12.49
CA LYS D 295 -4.65 -37.37 -13.73
C LYS D 295 -4.75 -38.34 -14.89
N PRO D 296 -5.71 -38.18 -15.80
CA PRO D 296 -5.88 -39.14 -16.89
C PRO D 296 -4.62 -39.26 -17.74
N GLY D 297 -4.21 -40.51 -18.00
CA GLY D 297 -3.02 -40.78 -18.77
C GLY D 297 -1.72 -40.63 -18.02
N SER D 298 -1.75 -40.35 -16.72
CA SER D 298 -0.53 -40.14 -15.95
C SER D 298 0.05 -41.42 -15.37
N ILE D 299 -0.76 -42.46 -15.19
CA ILE D 299 -0.28 -43.74 -14.66
C ILE D 299 -1.24 -44.82 -15.14
N LYS D 300 -0.67 -45.96 -15.52
CA LYS D 300 -1.40 -47.07 -16.09
C LYS D 300 -1.31 -48.30 -15.20
N PRO D 301 -2.23 -49.25 -15.33
CA PRO D 301 -2.15 -50.48 -14.54
C PRO D 301 -1.20 -51.49 -15.18
N HIS D 302 -0.61 -52.32 -14.33
CA HIS D 302 0.32 -53.33 -14.79
C HIS D 302 0.30 -54.52 -13.83
N LYS D 303 0.40 -55.72 -14.40
CA LYS D 303 0.60 -56.94 -13.62
C LYS D 303 2.07 -57.33 -13.53
N LYS D 304 2.88 -56.95 -14.51
CA LYS D 304 4.29 -57.29 -14.60
C LYS D 304 5.12 -56.03 -14.43
N PHE D 305 6.16 -56.10 -13.59
CA PHE D 305 7.08 -54.98 -13.47
C PHE D 305 8.45 -55.51 -13.03
N LYS D 306 9.46 -54.68 -13.27
CA LYS D 306 10.79 -54.88 -12.73
C LYS D 306 11.01 -53.92 -11.57
N ALA D 307 11.80 -54.36 -10.59
CA ALA D 307 11.97 -53.53 -9.40
C ALA D 307 13.29 -53.85 -8.72
N GLU D 308 13.88 -52.82 -8.12
CA GLU D 308 14.99 -53.00 -7.19
C GLU D 308 14.43 -53.18 -5.79
N ILE D 309 14.94 -54.17 -5.07
CA ILE D 309 14.43 -54.50 -3.75
C ILE D 309 15.58 -54.65 -2.77
N TYR D 310 15.29 -54.38 -1.50
CA TYR D 310 16.21 -54.67 -0.40
C TYR D 310 15.51 -55.65 0.53
N ALA D 311 16.15 -56.79 0.78
CA ALA D 311 15.62 -57.80 1.67
C ALA D 311 16.04 -57.47 3.10
N LEU D 312 15.07 -57.32 3.99
CA LEU D 312 15.37 -56.93 5.37
C LEU D 312 16.16 -58.02 6.06
N LYS D 313 17.08 -57.60 6.93
CA LYS D 313 17.85 -58.55 7.71
C LYS D 313 16.99 -59.17 8.80
N LYS D 314 17.47 -60.28 9.35
CA LYS D 314 16.79 -60.95 10.46
C LYS D 314 16.60 -59.99 11.64
N GLU D 315 17.65 -59.25 11.98
CA GLU D 315 17.59 -58.31 13.10
C GLU D 315 16.69 -57.12 12.80
N GLU D 316 16.37 -56.87 11.54
CA GLU D 316 15.44 -55.81 11.14
C GLU D 316 14.01 -56.30 11.07
N GLY D 317 13.73 -57.52 11.55
CA GLY D 317 12.40 -58.09 11.48
C GLY D 317 12.08 -58.84 10.20
N GLY D 318 13.07 -59.09 9.36
CA GLY D 318 12.85 -59.76 8.09
C GLY D 318 12.97 -61.26 8.18
N ARG D 319 13.07 -61.89 7.01
CA ARG D 319 13.21 -63.33 6.92
C ARG D 319 14.50 -63.78 7.60
N HIS D 320 14.49 -65.04 8.05
CA HIS D 320 15.68 -65.64 8.64
C HIS D 320 16.55 -66.33 7.62
N THR D 321 15.96 -66.80 6.52
CA THR D 321 16.69 -67.48 5.46
C THR D 321 16.38 -66.83 4.12
N GLY D 322 17.26 -67.06 3.16
CA GLY D 322 17.03 -66.55 1.82
C GLY D 322 15.84 -67.22 1.15
N PHE D 323 15.32 -66.55 0.12
CA PHE D 323 14.22 -67.10 -0.66
C PHE D 323 14.69 -67.37 -2.08
N LEU D 324 13.91 -68.19 -2.78
CA LEU D 324 14.28 -68.75 -4.08
C LEU D 324 13.48 -68.12 -5.20
N ASN D 325 13.69 -68.66 -6.41
CA ASN D 325 13.21 -68.07 -7.66
C ASN D 325 11.72 -68.26 -7.91
N GLY D 326 10.99 -68.84 -6.97
CA GLY D 326 9.56 -69.01 -7.14
C GLY D 326 8.78 -68.33 -6.04
N TYR D 327 9.48 -67.52 -5.25
CA TYR D 327 8.93 -66.89 -4.06
C TYR D 327 7.65 -66.12 -4.37
N ARG D 328 6.62 -66.34 -3.57
CA ARG D 328 5.27 -65.80 -3.81
C ARG D 328 4.80 -65.03 -2.59
N PRO D 329 5.36 -63.84 -2.33
CA PRO D 329 4.94 -63.07 -1.17
C PRO D 329 3.80 -62.11 -1.48
N GLN D 330 3.53 -61.17 -0.58
CA GLN D 330 2.56 -60.12 -0.79
C GLN D 330 3.29 -58.81 -1.10
N PHE D 331 2.77 -58.07 -2.07
CA PHE D 331 3.37 -56.81 -2.50
C PHE D 331 2.45 -55.67 -2.09
N TYR D 332 2.84 -54.94 -1.05
CA TYR D 332 2.01 -53.89 -0.47
C TYR D 332 2.23 -52.59 -1.23
N PHE D 333 1.21 -52.16 -1.97
CA PHE D 333 1.26 -50.92 -2.75
C PHE D 333 0.33 -49.90 -2.10
N ARG D 334 0.93 -48.91 -1.44
CA ARG D 334 0.21 -47.76 -0.87
C ARG D 334 -0.78 -48.16 0.21
N THR D 335 -1.81 -48.93 -0.15
CA THR D 335 -2.90 -49.21 0.79
C THR D 335 -3.31 -50.68 0.83
N THR D 336 -2.78 -51.54 -0.03
CA THR D 336 -3.19 -52.94 -0.03
C THR D 336 -2.07 -53.78 -0.64
N ASP D 337 -2.10 -55.07 -0.33
CA ASP D 337 -1.13 -56.00 -0.88
C ASP D 337 -1.74 -56.83 -2.00
N VAL D 338 -0.92 -57.13 -3.01
CA VAL D 338 -1.29 -58.01 -4.11
C VAL D 338 -0.28 -59.13 -4.15
N THR D 339 -0.76 -60.37 -4.08
CA THR D 339 0.12 -61.53 -4.15
C THR D 339 0.79 -61.59 -5.52
N GLY D 340 2.09 -61.87 -5.53
CA GLY D 340 2.83 -61.97 -6.77
C GLY D 340 3.97 -62.95 -6.65
N SER D 341 4.45 -63.40 -7.81
CA SER D 341 5.57 -64.32 -7.89
C SER D 341 6.81 -63.57 -8.37
N ILE D 342 7.97 -63.97 -7.86
CA ILE D 342 9.23 -63.29 -8.11
C ILE D 342 10.09 -64.12 -9.04
N SER D 343 10.69 -63.47 -10.02
CA SER D 343 11.68 -64.08 -10.91
C SER D 343 13.01 -63.36 -10.71
N LEU D 344 14.06 -64.12 -10.46
CA LEU D 344 15.36 -63.56 -10.13
C LEU D 344 16.22 -63.40 -11.38
N PRO D 345 17.18 -62.48 -11.35
CA PRO D 345 18.05 -62.27 -12.52
C PRO D 345 18.97 -63.47 -12.74
N GLU D 346 19.72 -63.40 -13.83
CA GLU D 346 20.55 -64.51 -14.25
C GLU D 346 21.65 -64.79 -13.22
N ASN D 347 21.86 -66.07 -12.93
CA ASN D 347 22.90 -66.58 -12.03
C ASN D 347 22.60 -66.25 -10.56
N THR D 348 21.55 -65.46 -10.31
CA THR D 348 21.09 -65.21 -8.95
C THR D 348 19.99 -66.21 -8.62
N GLU D 349 20.27 -67.13 -7.70
CA GLU D 349 19.32 -68.19 -7.37
C GLU D 349 18.74 -68.06 -5.97
N MET D 350 19.33 -67.23 -5.11
CA MET D 350 18.79 -67.01 -3.78
C MET D 350 19.04 -65.55 -3.38
N VAL D 351 18.03 -64.95 -2.74
CA VAL D 351 18.14 -63.60 -2.19
C VAL D 351 18.17 -63.72 -0.68
N LEU D 352 19.28 -63.32 -0.08
CA LEU D 352 19.49 -63.46 1.36
C LEU D 352 19.00 -62.22 2.09
N PRO D 353 18.68 -62.36 3.38
CA PRO D 353 18.42 -61.16 4.19
C PRO D 353 19.62 -60.23 4.17
N GLY D 354 19.35 -58.93 3.96
CA GLY D 354 20.39 -57.95 3.77
C GLY D 354 20.80 -57.72 2.33
N ASP D 355 20.38 -58.60 1.42
CA ASP D 355 20.71 -58.43 0.01
C ASP D 355 19.88 -57.32 -0.62
N ASN D 356 20.38 -56.82 -1.75
CA ASN D 356 19.60 -55.97 -2.65
C ASN D 356 19.81 -56.47 -4.07
N THR D 357 18.74 -56.52 -4.85
CA THR D 357 18.81 -57.08 -6.19
C THR D 357 17.64 -56.59 -7.02
N SER D 358 17.82 -56.62 -8.33
CA SER D 358 16.72 -56.43 -9.25
C SER D 358 15.90 -57.71 -9.35
N ILE D 359 14.58 -57.55 -9.50
CA ILE D 359 13.67 -58.68 -9.63
C ILE D 359 12.61 -58.36 -10.67
N THR D 360 11.96 -59.41 -11.17
CA THR D 360 10.82 -59.29 -12.06
C THR D 360 9.62 -59.91 -11.36
N VAL D 361 8.50 -59.18 -11.33
CA VAL D 361 7.33 -59.57 -10.55
C VAL D 361 6.16 -59.78 -11.50
N GLU D 362 5.36 -60.80 -11.22
CA GLU D 362 4.07 -61.04 -11.87
C GLU D 362 3.01 -61.09 -10.78
N LEU D 363 2.18 -60.07 -10.71
CA LEU D 363 1.11 -60.00 -9.72
C LEU D 363 -0.14 -60.72 -10.23
N ILE D 364 -0.98 -61.15 -9.30
CA ILE D 364 -2.21 -61.81 -9.69
C ILE D 364 -3.27 -60.83 -10.20
N ALA D 365 -3.09 -59.53 -9.94
CA ALA D 365 -4.04 -58.53 -10.37
C ALA D 365 -3.28 -57.25 -10.70
N PRO D 366 -3.69 -56.50 -11.72
CA PRO D 366 -2.97 -55.28 -12.08
C PRO D 366 -3.08 -54.21 -11.01
N ILE D 367 -1.96 -53.56 -10.73
CA ILE D 367 -1.91 -52.44 -9.80
C ILE D 367 -1.34 -51.24 -10.52
N ALA D 368 -1.76 -50.05 -10.09
CA ALA D 368 -1.20 -48.83 -10.63
C ALA D 368 0.23 -48.68 -10.17
N CYS D 369 1.16 -48.60 -11.12
CA CYS D 369 2.57 -48.46 -10.77
C CYS D 369 3.31 -47.79 -11.92
N GLU D 370 4.39 -47.11 -11.58
CA GLU D 370 5.27 -46.44 -12.53
C GLU D 370 6.70 -46.60 -12.04
N LYS D 371 7.65 -46.08 -12.81
CA LYS D 371 9.02 -46.02 -12.33
C LYS D 371 9.08 -45.13 -11.09
N GLY D 372 9.54 -45.70 -9.98
CA GLY D 372 9.61 -45.00 -8.71
C GLY D 372 8.54 -45.38 -7.72
N SER D 373 7.54 -46.15 -8.13
CA SER D 373 6.49 -46.58 -7.21
C SER D 373 7.08 -47.47 -6.12
N LYS D 374 6.82 -47.11 -4.87
CA LYS D 374 7.35 -47.84 -3.72
C LYS D 374 6.37 -48.90 -3.26
N PHE D 375 6.92 -50.01 -2.79
CA PHE D 375 6.10 -51.09 -2.25
C PHE D 375 6.89 -51.81 -1.17
N SER D 376 6.17 -52.61 -0.38
CA SER D 376 6.75 -53.45 0.64
C SER D 376 6.50 -54.91 0.31
N ILE D 377 7.52 -55.74 0.52
CA ILE D 377 7.37 -57.19 0.39
C ILE D 377 7.00 -57.74 1.76
N ARG D 378 5.83 -58.38 1.84
CA ARG D 378 5.30 -58.84 3.11
C ARG D 378 4.99 -60.33 3.04
N GLU D 379 5.22 -61.01 4.15
CA GLU D 379 5.02 -62.46 4.26
C GLU D 379 4.34 -62.73 5.60
N GLY D 380 3.10 -63.17 5.55
CA GLY D 380 2.33 -63.34 6.78
C GLY D 380 2.13 -62.05 7.54
N GLY D 381 1.84 -60.96 6.82
CA GLY D 381 1.65 -59.66 7.43
C GLY D 381 2.92 -58.93 7.82
N ARG D 382 4.04 -59.64 7.97
CA ARG D 382 5.29 -59.04 8.39
C ARG D 382 6.06 -58.55 7.17
N THR D 383 6.59 -57.33 7.27
CA THR D 383 7.38 -56.74 6.19
C THR D 383 8.76 -57.37 6.18
N VAL D 384 9.15 -57.94 5.04
CA VAL D 384 10.46 -58.57 4.89
C VAL D 384 11.27 -57.94 3.78
N GLY D 385 10.76 -56.93 3.09
CA GLY D 385 11.51 -56.31 2.01
C GLY D 385 10.93 -54.96 1.64
N ALA D 386 11.82 -54.06 1.21
CA ALA D 386 11.46 -52.79 0.62
C ALA D 386 11.76 -52.84 -0.87
N GLY D 387 10.92 -52.19 -1.67
CA GLY D 387 11.06 -52.28 -3.11
C GLY D 387 10.69 -50.97 -3.79
N SER D 388 11.24 -50.79 -4.98
CA SER D 388 10.99 -49.62 -5.81
C SER D 388 10.90 -50.05 -7.26
N VAL D 389 9.77 -49.78 -7.90
CA VAL D 389 9.56 -50.22 -9.28
C VAL D 389 10.50 -49.47 -10.21
N THR D 390 11.18 -50.19 -11.09
CA THR D 390 12.13 -49.60 -12.02
C THR D 390 11.66 -49.61 -13.46
N GLU D 391 10.79 -50.54 -13.84
CA GLU D 391 10.33 -50.62 -15.23
C GLU D 391 8.99 -51.35 -15.24
N VAL D 392 8.01 -50.76 -15.91
CA VAL D 392 6.68 -51.36 -16.05
C VAL D 392 6.61 -52.09 -17.39
N LEU D 393 5.92 -53.22 -17.41
CA LEU D 393 5.77 -54.02 -18.62
C LEU D 393 4.31 -54.23 -18.97
PB GDP E . 0.14 28.70 20.30
O1B GDP E . 0.31 27.27 20.65
O2B GDP E . 1.16 29.19 19.34
O3B GDP E . -1.28 29.08 20.01
O3A GDP E . 0.56 29.46 21.63
PA GDP E . -0.43 30.12 22.67
O1A GDP E . -1.18 29.03 23.34
O2A GDP E . -1.11 31.29 22.07
O5' GDP E . 0.63 30.65 23.71
C5' GDP E . 1.39 29.69 24.41
C4' GDP E . 1.90 30.20 25.75
O4' GDP E . 2.78 31.29 25.56
C3' GDP E . 0.75 30.66 26.62
O3' GDP E . 1.02 30.24 27.96
C2' GDP E . 0.82 32.17 26.52
O2' GDP E . 0.35 32.84 27.67
C1' GDP E . 2.28 32.42 26.26
N9 GDP E . 2.40 33.61 25.42
C8 GDP E . 1.84 33.84 24.23
N7 GDP E . 2.18 35.07 23.78
C5 GDP E . 3.00 35.62 24.69
C6 GDP E . 3.74 36.87 24.86
O6 GDP E . 3.70 37.76 24.02
N1 GDP E . 4.46 37.02 25.97
C2 GDP E . 4.54 36.08 26.91
N2 GDP E . 5.27 36.31 28.00
N3 GDP E . 3.89 34.91 26.83
C4 GDP E . 3.13 34.64 25.76
MG MG F . -2.89 27.88 19.67
PB GDP G . 9.24 3.60 26.52
O1B GDP G . 8.97 5.08 26.51
O2B GDP G . 9.52 3.13 25.12
O3B GDP G . 10.43 3.30 27.41
O3A GDP G . 7.95 2.81 27.07
PA GDP G . 7.68 2.60 28.65
O1A GDP G . 7.93 3.86 29.45
O2A GDP G . 8.50 1.45 29.18
O5' GDP G . 6.11 2.21 28.66
C5' GDP G . 5.13 3.24 28.66
C4' GDP G . 3.86 2.69 29.30
O4' GDP G . 3.50 1.47 28.68
C3' GDP G . 4.12 2.40 30.77
O3' GDP G . 3.09 2.98 31.58
C2' GDP G . 4.07 0.89 30.89
O2' GDP G . 3.44 0.48 32.10
C1' GDP G . 3.25 0.46 29.67
N9 GDP G . 3.68 -0.87 29.21
C8 GDP G . 4.90 -1.21 28.75
N7 GDP G . 4.92 -2.54 28.40
C5 GDP G . 3.69 -3.04 28.65
C6 GDP G . 3.03 -4.36 28.50
O6 GDP G . 3.65 -5.35 28.07
N1 GDP G . 1.74 -4.45 28.87
C2 GDP G . 1.05 -3.40 29.35
N2 GDP G . -0.25 -3.57 29.70
N3 GDP G . 1.59 -2.17 29.50
C4 GDP G . 2.89 -1.94 29.17
MG MG H . 11.79 4.94 28.42
PB GDP I . -39.94 3.81 -31.93
O1B GDP I . -39.01 2.67 -31.62
O2B GDP I . -41.02 3.88 -30.88
O3B GDP I . -39.15 5.10 -31.96
O3A GDP I . -40.63 3.56 -33.37
PA GDP I . -40.05 4.22 -34.72
O1A GDP I . -38.56 3.96 -34.88
O2A GDP I . -40.33 5.70 -34.75
O5' GDP I . -40.91 3.46 -35.85
C5' GDP I . -40.61 2.11 -36.21
C4' GDP I . -41.25 1.82 -37.55
O4' GDP I . -42.62 2.19 -37.53
C3' GDP I . -40.58 2.64 -38.65
O3' GDP I . -40.31 1.80 -39.78
C2' GDP I . -41.61 3.68 -39.03
O2' GDP I . -41.55 3.99 -40.42
C1' GDP I . -42.92 3.02 -38.66
N9 GDP I . -43.96 4.01 -38.32
C8 GDP I . -43.92 4.91 -37.32
N7 GDP I . -45.04 5.67 -37.30
C5 GDP I . -45.84 5.26 -38.31
C6 GDP I . -47.17 5.62 -38.85
O6 GDP I . -47.84 6.54 -38.34
N1 GDP I . -47.62 4.93 -39.90
C2 GDP I . -46.92 3.94 -40.48
N2 GDP I . -47.46 3.29 -41.54
N3 GDP I . -45.69 3.55 -40.03
C4 GDP I . -45.12 4.16 -38.97
MG MG J . -36.96 5.28 -31.56
PB GDP K . 33.66 -41.44 3.39
O1B GDP K . 33.62 -42.80 4.05
O2B GDP K . 33.20 -41.58 1.96
O3B GDP K . 32.77 -40.47 4.14
O3A GDP K . 35.18 -40.89 3.39
PA GDP K . 35.79 -40.05 4.62
O1A GDP K . 35.47 -40.67 5.96
O2A GDP K . 35.30 -38.61 4.57
O5' GDP K . 37.36 -40.10 4.30
C5' GDP K . 38.14 -41.25 4.66
C4' GDP K . 39.60 -40.83 4.83
O4' GDP K . 40.02 -40.12 3.67
C3' GDP K . 39.74 -39.90 6.02
O3' GDP K . 40.80 -40.33 6.86
C2' GDP K . 40.09 -38.55 5.42
O2' GDP K . 41.04 -37.86 6.24
C1' GDP K . 40.67 -38.91 4.06
N9 GDP K . 40.39 -37.85 3.07
C8 GDP K . 39.18 -37.37 2.71
N7 GDP K . 39.30 -36.40 1.76
C5 GDP K . 40.61 -36.25 1.49
C6 GDP K . 41.43 -35.41 0.59
O6 GDP K . 40.90 -34.57 -0.18
N1 GDP K . 42.76 -35.58 0.62
C2 GDP K . 43.36 -36.47 1.43
N2 GDP K . 44.71 -36.58 1.39
N3 GDP K . 42.67 -37.27 2.28
C4 GDP K . 41.32 -37.21 2.35
MG MG L . 31.57 -41.04 5.68
#